data_1G1C
# 
_entry.id   1G1C 
# 
_audit_conform.dict_name       mmcif_pdbx.dic 
_audit_conform.dict_version    5.397 
_audit_conform.dict_location   http://mmcif.pdb.org/dictionaries/ascii/mmcif_pdbx.dic 
# 
loop_
_database_2.database_id 
_database_2.database_code 
_database_2.pdbx_database_accession 
_database_2.pdbx_DOI 
PDB   1G1C         pdb_00001g1c 10.2210/pdb1g1c/pdb 
RCSB  RCSB012110   ?            ?                   
WWPDB D_1000012110 ?            ?                   
# 
loop_
_pdbx_audit_revision_history.ordinal 
_pdbx_audit_revision_history.data_content_type 
_pdbx_audit_revision_history.major_revision 
_pdbx_audit_revision_history.minor_revision 
_pdbx_audit_revision_history.revision_date 
1 'Structure model' 1 0 2001-10-12 
2 'Structure model' 1 1 2008-04-27 
3 'Structure model' 1 2 2011-07-13 
4 'Structure model' 1 3 2019-12-11 
5 'Structure model' 1 4 2024-10-30 
# 
_pdbx_audit_revision_details.ordinal             1 
_pdbx_audit_revision_details.revision_ordinal    1 
_pdbx_audit_revision_details.data_content_type   'Structure model' 
_pdbx_audit_revision_details.provider            repository 
_pdbx_audit_revision_details.type                'Initial release' 
_pdbx_audit_revision_details.description         ? 
_pdbx_audit_revision_details.details             ? 
# 
loop_
_pdbx_audit_revision_group.ordinal 
_pdbx_audit_revision_group.revision_ordinal 
_pdbx_audit_revision_group.data_content_type 
_pdbx_audit_revision_group.group 
1 2 'Structure model' 'Version format compliance' 
2 3 'Structure model' 'Version format compliance' 
3 4 'Structure model' Advisory                    
4 4 'Structure model' 'Data collection'           
5 4 'Structure model' 'Database references'       
6 4 'Structure model' 'Derived calculations'      
7 5 'Structure model' 'Data collection'           
8 5 'Structure model' 'Database references'       
9 5 'Structure model' 'Structure summary'         
# 
loop_
_pdbx_audit_revision_category.ordinal 
_pdbx_audit_revision_category.revision_ordinal 
_pdbx_audit_revision_category.data_content_type 
_pdbx_audit_revision_category.category 
1  4 'Structure model' citation                   
2  4 'Structure model' diffrn_source              
3  4 'Structure model' pdbx_distant_solvent_atoms 
4  4 'Structure model' pdbx_struct_assembly       
5  4 'Structure model' pdbx_struct_assembly_gen   
6  4 'Structure model' struct_ref_seq_dif         
7  5 'Structure model' chem_comp_atom             
8  5 'Structure model' chem_comp_bond             
9  5 'Structure model' database_2                 
10 5 'Structure model' pdbx_entry_details         
11 5 'Structure model' pdbx_modification_feature  
# 
loop_
_pdbx_audit_revision_item.ordinal 
_pdbx_audit_revision_item.revision_ordinal 
_pdbx_audit_revision_item.data_content_type 
_pdbx_audit_revision_item.item 
1 4 'Structure model' '_citation.pdbx_database_id_DOI'       
2 4 'Structure model' '_diffrn_source.pdbx_synchrotron_site' 
3 4 'Structure model' '_struct_ref_seq_dif.details'          
4 5 'Structure model' '_database_2.pdbx_DOI'                 
5 5 'Structure model' '_database_2.pdbx_database_accession'  
# 
_pdbx_database_status.status_code                     REL 
_pdbx_database_status.entry_id                        1G1C 
_pdbx_database_status.recvd_initial_deposition_date   2000-10-11 
_pdbx_database_status.deposit_site                    RCSB 
_pdbx_database_status.process_site                    RCSB 
_pdbx_database_status.status_code_sf                  REL 
_pdbx_database_status.SG_entry                        . 
_pdbx_database_status.pdb_format_compatible           Y 
_pdbx_database_status.status_code_mr                  ? 
_pdbx_database_status.status_code_cs                  ? 
_pdbx_database_status.methods_development_category    ? 
_pdbx_database_status.status_code_nmr_data            ? 
# 
loop_
_audit_author.name 
_audit_author.pdbx_ordinal 
'Mayans, O.'   1 
'Wuerges, J.'  2 
'Gautel, M.'   3 
'Wilmanns, M.' 4 
# 
_citation.id                        primary 
_citation.title                     
'Structural evidence for a possible role of reversible disulphide bridge formation in the elasticity of the muscle protein titin.' 
_citation.journal_abbrev            Structure 
_citation.journal_volume            9 
_citation.page_first                331 
_citation.page_last                 340 
_citation.year                      2001 
_citation.journal_id_ASTM           STRUE6 
_citation.country                   UK 
_citation.journal_id_ISSN           0969-2126 
_citation.journal_id_CSD            2005 
_citation.book_publisher            ? 
_citation.pdbx_database_id_PubMed   11525170 
_citation.pdbx_database_id_DOI      '10.1016/s0969-2126(01)00591-3' 
# 
loop_
_citation_author.citation_id 
_citation_author.name 
_citation_author.ordinal 
_citation_author.identifier_ORCID 
primary 'Mayans, O.'   1 ? 
primary 'Wuerges, J.'  2 ? 
primary 'Canela, S.'   3 ? 
primary 'Gautel, M.'   4 ? 
primary 'Wilmanns, M.' 5 ? 
# 
loop_
_entity.id 
_entity.type 
_entity.src_method 
_entity.pdbx_description 
_entity.formula_weight 
_entity.pdbx_number_of_molecules 
_entity.pdbx_ec 
_entity.pdbx_mutation 
_entity.pdbx_fragment 
_entity.details 
1 polymer man 'IMMUNOGLOBULIN-LIKE DOMAIN I1 FROM TITIN' 11239.681 2   ? ? 'MOST N-TERMINAL IG DOMAIN, RESIDUES 2027-2125' ? 
2 water   nat water                                      18.015    198 ? ? ?                                               ? 
# 
_entity_poly.entity_id                      1 
_entity_poly.type                           'polypeptide(L)' 
_entity_poly.nstd_linkage                   no 
_entity_poly.nstd_monomer                   no 
_entity_poly.pdbx_seq_one_letter_code       
;PSMEAPKIFERIQSQTVGQGSDAHFRVRVVGKPDPECEWYKNGVKIERSDRIYWYWPEDNVCELVIRDVTGEDSASIMVK
AINIAGETSSHAFLLVQAK
;
_entity_poly.pdbx_seq_one_letter_code_can   
;PSMEAPKIFERIQSQTVGQGSDAHFRVRVVGKPDPECEWYKNGVKIERSDRIYWYWPEDNVCELVIRDVTGEDSASIMVK
AINIAGETSSHAFLLVQAK
;
_entity_poly.pdbx_strand_id                 A,B 
_entity_poly.pdbx_target_identifier         ? 
# 
_pdbx_entity_nonpoly.entity_id   2 
_pdbx_entity_nonpoly.name        water 
_pdbx_entity_nonpoly.comp_id     HOH 
# 
loop_
_entity_poly_seq.entity_id 
_entity_poly_seq.num 
_entity_poly_seq.mon_id 
_entity_poly_seq.hetero 
1 1  PRO n 
1 2  SER n 
1 3  MET n 
1 4  GLU n 
1 5  ALA n 
1 6  PRO n 
1 7  LYS n 
1 8  ILE n 
1 9  PHE n 
1 10 GLU n 
1 11 ARG n 
1 12 ILE n 
1 13 GLN n 
1 14 SER n 
1 15 GLN n 
1 16 THR n 
1 17 VAL n 
1 18 GLY n 
1 19 GLN n 
1 20 GLY n 
1 21 SER n 
1 22 ASP n 
1 23 ALA n 
1 24 HIS n 
1 25 PHE n 
1 26 ARG n 
1 27 VAL n 
1 28 ARG n 
1 29 VAL n 
1 30 VAL n 
1 31 GLY n 
1 32 LYS n 
1 33 PRO n 
1 34 ASP n 
1 35 PRO n 
1 36 GLU n 
1 37 CYS n 
1 38 GLU n 
1 39 TRP n 
1 40 TYR n 
1 41 LYS n 
1 42 ASN n 
1 43 GLY n 
1 44 VAL n 
1 45 LYS n 
1 46 ILE n 
1 47 GLU n 
1 48 ARG n 
1 49 SER n 
1 50 ASP n 
1 51 ARG n 
1 52 ILE n 
1 53 TYR n 
1 54 TRP n 
1 55 TYR n 
1 56 TRP n 
1 57 PRO n 
1 58 GLU n 
1 59 ASP n 
1 60 ASN n 
1 61 VAL n 
1 62 CYS n 
1 63 GLU n 
1 64 LEU n 
1 65 VAL n 
1 66 ILE n 
1 67 ARG n 
1 68 ASP n 
1 69 VAL n 
1 70 THR n 
1 71 GLY n 
1 72 GLU n 
1 73 ASP n 
1 74 SER n 
1 75 ALA n 
1 76 SER n 
1 77 ILE n 
1 78 MET n 
1 79 VAL n 
1 80 LYS n 
1 81 ALA n 
1 82 ILE n 
1 83 ASN n 
1 84 ILE n 
1 85 ALA n 
1 86 GLY n 
1 87 GLU n 
1 88 THR n 
1 89 SER n 
1 90 SER n 
1 91 HIS n 
1 92 ALA n 
1 93 PHE n 
1 94 LEU n 
1 95 LEU n 
1 96 VAL n 
1 97 GLN n 
1 98 ALA n 
1 99 LYS n 
# 
_entity_src_gen.entity_id                          1 
_entity_src_gen.pdbx_src_id                        1 
_entity_src_gen.pdbx_alt_source_flag               sample 
_entity_src_gen.pdbx_seq_type                      ? 
_entity_src_gen.pdbx_beg_seq_num                   ? 
_entity_src_gen.pdbx_end_seq_num                   ? 
_entity_src_gen.gene_src_common_name               human 
_entity_src_gen.gene_src_genus                     Homo 
_entity_src_gen.pdbx_gene_src_gene                 ? 
_entity_src_gen.gene_src_species                   ? 
_entity_src_gen.gene_src_strain                    ? 
_entity_src_gen.gene_src_tissue                    ? 
_entity_src_gen.gene_src_tissue_fraction           ? 
_entity_src_gen.gene_src_details                   ? 
_entity_src_gen.pdbx_gene_src_fragment             ? 
_entity_src_gen.pdbx_gene_src_scientific_name      'Homo sapiens' 
_entity_src_gen.pdbx_gene_src_ncbi_taxonomy_id     9606 
_entity_src_gen.pdbx_gene_src_variant              ? 
_entity_src_gen.pdbx_gene_src_cell_line            ? 
_entity_src_gen.pdbx_gene_src_atcc                 ? 
_entity_src_gen.pdbx_gene_src_organ                HEART 
_entity_src_gen.pdbx_gene_src_organelle            ? 
_entity_src_gen.pdbx_gene_src_cell                 ? 
_entity_src_gen.pdbx_gene_src_cellular_location    ? 
_entity_src_gen.host_org_common_name               ? 
_entity_src_gen.pdbx_host_org_scientific_name      'Escherichia coli' 
_entity_src_gen.pdbx_host_org_ncbi_taxonomy_id     562 
_entity_src_gen.host_org_genus                     Escherichia 
_entity_src_gen.pdbx_host_org_gene                 ? 
_entity_src_gen.pdbx_host_org_organ                ? 
_entity_src_gen.host_org_species                   ? 
_entity_src_gen.pdbx_host_org_tissue               ? 
_entity_src_gen.pdbx_host_org_tissue_fraction      ? 
_entity_src_gen.pdbx_host_org_strain               ? 
_entity_src_gen.pdbx_host_org_variant              ? 
_entity_src_gen.pdbx_host_org_cell_line            ? 
_entity_src_gen.pdbx_host_org_atcc                 ? 
_entity_src_gen.pdbx_host_org_culture_collection   ? 
_entity_src_gen.pdbx_host_org_cell                 ? 
_entity_src_gen.pdbx_host_org_organelle            ? 
_entity_src_gen.pdbx_host_org_cellular_location    ? 
_entity_src_gen.pdbx_host_org_vector_type          PLASMID 
_entity_src_gen.pdbx_host_org_vector               ? 
_entity_src_gen.host_org_details                   ? 
_entity_src_gen.expression_system_id               ? 
_entity_src_gen.plasmid_name                       PET8C 
_entity_src_gen.plasmid_details                    ? 
_entity_src_gen.pdbx_description                   ? 
# 
loop_
_chem_comp.id 
_chem_comp.type 
_chem_comp.mon_nstd_flag 
_chem_comp.name 
_chem_comp.pdbx_synonyms 
_chem_comp.formula 
_chem_comp.formula_weight 
ALA 'L-peptide linking' y ALANINE         ? 'C3 H7 N O2'     89.093  
ARG 'L-peptide linking' y ARGININE        ? 'C6 H15 N4 O2 1' 175.209 
ASN 'L-peptide linking' y ASPARAGINE      ? 'C4 H8 N2 O3'    132.118 
ASP 'L-peptide linking' y 'ASPARTIC ACID' ? 'C4 H7 N O4'     133.103 
CYS 'L-peptide linking' y CYSTEINE        ? 'C3 H7 N O2 S'   121.158 
GLN 'L-peptide linking' y GLUTAMINE       ? 'C5 H10 N2 O3'   146.144 
GLU 'L-peptide linking' y 'GLUTAMIC ACID' ? 'C5 H9 N O4'     147.129 
GLY 'peptide linking'   y GLYCINE         ? 'C2 H5 N O2'     75.067  
HIS 'L-peptide linking' y HISTIDINE       ? 'C6 H10 N3 O2 1' 156.162 
HOH non-polymer         . WATER           ? 'H2 O'           18.015  
ILE 'L-peptide linking' y ISOLEUCINE      ? 'C6 H13 N O2'    131.173 
LEU 'L-peptide linking' y LEUCINE         ? 'C6 H13 N O2'    131.173 
LYS 'L-peptide linking' y LYSINE          ? 'C6 H15 N2 O2 1' 147.195 
MET 'L-peptide linking' y METHIONINE      ? 'C5 H11 N O2 S'  149.211 
PHE 'L-peptide linking' y PHENYLALANINE   ? 'C9 H11 N O2'    165.189 
PRO 'L-peptide linking' y PROLINE         ? 'C5 H9 N O2'     115.130 
SER 'L-peptide linking' y SERINE          ? 'C3 H7 N O3'     105.093 
THR 'L-peptide linking' y THREONINE       ? 'C4 H9 N O3'     119.119 
TRP 'L-peptide linking' y TRYPTOPHAN      ? 'C11 H12 N2 O2'  204.225 
TYR 'L-peptide linking' y TYROSINE        ? 'C9 H11 N O3'    181.189 
VAL 'L-peptide linking' y VALINE          ? 'C5 H11 N O2'    117.146 
# 
loop_
_pdbx_poly_seq_scheme.asym_id 
_pdbx_poly_seq_scheme.entity_id 
_pdbx_poly_seq_scheme.seq_id 
_pdbx_poly_seq_scheme.mon_id 
_pdbx_poly_seq_scheme.ndb_seq_num 
_pdbx_poly_seq_scheme.pdb_seq_num 
_pdbx_poly_seq_scheme.auth_seq_num 
_pdbx_poly_seq_scheme.pdb_mon_id 
_pdbx_poly_seq_scheme.auth_mon_id 
_pdbx_poly_seq_scheme.pdb_strand_id 
_pdbx_poly_seq_scheme.pdb_ins_code 
_pdbx_poly_seq_scheme.hetero 
A 1 1  PRO 1  1  ?  ?   ?   A . n 
A 1 2  SER 2  2  2  SER SER A . n 
A 1 3  MET 3  3  3  MET MET A . n 
A 1 4  GLU 4  4  4  GLU GLU A . n 
A 1 5  ALA 5  5  5  ALA ALA A . n 
A 1 6  PRO 6  6  6  PRO PRO A . n 
A 1 7  LYS 7  7  7  LYS LYS A . n 
A 1 8  ILE 8  8  8  ILE ILE A . n 
A 1 9  PHE 9  9  9  PHE PHE A . n 
A 1 10 GLU 10 10 10 GLU GLU A . n 
A 1 11 ARG 11 11 11 ARG ARG A . n 
A 1 12 ILE 12 12 12 ILE ILE A . n 
A 1 13 GLN 13 13 13 GLN GLN A . n 
A 1 14 SER 14 14 14 SER SER A . n 
A 1 15 GLN 15 15 15 GLN GLN A . n 
A 1 16 THR 16 16 16 THR THR A . n 
A 1 17 VAL 17 17 17 VAL VAL A . n 
A 1 18 GLY 18 18 18 GLY GLY A . n 
A 1 19 GLN 19 19 19 GLN GLN A . n 
A 1 20 GLY 20 20 20 GLY GLY A . n 
A 1 21 SER 21 21 21 SER SER A . n 
A 1 22 ASP 22 22 22 ASP ASP A . n 
A 1 23 ALA 23 23 23 ALA ALA A . n 
A 1 24 HIS 24 24 24 HIS HIS A . n 
A 1 25 PHE 25 25 25 PHE PHE A . n 
A 1 26 ARG 26 26 26 ARG ARG A . n 
A 1 27 VAL 27 27 27 VAL VAL A . n 
A 1 28 ARG 28 28 28 ARG ARG A . n 
A 1 29 VAL 29 29 29 VAL VAL A . n 
A 1 30 VAL 30 30 30 VAL VAL A . n 
A 1 31 GLY 31 31 31 GLY GLY A . n 
A 1 32 LYS 32 32 32 LYS LYS A . n 
A 1 33 PRO 33 33 33 PRO PRO A . n 
A 1 34 ASP 34 34 34 ASP ASP A . n 
A 1 35 PRO 35 35 35 PRO PRO A . n 
A 1 36 GLU 36 36 36 GLU GLU A . n 
A 1 37 CYS 37 37 37 CYS CYS A . n 
A 1 38 GLU 38 38 38 GLU GLU A . n 
A 1 39 TRP 39 39 39 TRP TRP A . n 
A 1 40 TYR 40 40 40 TYR TYR A . n 
A 1 41 LYS 41 41 41 LYS LYS A . n 
A 1 42 ASN 42 42 42 ASN ASN A . n 
A 1 43 GLY 43 43 43 GLY GLY A . n 
A 1 44 VAL 44 44 44 VAL VAL A . n 
A 1 45 LYS 45 45 45 LYS LYS A . n 
A 1 46 ILE 46 46 46 ILE ILE A . n 
A 1 47 GLU 47 47 47 GLU GLU A . n 
A 1 48 ARG 48 48 48 ARG ARG A . n 
A 1 49 SER 49 49 49 SER SER A . n 
A 1 50 ASP 50 50 50 ASP ASP A . n 
A 1 51 ARG 51 51 51 ARG ARG A . n 
A 1 52 ILE 52 52 52 ILE ILE A . n 
A 1 53 TYR 53 53 53 TYR TYR A . n 
A 1 54 TRP 54 54 54 TRP TRP A . n 
A 1 55 TYR 55 55 55 TYR TYR A . n 
A 1 56 TRP 56 56 56 TRP TRP A . n 
A 1 57 PRO 57 57 57 PRO PRO A . n 
A 1 58 GLU 58 58 58 GLU GLU A . n 
A 1 59 ASP 59 59 59 ASP ASP A . n 
A 1 60 ASN 60 60 60 ASN ASN A . n 
A 1 61 VAL 61 61 61 VAL VAL A . n 
A 1 62 CYS 62 62 62 CYS CYS A . n 
A 1 63 GLU 63 63 63 GLU GLU A . n 
A 1 64 LEU 64 64 64 LEU LEU A . n 
A 1 65 VAL 65 65 65 VAL VAL A . n 
A 1 66 ILE 66 66 66 ILE ILE A . n 
A 1 67 ARG 67 67 67 ARG ARG A . n 
A 1 68 ASP 68 68 68 ASP ASP A . n 
A 1 69 VAL 69 69 69 VAL VAL A . n 
A 1 70 THR 70 70 70 THR THR A . n 
A 1 71 GLY 71 71 71 GLY GLY A . n 
A 1 72 GLU 72 72 72 GLU GLU A . n 
A 1 73 ASP 73 73 73 ASP ASP A . n 
A 1 74 SER 74 74 74 SER SER A . n 
A 1 75 ALA 75 75 75 ALA ALA A . n 
A 1 76 SER 76 76 76 SER SER A . n 
A 1 77 ILE 77 77 77 ILE ILE A . n 
A 1 78 MET 78 78 78 MET MET A . n 
A 1 79 VAL 79 79 79 VAL VAL A . n 
A 1 80 LYS 80 80 80 LYS LYS A . n 
A 1 81 ALA 81 81 81 ALA ALA A . n 
A 1 82 ILE 82 82 82 ILE ILE A . n 
A 1 83 ASN 83 83 83 ASN ASN A . n 
A 1 84 ILE 84 84 84 ILE ILE A . n 
A 1 85 ALA 85 85 85 ALA ALA A . n 
A 1 86 GLY 86 86 86 GLY GLY A . n 
A 1 87 GLU 87 87 87 GLU GLU A . n 
A 1 88 THR 88 88 88 THR THR A . n 
A 1 89 SER 89 89 89 SER SER A . n 
A 1 90 SER 90 90 90 SER SER A . n 
A 1 91 HIS 91 91 91 HIS HIS A . n 
A 1 92 ALA 92 92 92 ALA ALA A . n 
A 1 93 PHE 93 93 93 PHE PHE A . n 
A 1 94 LEU 94 94 94 LEU LEU A . n 
A 1 95 LEU 95 95 95 LEU LEU A . n 
A 1 96 VAL 96 96 96 VAL VAL A . n 
A 1 97 GLN 97 97 97 GLN GLN A . n 
A 1 98 ALA 98 98 98 ALA ALA A . n 
A 1 99 LYS 99 99 99 LYS LYS A . n 
B 1 1  PRO 1  1  ?  ?   ?   B . n 
B 1 2  SER 2  2  2  SER SER B . n 
B 1 3  MET 3  3  3  MET MET B . n 
B 1 4  GLU 4  4  4  GLU GLU B . n 
B 1 5  ALA 5  5  5  ALA ALA B . n 
B 1 6  PRO 6  6  6  PRO PRO B . n 
B 1 7  LYS 7  7  7  LYS LYS B . n 
B 1 8  ILE 8  8  8  ILE ILE B . n 
B 1 9  PHE 9  9  9  PHE PHE B . n 
B 1 10 GLU 10 10 10 GLU GLU B . n 
B 1 11 ARG 11 11 11 ARG ARG B . n 
B 1 12 ILE 12 12 12 ILE ILE B . n 
B 1 13 GLN 13 13 13 GLN GLN B . n 
B 1 14 SER 14 14 14 SER SER B . n 
B 1 15 GLN 15 15 15 GLN GLN B . n 
B 1 16 THR 16 16 16 THR THR B . n 
B 1 17 VAL 17 17 17 VAL VAL B . n 
B 1 18 GLY 18 18 18 GLY GLY B . n 
B 1 19 GLN 19 19 19 GLN GLN B . n 
B 1 20 GLY 20 20 20 GLY GLY B . n 
B 1 21 SER 21 21 21 SER SER B . n 
B 1 22 ASP 22 22 22 ASP ASP B . n 
B 1 23 ALA 23 23 23 ALA ALA B . n 
B 1 24 HIS 24 24 24 HIS HIS B . n 
B 1 25 PHE 25 25 25 PHE PHE B . n 
B 1 26 ARG 26 26 26 ARG ARG B . n 
B 1 27 VAL 27 27 27 VAL VAL B . n 
B 1 28 ARG 28 28 28 ARG ARG B . n 
B 1 29 VAL 29 29 29 VAL VAL B . n 
B 1 30 VAL 30 30 30 VAL VAL B . n 
B 1 31 GLY 31 31 31 GLY GLY B . n 
B 1 32 LYS 32 32 32 LYS LYS B . n 
B 1 33 PRO 33 33 33 PRO PRO B . n 
B 1 34 ASP 34 34 34 ASP ASP B . n 
B 1 35 PRO 35 35 35 PRO PRO B . n 
B 1 36 GLU 36 36 36 GLU GLU B . n 
B 1 37 CYS 37 37 37 CYS CYS B . n 
B 1 38 GLU 38 38 38 GLU GLU B . n 
B 1 39 TRP 39 39 39 TRP TRP B . n 
B 1 40 TYR 40 40 40 TYR TYR B . n 
B 1 41 LYS 41 41 41 LYS LYS B . n 
B 1 42 ASN 42 42 42 ASN ASN B . n 
B 1 43 GLY 43 43 43 GLY GLY B . n 
B 1 44 VAL 44 44 44 VAL VAL B . n 
B 1 45 LYS 45 45 45 LYS LYS B . n 
B 1 46 ILE 46 46 46 ILE ILE B . n 
B 1 47 GLU 47 47 47 GLU GLU B . n 
B 1 48 ARG 48 48 48 ARG ARG B . n 
B 1 49 SER 49 49 49 SER SER B . n 
B 1 50 ASP 50 50 50 ASP ASP B . n 
B 1 51 ARG 51 51 51 ARG ARG B . n 
B 1 52 ILE 52 52 52 ILE ILE B . n 
B 1 53 TYR 53 53 53 TYR TYR B . n 
B 1 54 TRP 54 54 54 TRP TRP B . n 
B 1 55 TYR 55 55 55 TYR TYR B . n 
B 1 56 TRP 56 56 56 TRP TRP B . n 
B 1 57 PRO 57 57 57 PRO PRO B . n 
B 1 58 GLU 58 58 58 GLU GLU B . n 
B 1 59 ASP 59 59 59 ASP ASP B . n 
B 1 60 ASN 60 60 60 ASN ASN B . n 
B 1 61 VAL 61 61 61 VAL VAL B . n 
B 1 62 CYS 62 62 62 CYS CYS B . n 
B 1 63 GLU 63 63 63 GLU GLU B . n 
B 1 64 LEU 64 64 64 LEU LEU B . n 
B 1 65 VAL 65 65 65 VAL VAL B . n 
B 1 66 ILE 66 66 66 ILE ILE B . n 
B 1 67 ARG 67 67 67 ARG ARG B . n 
B 1 68 ASP 68 68 68 ASP ASP B . n 
B 1 69 VAL 69 69 69 VAL VAL B . n 
B 1 70 THR 70 70 70 THR THR B . n 
B 1 71 GLY 71 71 71 GLY GLY B . n 
B 1 72 GLU 72 72 72 GLU GLU B . n 
B 1 73 ASP 73 73 73 ASP ASP B . n 
B 1 74 SER 74 74 74 SER SER B . n 
B 1 75 ALA 75 75 75 ALA ALA B . n 
B 1 76 SER 76 76 76 SER SER B . n 
B 1 77 ILE 77 77 77 ILE ILE B . n 
B 1 78 MET 78 78 78 MET MET B . n 
B 1 79 VAL 79 79 79 VAL VAL B . n 
B 1 80 LYS 80 80 80 LYS LYS B . n 
B 1 81 ALA 81 81 81 ALA ALA B . n 
B 1 82 ILE 82 82 82 ILE ILE B . n 
B 1 83 ASN 83 83 83 ASN ASN B . n 
B 1 84 ILE 84 84 84 ILE ILE B . n 
B 1 85 ALA 85 85 85 ALA ALA B . n 
B 1 86 GLY 86 86 86 GLY GLY B . n 
B 1 87 GLU 87 87 87 GLU GLU B . n 
B 1 88 THR 88 88 88 THR THR B . n 
B 1 89 SER 89 89 89 SER SER B . n 
B 1 90 SER 90 90 90 SER SER B . n 
B 1 91 HIS 91 91 91 HIS HIS B . n 
B 1 92 ALA 92 92 92 ALA ALA B . n 
B 1 93 PHE 93 93 93 PHE PHE B . n 
B 1 94 LEU 94 94 94 LEU LEU B . n 
B 1 95 LEU 95 95 95 LEU LEU B . n 
B 1 96 VAL 96 96 96 VAL VAL B . n 
B 1 97 GLN 97 97 97 GLN GLN B . n 
B 1 98 ALA 98 98 98 ALA ALA B . n 
B 1 99 LYS 99 99 99 LYS LYS B . n 
# 
loop_
_pdbx_nonpoly_scheme.asym_id 
_pdbx_nonpoly_scheme.entity_id 
_pdbx_nonpoly_scheme.mon_id 
_pdbx_nonpoly_scheme.ndb_seq_num 
_pdbx_nonpoly_scheme.pdb_seq_num 
_pdbx_nonpoly_scheme.auth_seq_num 
_pdbx_nonpoly_scheme.pdb_mon_id 
_pdbx_nonpoly_scheme.auth_mon_id 
_pdbx_nonpoly_scheme.pdb_strand_id 
_pdbx_nonpoly_scheme.pdb_ins_code 
C 2 HOH 1   100 2   HOH HOH A . 
C 2 HOH 2   101 3   HOH HOH A . 
C 2 HOH 3   102 5   HOH HOH A . 
C 2 HOH 4   103 6   HOH HOH A . 
C 2 HOH 5   104 9   HOH HOH A . 
C 2 HOH 6   105 11  HOH HOH A . 
C 2 HOH 7   106 12  HOH HOH A . 
C 2 HOH 8   107 14  HOH HOH A . 
C 2 HOH 9   108 15  HOH HOH A . 
C 2 HOH 10  109 17  HOH HOH A . 
C 2 HOH 11  110 18  HOH HOH A . 
C 2 HOH 12  111 22  HOH HOH A . 
C 2 HOH 13  112 24  HOH HOH A . 
C 2 HOH 14  113 27  HOH HOH A . 
C 2 HOH 15  114 28  HOH HOH A . 
C 2 HOH 16  115 32  HOH HOH A . 
C 2 HOH 17  116 33  HOH HOH A . 
C 2 HOH 18  117 34  HOH HOH A . 
C 2 HOH 19  118 38  HOH HOH A . 
C 2 HOH 20  119 40  HOH HOH A . 
C 2 HOH 21  120 41  HOH HOH A . 
C 2 HOH 22  121 43  HOH HOH A . 
C 2 HOH 23  122 44  HOH HOH A . 
C 2 HOH 24  123 46  HOH HOH A . 
C 2 HOH 25  124 48  HOH HOH A . 
C 2 HOH 26  125 50  HOH HOH A . 
C 2 HOH 27  126 51  HOH HOH A . 
C 2 HOH 28  127 53  HOH HOH A . 
C 2 HOH 29  128 54  HOH HOH A . 
C 2 HOH 30  129 56  HOH HOH A . 
C 2 HOH 31  130 57  HOH HOH A . 
C 2 HOH 32  131 60  HOH HOH A . 
C 2 HOH 33  132 61  HOH HOH A . 
C 2 HOH 34  133 63  HOH HOH A . 
C 2 HOH 35  134 64  HOH HOH A . 
C 2 HOH 36  135 66  HOH HOH A . 
C 2 HOH 37  136 67  HOH HOH A . 
C 2 HOH 38  137 68  HOH HOH A . 
C 2 HOH 39  138 70  HOH HOH A . 
C 2 HOH 40  139 71  HOH HOH A . 
C 2 HOH 41  140 74  HOH HOH A . 
C 2 HOH 42  141 75  HOH HOH A . 
C 2 HOH 43  142 81  HOH HOH A . 
C 2 HOH 44  143 83  HOH HOH A . 
C 2 HOH 45  144 84  HOH HOH A . 
C 2 HOH 46  145 86  HOH HOH A . 
C 2 HOH 47  146 91  HOH HOH A . 
C 2 HOH 48  147 92  HOH HOH A . 
C 2 HOH 49  148 95  HOH HOH A . 
C 2 HOH 50  149 96  HOH HOH A . 
C 2 HOH 51  150 98  HOH HOH A . 
C 2 HOH 52  151 99  HOH HOH A . 
C 2 HOH 53  152 100 HOH HOH A . 
C 2 HOH 54  153 101 HOH HOH A . 
C 2 HOH 55  154 103 HOH HOH A . 
C 2 HOH 56  155 104 HOH HOH A . 
C 2 HOH 57  156 105 HOH HOH A . 
C 2 HOH 58  157 110 HOH HOH A . 
C 2 HOH 59  158 111 HOH HOH A . 
C 2 HOH 60  159 112 HOH HOH A . 
C 2 HOH 61  160 113 HOH HOH A . 
C 2 HOH 62  161 114 HOH HOH A . 
C 2 HOH 63  162 116 HOH HOH A . 
C 2 HOH 64  163 119 HOH HOH A . 
C 2 HOH 65  164 123 HOH HOH A . 
C 2 HOH 66  165 128 HOH HOH A . 
C 2 HOH 67  166 129 HOH HOH A . 
C 2 HOH 68  167 132 HOH HOH A . 
C 2 HOH 69  168 133 HOH HOH A . 
C 2 HOH 70  169 141 HOH HOH A . 
C 2 HOH 71  170 142 HOH HOH A . 
C 2 HOH 72  171 145 HOH HOH A . 
C 2 HOH 73  172 146 HOH HOH A . 
C 2 HOH 74  173 147 HOH HOH A . 
C 2 HOH 75  174 148 HOH HOH A . 
C 2 HOH 76  175 149 HOH HOH A . 
C 2 HOH 77  176 150 HOH HOH A . 
C 2 HOH 78  177 154 HOH HOH A . 
C 2 HOH 79  178 155 HOH HOH A . 
C 2 HOH 80  179 156 HOH HOH A . 
C 2 HOH 81  180 157 HOH HOH A . 
C 2 HOH 82  181 158 HOH HOH A . 
C 2 HOH 83  182 160 HOH HOH A . 
C 2 HOH 84  183 165 HOH HOH A . 
C 2 HOH 85  184 166 HOH HOH A . 
C 2 HOH 86  185 168 HOH HOH A . 
C 2 HOH 87  186 169 HOH HOH A . 
C 2 HOH 88  187 170 HOH HOH A . 
C 2 HOH 89  188 171 HOH HOH A . 
C 2 HOH 90  189 173 HOH HOH A . 
C 2 HOH 91  190 177 HOH HOH A . 
C 2 HOH 92  191 178 HOH HOH A . 
C 2 HOH 93  192 180 HOH HOH A . 
C 2 HOH 94  193 185 HOH HOH A . 
C 2 HOH 95  194 188 HOH HOH A . 
C 2 HOH 96  195 189 HOH HOH A . 
C 2 HOH 97  196 190 HOH HOH A . 
C 2 HOH 98  197 191 HOH HOH A . 
C 2 HOH 99  198 192 HOH HOH A . 
C 2 HOH 100 199 195 HOH HOH A . 
C 2 HOH 101 200 198 HOH HOH A . 
D 2 HOH 1   100 1   HOH HOH B . 
D 2 HOH 2   101 4   HOH HOH B . 
D 2 HOH 3   102 7   HOH HOH B . 
D 2 HOH 4   103 8   HOH HOH B . 
D 2 HOH 5   104 10  HOH HOH B . 
D 2 HOH 6   105 13  HOH HOH B . 
D 2 HOH 7   106 16  HOH HOH B . 
D 2 HOH 8   107 19  HOH HOH B . 
D 2 HOH 9   108 20  HOH HOH B . 
D 2 HOH 10  109 21  HOH HOH B . 
D 2 HOH 11  110 23  HOH HOH B . 
D 2 HOH 12  111 25  HOH HOH B . 
D 2 HOH 13  112 26  HOH HOH B . 
D 2 HOH 14  113 29  HOH HOH B . 
D 2 HOH 15  114 30  HOH HOH B . 
D 2 HOH 16  115 31  HOH HOH B . 
D 2 HOH 17  116 35  HOH HOH B . 
D 2 HOH 18  117 36  HOH HOH B . 
D 2 HOH 19  118 37  HOH HOH B . 
D 2 HOH 20  119 39  HOH HOH B . 
D 2 HOH 21  120 42  HOH HOH B . 
D 2 HOH 22  121 45  HOH HOH B . 
D 2 HOH 23  122 47  HOH HOH B . 
D 2 HOH 24  123 49  HOH HOH B . 
D 2 HOH 25  124 52  HOH HOH B . 
D 2 HOH 26  125 55  HOH HOH B . 
D 2 HOH 27  126 58  HOH HOH B . 
D 2 HOH 28  127 59  HOH HOH B . 
D 2 HOH 29  128 62  HOH HOH B . 
D 2 HOH 30  129 65  HOH HOH B . 
D 2 HOH 31  130 69  HOH HOH B . 
D 2 HOH 32  131 72  HOH HOH B . 
D 2 HOH 33  132 73  HOH HOH B . 
D 2 HOH 34  133 76  HOH HOH B . 
D 2 HOH 35  134 77  HOH HOH B . 
D 2 HOH 36  135 78  HOH HOH B . 
D 2 HOH 37  136 79  HOH HOH B . 
D 2 HOH 38  137 80  HOH HOH B . 
D 2 HOH 39  138 82  HOH HOH B . 
D 2 HOH 40  139 85  HOH HOH B . 
D 2 HOH 41  140 87  HOH HOH B . 
D 2 HOH 42  141 88  HOH HOH B . 
D 2 HOH 43  142 89  HOH HOH B . 
D 2 HOH 44  143 90  HOH HOH B . 
D 2 HOH 45  144 93  HOH HOH B . 
D 2 HOH 46  145 94  HOH HOH B . 
D 2 HOH 47  146 97  HOH HOH B . 
D 2 HOH 48  147 102 HOH HOH B . 
D 2 HOH 49  148 106 HOH HOH B . 
D 2 HOH 50  149 107 HOH HOH B . 
D 2 HOH 51  150 108 HOH HOH B . 
D 2 HOH 52  151 109 HOH HOH B . 
D 2 HOH 53  152 115 HOH HOH B . 
D 2 HOH 54  153 117 HOH HOH B . 
D 2 HOH 55  154 118 HOH HOH B . 
D 2 HOH 56  155 120 HOH HOH B . 
D 2 HOH 57  156 121 HOH HOH B . 
D 2 HOH 58  157 122 HOH HOH B . 
D 2 HOH 59  158 124 HOH HOH B . 
D 2 HOH 60  159 125 HOH HOH B . 
D 2 HOH 61  160 126 HOH HOH B . 
D 2 HOH 62  161 127 HOH HOH B . 
D 2 HOH 63  162 130 HOH HOH B . 
D 2 HOH 64  163 131 HOH HOH B . 
D 2 HOH 65  164 134 HOH HOH B . 
D 2 HOH 66  165 135 HOH HOH B . 
D 2 HOH 67  166 136 HOH HOH B . 
D 2 HOH 68  167 137 HOH HOH B . 
D 2 HOH 69  168 138 HOH HOH B . 
D 2 HOH 70  169 139 HOH HOH B . 
D 2 HOH 71  170 140 HOH HOH B . 
D 2 HOH 72  171 143 HOH HOH B . 
D 2 HOH 73  172 144 HOH HOH B . 
D 2 HOH 74  173 151 HOH HOH B . 
D 2 HOH 75  174 152 HOH HOH B . 
D 2 HOH 76  175 153 HOH HOH B . 
D 2 HOH 77  176 159 HOH HOH B . 
D 2 HOH 78  177 161 HOH HOH B . 
D 2 HOH 79  178 162 HOH HOH B . 
D 2 HOH 80  179 163 HOH HOH B . 
D 2 HOH 81  180 164 HOH HOH B . 
D 2 HOH 82  181 167 HOH HOH B . 
D 2 HOH 83  182 172 HOH HOH B . 
D 2 HOH 84  183 174 HOH HOH B . 
D 2 HOH 85  184 175 HOH HOH B . 
D 2 HOH 86  185 176 HOH HOH B . 
D 2 HOH 87  186 179 HOH HOH B . 
D 2 HOH 88  187 181 HOH HOH B . 
D 2 HOH 89  188 182 HOH HOH B . 
D 2 HOH 90  189 183 HOH HOH B . 
D 2 HOH 91  190 184 HOH HOH B . 
D 2 HOH 92  191 186 HOH HOH B . 
D 2 HOH 93  192 187 HOH HOH B . 
D 2 HOH 94  193 193 HOH HOH B . 
D 2 HOH 95  194 194 HOH HOH B . 
D 2 HOH 96  195 196 HOH HOH B . 
D 2 HOH 97  196 197 HOH HOH B . 
# 
loop_
_software.name 
_software.classification 
_software.version 
_software.citation_id 
_software.pdbx_ordinal 
DENZO     'data reduction' .   ? 1 
SCALEPACK 'data scaling'   .   ? 2 
AMoRE     phasing          .   ? 3 
CNS       refinement       0.9 ? 4 
# 
_cell.entry_id           1G1C 
_cell.length_a           38.3 
_cell.length_b           78.6 
_cell.length_c           79.6 
_cell.angle_alpha        90 
_cell.angle_beta         90 
_cell.angle_gamma        90 
_cell.Z_PDB              8 
_cell.pdbx_unique_axis   ? 
# 
_symmetry.entry_id                         1G1C 
_symmetry.space_group_name_H-M             'P 21 21 21' 
_symmetry.pdbx_full_space_group_name_H-M   ? 
_symmetry.cell_setting                     ? 
_symmetry.Int_Tables_number                19 
# 
_exptl.entry_id          1G1C 
_exptl.method            'X-RAY DIFFRACTION' 
_exptl.crystals_number   1 
# 
_exptl_crystal.id                    1 
_exptl_crystal.density_meas          ? 
_exptl_crystal.density_percent_sol   53.82 
_exptl_crystal.density_Matthews      2.66 
_exptl_crystal.description           ? 
# 
_exptl_crystal_grow.crystal_id      1 
_exptl_crystal_grow.method          'VAPOR DIFFUSION, HANGING DROP' 
_exptl_crystal_grow.pH              8.0 
_exptl_crystal_grow.temp            294 
_exptl_crystal_grow.temp_details    ? 
_exptl_crystal_grow.pdbx_details    
;3.25 M NaCl, 0.1 M Tris-HCL pH 8.0, 1mM EDTA, 1mM DTT, pH 8.0, 
VAPOR DIFFUSION, HANGING DROP at 294K
;
_exptl_crystal_grow.pdbx_pH_range   ? 
# 
_diffrn.id                     1 
_diffrn.ambient_temp           100 
_diffrn.ambient_temp_details   ? 
_diffrn.crystal_id             1 
# 
_diffrn_detector.diffrn_id              1 
_diffrn_detector.detector               'IMAGE PLATE' 
_diffrn_detector.type                   MARRESEARCH 
_diffrn_detector.pdbx_collection_date   1999-04-15 
_diffrn_detector.details                ? 
# 
_diffrn_radiation.diffrn_id                        1 
_diffrn_radiation.wavelength_id                    1 
_diffrn_radiation.monochromator                    ? 
_diffrn_radiation.pdbx_monochromatic_or_laue_m_l   M 
_diffrn_radiation.pdbx_diffrn_protocol             'SINGLE WAVELENGTH' 
_diffrn_radiation.pdbx_scattering_type             x-ray 
# 
_diffrn_radiation_wavelength.id           1 
_diffrn_radiation_wavelength.wavelength   0.906 
_diffrn_radiation_wavelength.wt           1.0 
# 
_diffrn_source.diffrn_id                   1 
_diffrn_source.source                      SYNCHROTRON 
_diffrn_source.type                        'EMBL/DESY, HAMBURG BEAMLINE X11' 
_diffrn_source.pdbx_wavelength             0.906 
_diffrn_source.pdbx_synchrotron_site       'EMBL/DESY, HAMBURG' 
_diffrn_source.pdbx_synchrotron_beamline   X11 
_diffrn_source.pdbx_wavelength_list        ? 
# 
_reflns.entry_id                     1G1C 
_reflns.observed_criterion_sigma_I   ? 
_reflns.observed_criterion_sigma_F   ? 
_reflns.d_resolution_low             20. 
_reflns.d_resolution_high            2.10 
_reflns.number_obs                   14589 
_reflns.number_all                   ? 
_reflns.percent_possible_obs         99.6 
_reflns.pdbx_Rmerge_I_obs            0.068 
_reflns.pdbx_Rsym_value              ? 
_reflns.pdbx_netI_over_sigmaI        10.9 
_reflns.B_iso_Wilson_estimate        ? 
_reflns.pdbx_redundancy              4.7 
_reflns.R_free_details               ? 
_reflns.limit_h_max                  ? 
_reflns.limit_h_min                  ? 
_reflns.limit_k_max                  ? 
_reflns.limit_k_min                  ? 
_reflns.limit_l_max                  ? 
_reflns.limit_l_min                  ? 
_reflns.observed_criterion_F_max     ? 
_reflns.observed_criterion_F_min     ? 
_reflns.pdbx_diffrn_id               1 
_reflns.pdbx_ordinal                 1 
# 
_reflns_shell.d_res_high             2.10 
_reflns_shell.d_res_low              2.15 
_reflns_shell.percent_possible_obs   ? 
_reflns_shell.percent_possible_all   99.9 
_reflns_shell.Rmerge_I_obs           0.274 
_reflns_shell.meanI_over_sigI_obs    ? 
_reflns_shell.pdbx_Rsym_value        ? 
_reflns_shell.pdbx_redundancy        4.6 
_reflns_shell.number_unique_all      966 
_reflns_shell.pdbx_diffrn_id         ? 
_reflns_shell.pdbx_ordinal           1 
# 
_refine.entry_id                                 1G1C 
_refine.ls_number_reflns_obs                     14589 
_refine.ls_number_reflns_all                     ? 
_refine.pdbx_ls_sigma_I                          ? 
_refine.pdbx_ls_sigma_F                          0 
_refine.pdbx_data_cutoff_high_absF               ? 
_refine.pdbx_data_cutoff_low_absF                ? 
_refine.ls_d_res_low                             20 
_refine.ls_d_res_high                            2.1 
_refine.ls_percent_reflns_obs                    ? 
_refine.ls_R_factor_obs                          ? 
_refine.ls_R_factor_all                          ? 
_refine.ls_R_factor_R_work                       0.202 
_refine.ls_R_factor_R_free                       0.248 
_refine.ls_R_factor_R_free_error                 ? 
_refine.ls_R_factor_R_free_error_details         ? 
_refine.ls_percent_reflns_R_free                 5.9 
_refine.ls_number_reflns_R_free                  859 
_refine.ls_number_parameters                     ? 
_refine.ls_number_restraints                     ? 
_refine.occupancy_min                            ? 
_refine.occupancy_max                            ? 
_refine.B_iso_mean                               ? 
_refine.aniso_B[1][1]                            ? 
_refine.aniso_B[2][2]                            ? 
_refine.aniso_B[3][3]                            ? 
_refine.aniso_B[1][2]                            ? 
_refine.aniso_B[1][3]                            ? 
_refine.aniso_B[2][3]                            ? 
_refine.solvent_model_details                    ? 
_refine.solvent_model_param_ksol                 ? 
_refine.solvent_model_param_bsol                 ? 
_refine.pdbx_ls_cross_valid_method               THROUGHOUT 
_refine.details                                  ? 
_refine.pdbx_starting_model                      ? 
_refine.pdbx_method_to_determine_struct          ? 
_refine.pdbx_isotropic_thermal_model             ? 
_refine.pdbx_stereochemistry_target_values       'Engh & Huber' 
_refine.pdbx_stereochem_target_val_spec_case     ? 
_refine.pdbx_R_Free_selection_details            random 
_refine.pdbx_overall_ESU_R_Free                  ? 
_refine.overall_SU_B                             ? 
_refine.ls_redundancy_reflns_obs                 ? 
_refine.B_iso_min                                ? 
_refine.B_iso_max                                ? 
_refine.overall_SU_ML                            ? 
_refine.pdbx_overall_ESU_R                       ? 
_refine.pdbx_data_cutoff_high_rms_absF           ? 
_refine.correlation_coeff_Fo_to_Fc               ? 
_refine.correlation_coeff_Fo_to_Fc_free          ? 
_refine.overall_SU_R_Cruickshank_DPI             ? 
_refine.overall_SU_R_free                        ? 
_refine.pdbx_refine_id                           'X-RAY DIFFRACTION' 
_refine.pdbx_diffrn_id                           1 
_refine.pdbx_TLS_residual_ADP_flag               ? 
_refine.pdbx_solvent_vdw_probe_radii             ? 
_refine.pdbx_solvent_ion_probe_radii             ? 
_refine.pdbx_solvent_shrinkage_radii             ? 
_refine.pdbx_overall_phase_error                 ? 
_refine.pdbx_overall_SU_R_free_Cruickshank_DPI   ? 
_refine.pdbx_overall_SU_R_Blow_DPI               ? 
_refine.pdbx_overall_SU_R_free_Blow_DPI          ? 
# 
_refine_hist.pdbx_refine_id                   'X-RAY DIFFRACTION' 
_refine_hist.cycle_id                         LAST 
_refine_hist.pdbx_number_atoms_protein        1564 
_refine_hist.pdbx_number_atoms_nucleic_acid   0 
_refine_hist.pdbx_number_atoms_ligand         0 
_refine_hist.number_atoms_solvent             198 
_refine_hist.number_atoms_total               1762 
_refine_hist.d_res_high                       2.1 
_refine_hist.d_res_low                        20 
# 
_struct.entry_id                  1G1C 
_struct.title                     'I1 DOMAIN FROM TITIN' 
_struct.pdbx_model_details        ? 
_struct.pdbx_CASP_flag            ? 
_struct.pdbx_model_type_details   ? 
# 
_struct_keywords.entry_id        1G1C 
_struct_keywords.pdbx_keywords   'STRUCTURAL PROTEIN' 
_struct_keywords.text            'immunoglobulin domain, Beta-sandwhich, I-set, structural protein' 
# 
loop_
_struct_asym.id 
_struct_asym.pdbx_blank_PDB_chainid_flag 
_struct_asym.pdbx_modified 
_struct_asym.entity_id 
_struct_asym.details 
A N N 1 ? 
B N N 1 ? 
C N N 2 ? 
D N N 2 ? 
# 
_struct_ref.id                         1 
_struct_ref.entity_id                  1 
_struct_ref.db_code                    Q10466_HUMAN 
_struct_ref.db_name                    UNP 
_struct_ref.pdbx_db_accession          Q10466 
_struct_ref.pdbx_align_begin           2027 
_struct_ref.pdbx_seq_one_letter_code   
;PSMEAPKIFERIQSQTVGQGSDAHFRVRVVGKPDPECEWYKNGVKIERSDRIYWYWPEDNVCELVIRDVTAEDSASIMVK
AINIAGETSSHAFLLVQAK
;
_struct_ref.pdbx_db_isoform            ? 
# 
loop_
_struct_ref_seq.align_id 
_struct_ref_seq.ref_id 
_struct_ref_seq.pdbx_PDB_id_code 
_struct_ref_seq.pdbx_strand_id 
_struct_ref_seq.seq_align_beg 
_struct_ref_seq.pdbx_seq_align_beg_ins_code 
_struct_ref_seq.seq_align_end 
_struct_ref_seq.pdbx_seq_align_end_ins_code 
_struct_ref_seq.pdbx_db_accession 
_struct_ref_seq.db_align_beg 
_struct_ref_seq.pdbx_db_align_beg_ins_code 
_struct_ref_seq.db_align_end 
_struct_ref_seq.pdbx_db_align_end_ins_code 
_struct_ref_seq.pdbx_auth_seq_align_beg 
_struct_ref_seq.pdbx_auth_seq_align_end 
1 1 1G1C A 1 ? 99 ? Q10466 2027 ? 2125 ? 1 99 
2 1 1G1C B 1 ? 99 ? Q10466 2027 ? 2125 ? 1 99 
# 
loop_
_struct_ref_seq_dif.align_id 
_struct_ref_seq_dif.pdbx_pdb_id_code 
_struct_ref_seq_dif.mon_id 
_struct_ref_seq_dif.pdbx_pdb_strand_id 
_struct_ref_seq_dif.seq_num 
_struct_ref_seq_dif.pdbx_pdb_ins_code 
_struct_ref_seq_dif.pdbx_seq_db_name 
_struct_ref_seq_dif.pdbx_seq_db_accession_code 
_struct_ref_seq_dif.db_mon_id 
_struct_ref_seq_dif.pdbx_seq_db_seq_num 
_struct_ref_seq_dif.details 
_struct_ref_seq_dif.pdbx_auth_seq_num 
_struct_ref_seq_dif.pdbx_ordinal 
1 1G1C GLY A 71 ? UNP Q10466 ALA 2097 conflict 71 1 
2 1G1C GLY B 71 ? UNP Q10466 ALA 2097 conflict 71 2 
# 
loop_
_pdbx_struct_assembly.id 
_pdbx_struct_assembly.details 
_pdbx_struct_assembly.method_details 
_pdbx_struct_assembly.oligomeric_details 
_pdbx_struct_assembly.oligomeric_count 
1 author_defined_assembly ? monomeric 1 
2 author_defined_assembly ? monomeric 1 
# 
loop_
_pdbx_struct_assembly_gen.assembly_id 
_pdbx_struct_assembly_gen.oper_expression 
_pdbx_struct_assembly_gen.asym_id_list 
1 1 A,C 
2 1 B,D 
# 
_pdbx_struct_oper_list.id                   1 
_pdbx_struct_oper_list.type                 'identity operation' 
_pdbx_struct_oper_list.name                 1_555 
_pdbx_struct_oper_list.symmetry_operation   x,y,z 
_pdbx_struct_oper_list.matrix[1][1]         1.0000000000 
_pdbx_struct_oper_list.matrix[1][2]         0.0000000000 
_pdbx_struct_oper_list.matrix[1][3]         0.0000000000 
_pdbx_struct_oper_list.vector[1]            0.0000000000 
_pdbx_struct_oper_list.matrix[2][1]         0.0000000000 
_pdbx_struct_oper_list.matrix[2][2]         1.0000000000 
_pdbx_struct_oper_list.matrix[2][3]         0.0000000000 
_pdbx_struct_oper_list.vector[2]            0.0000000000 
_pdbx_struct_oper_list.matrix[3][1]         0.0000000000 
_pdbx_struct_oper_list.matrix[3][2]         0.0000000000 
_pdbx_struct_oper_list.matrix[3][3]         1.0000000000 
_pdbx_struct_oper_list.vector[3]            0.0000000000 
# 
loop_
_struct_conf.conf_type_id 
_struct_conf.id 
_struct_conf.pdbx_PDB_helix_id 
_struct_conf.beg_label_comp_id 
_struct_conf.beg_label_asym_id 
_struct_conf.beg_label_seq_id 
_struct_conf.pdbx_beg_PDB_ins_code 
_struct_conf.end_label_comp_id 
_struct_conf.end_label_asym_id 
_struct_conf.end_label_seq_id 
_struct_conf.pdbx_end_PDB_ins_code 
_struct_conf.beg_auth_comp_id 
_struct_conf.beg_auth_asym_id 
_struct_conf.beg_auth_seq_id 
_struct_conf.end_auth_comp_id 
_struct_conf.end_auth_asym_id 
_struct_conf.end_auth_seq_id 
_struct_conf.pdbx_PDB_helix_class 
_struct_conf.details 
_struct_conf.pdbx_PDB_helix_length 
HELX_P HELX_P1 1 THR A 70 ? SER A 74 ? THR A 70 SER A 74 5 ? 5 
HELX_P HELX_P2 2 THR B 70 ? SER B 74 ? THR B 70 SER B 74 5 ? 5 
# 
_struct_conf_type.id          HELX_P 
_struct_conf_type.criteria    ? 
_struct_conf_type.reference   ? 
# 
loop_
_struct_conn.id 
_struct_conn.conn_type_id 
_struct_conn.pdbx_leaving_atom_flag 
_struct_conn.pdbx_PDB_id 
_struct_conn.ptnr1_label_asym_id 
_struct_conn.ptnr1_label_comp_id 
_struct_conn.ptnr1_label_seq_id 
_struct_conn.ptnr1_label_atom_id 
_struct_conn.pdbx_ptnr1_label_alt_id 
_struct_conn.pdbx_ptnr1_PDB_ins_code 
_struct_conn.pdbx_ptnr1_standard_comp_id 
_struct_conn.ptnr1_symmetry 
_struct_conn.ptnr2_label_asym_id 
_struct_conn.ptnr2_label_comp_id 
_struct_conn.ptnr2_label_seq_id 
_struct_conn.ptnr2_label_atom_id 
_struct_conn.pdbx_ptnr2_label_alt_id 
_struct_conn.pdbx_ptnr2_PDB_ins_code 
_struct_conn.ptnr1_auth_asym_id 
_struct_conn.ptnr1_auth_comp_id 
_struct_conn.ptnr1_auth_seq_id 
_struct_conn.ptnr2_auth_asym_id 
_struct_conn.ptnr2_auth_comp_id 
_struct_conn.ptnr2_auth_seq_id 
_struct_conn.ptnr2_symmetry 
_struct_conn.pdbx_ptnr3_label_atom_id 
_struct_conn.pdbx_ptnr3_label_seq_id 
_struct_conn.pdbx_ptnr3_label_comp_id 
_struct_conn.pdbx_ptnr3_label_asym_id 
_struct_conn.pdbx_ptnr3_label_alt_id 
_struct_conn.pdbx_ptnr3_PDB_ins_code 
_struct_conn.details 
_struct_conn.pdbx_dist_value 
_struct_conn.pdbx_value_order 
_struct_conn.pdbx_role 
disulf1 disulf ? ? A CYS 37 SG ? ? ? 1_555 A CYS 62 SG ? ? A CYS 37 A CYS 62 1_555 ? ? ? ? ? ? ? 2.055 ? ? 
disulf2 disulf ? ? B CYS 37 SG ? ? ? 1_555 B CYS 62 SG ? ? B CYS 37 B CYS 62 1_555 ? ? ? ? ? ? ? 2.066 ? ? 
# 
_struct_conn_type.id          disulf 
_struct_conn_type.criteria    ? 
_struct_conn_type.reference   ? 
# 
loop_
_pdbx_modification_feature.ordinal 
_pdbx_modification_feature.label_comp_id 
_pdbx_modification_feature.label_asym_id 
_pdbx_modification_feature.label_seq_id 
_pdbx_modification_feature.label_alt_id 
_pdbx_modification_feature.modified_residue_label_comp_id 
_pdbx_modification_feature.modified_residue_label_asym_id 
_pdbx_modification_feature.modified_residue_label_seq_id 
_pdbx_modification_feature.modified_residue_label_alt_id 
_pdbx_modification_feature.auth_comp_id 
_pdbx_modification_feature.auth_asym_id 
_pdbx_modification_feature.auth_seq_id 
_pdbx_modification_feature.PDB_ins_code 
_pdbx_modification_feature.symmetry 
_pdbx_modification_feature.modified_residue_auth_comp_id 
_pdbx_modification_feature.modified_residue_auth_asym_id 
_pdbx_modification_feature.modified_residue_auth_seq_id 
_pdbx_modification_feature.modified_residue_PDB_ins_code 
_pdbx_modification_feature.modified_residue_symmetry 
_pdbx_modification_feature.comp_id_linking_atom 
_pdbx_modification_feature.modified_residue_id_linking_atom 
_pdbx_modification_feature.modified_residue_id 
_pdbx_modification_feature.ref_pcm_id 
_pdbx_modification_feature.ref_comp_id 
_pdbx_modification_feature.type 
_pdbx_modification_feature.category 
1 CYS A 37 ? CYS A 62 ? CYS A 37 ? 1_555 CYS A 62 ? 1_555 SG SG . . . None 'Disulfide bridge' 
2 CYS B 37 ? CYS B 62 ? CYS B 37 ? 1_555 CYS B 62 ? 1_555 SG SG . . . None 'Disulfide bridge' 
# 
loop_
_struct_mon_prot_cis.pdbx_id 
_struct_mon_prot_cis.label_comp_id 
_struct_mon_prot_cis.label_seq_id 
_struct_mon_prot_cis.label_asym_id 
_struct_mon_prot_cis.label_alt_id 
_struct_mon_prot_cis.pdbx_PDB_ins_code 
_struct_mon_prot_cis.auth_comp_id 
_struct_mon_prot_cis.auth_seq_id 
_struct_mon_prot_cis.auth_asym_id 
_struct_mon_prot_cis.pdbx_label_comp_id_2 
_struct_mon_prot_cis.pdbx_label_seq_id_2 
_struct_mon_prot_cis.pdbx_label_asym_id_2 
_struct_mon_prot_cis.pdbx_PDB_ins_code_2 
_struct_mon_prot_cis.pdbx_auth_comp_id_2 
_struct_mon_prot_cis.pdbx_auth_seq_id_2 
_struct_mon_prot_cis.pdbx_auth_asym_id_2 
_struct_mon_prot_cis.pdbx_PDB_model_num 
_struct_mon_prot_cis.pdbx_omega_angle 
1 LYS 32 A . ? LYS 32 A PRO 33 A ? PRO 33 A 1 -0.37 
2 LYS 32 B . ? LYS 32 B PRO 33 B ? PRO 33 B 1 -0.14 
# 
loop_
_struct_sheet.id 
_struct_sheet.type 
_struct_sheet.number_strands 
_struct_sheet.details 
A ? 4 ? 
B ? 5 ? 
C ? 4 ? 
D ? 5 ? 
# 
loop_
_struct_sheet_order.sheet_id 
_struct_sheet_order.range_id_1 
_struct_sheet_order.range_id_2 
_struct_sheet_order.offset 
_struct_sheet_order.sense 
A 1 2 ? anti-parallel 
A 2 3 ? anti-parallel 
A 3 4 ? anti-parallel 
B 1 2 ? parallel      
B 2 3 ? anti-parallel 
B 3 4 ? anti-parallel 
B 4 5 ? anti-parallel 
C 1 2 ? anti-parallel 
C 2 3 ? anti-parallel 
C 3 4 ? anti-parallel 
D 1 2 ? parallel      
D 2 3 ? anti-parallel 
D 3 4 ? anti-parallel 
D 4 5 ? anti-parallel 
# 
loop_
_struct_sheet_range.sheet_id 
_struct_sheet_range.id 
_struct_sheet_range.beg_label_comp_id 
_struct_sheet_range.beg_label_asym_id 
_struct_sheet_range.beg_label_seq_id 
_struct_sheet_range.pdbx_beg_PDB_ins_code 
_struct_sheet_range.end_label_comp_id 
_struct_sheet_range.end_label_asym_id 
_struct_sheet_range.end_label_seq_id 
_struct_sheet_range.pdbx_end_PDB_ins_code 
_struct_sheet_range.beg_auth_comp_id 
_struct_sheet_range.beg_auth_asym_id 
_struct_sheet_range.beg_auth_seq_id 
_struct_sheet_range.end_auth_comp_id 
_struct_sheet_range.end_auth_asym_id 
_struct_sheet_range.end_auth_seq_id 
A 1 GLU A 4  ? GLU A 10 ? GLU A 4  GLU A 10 
A 2 ALA A 23 ? LYS A 32 ? ALA A 23 LYS A 32 
A 3 VAL A 61 ? ILE A 66 ? VAL A 61 ILE A 66 
A 4 ILE A 52 ? GLU A 58 ? ILE A 52 GLU A 58 
B 1 GLN A 15 ? GLY A 18 ? GLN A 15 GLY A 18 
B 2 GLY A 86 ? GLN A 97 ? GLY A 86 GLN A 97 
B 3 ALA A 75 ? ASN A 83 ? ALA A 75 ASN A 83 
B 4 GLU A 36 ? LYS A 41 ? GLU A 36 LYS A 41 
B 5 VAL A 44 ? LYS A 45 ? VAL A 44 LYS A 45 
C 1 GLU B 4  ? GLU B 10 ? GLU B 4  GLU B 10 
C 2 ALA B 23 ? LYS B 32 ? ALA B 23 LYS B 32 
C 3 VAL B 61 ? ILE B 66 ? VAL B 61 ILE B 66 
C 4 ILE B 52 ? GLU B 58 ? ILE B 52 GLU B 58 
D 1 GLN B 15 ? GLY B 18 ? GLN B 15 GLY B 18 
D 2 GLY B 86 ? GLN B 97 ? GLY B 86 GLN B 97 
D 3 ALA B 75 ? ASN B 83 ? ALA B 75 ASN B 83 
D 4 GLU B 36 ? LYS B 41 ? GLU B 36 LYS B 41 
D 5 VAL B 44 ? LYS B 45 ? VAL B 44 LYS B 45 
# 
loop_
_pdbx_struct_sheet_hbond.sheet_id 
_pdbx_struct_sheet_hbond.range_id_1 
_pdbx_struct_sheet_hbond.range_id_2 
_pdbx_struct_sheet_hbond.range_1_label_atom_id 
_pdbx_struct_sheet_hbond.range_1_label_comp_id 
_pdbx_struct_sheet_hbond.range_1_label_asym_id 
_pdbx_struct_sheet_hbond.range_1_label_seq_id 
_pdbx_struct_sheet_hbond.range_1_PDB_ins_code 
_pdbx_struct_sheet_hbond.range_1_auth_atom_id 
_pdbx_struct_sheet_hbond.range_1_auth_comp_id 
_pdbx_struct_sheet_hbond.range_1_auth_asym_id 
_pdbx_struct_sheet_hbond.range_1_auth_seq_id 
_pdbx_struct_sheet_hbond.range_2_label_atom_id 
_pdbx_struct_sheet_hbond.range_2_label_comp_id 
_pdbx_struct_sheet_hbond.range_2_label_asym_id 
_pdbx_struct_sheet_hbond.range_2_label_seq_id 
_pdbx_struct_sheet_hbond.range_2_PDB_ins_code 
_pdbx_struct_sheet_hbond.range_2_auth_atom_id 
_pdbx_struct_sheet_hbond.range_2_auth_comp_id 
_pdbx_struct_sheet_hbond.range_2_auth_asym_id 
_pdbx_struct_sheet_hbond.range_2_auth_seq_id 
A 1 2 N PHE A 9  ? N PHE A 9  O ARG A 28 ? O ARG A 28 
A 2 3 O VAL A 27 ? O VAL A 27 N CYS A 62 ? N CYS A 62 
A 3 4 N VAL A 65 ? N VAL A 65 O TYR A 53 ? O TYR A 53 
B 1 2 N GLN A 15 ? N GLN A 15 O PHE A 93 ? O PHE A 93 
B 2 3 N LEU A 94 ? N LEU A 94 O ALA A 75 ? O ALA A 75 
B 3 4 O ILE A 82 ? O ILE A 82 N GLU A 36 ? N GLU A 36 
B 4 5 N LYS A 41 ? N LYS A 41 O VAL A 44 ? O VAL A 44 
C 1 2 N PHE B 9  ? N PHE B 9  O ARG B 28 ? O ARG B 28 
C 2 3 N VAL B 27 ? N VAL B 27 O CYS B 62 ? O CYS B 62 
C 3 4 N VAL B 65 ? N VAL B 65 O TYR B 53 ? O TYR B 53 
D 1 2 N GLN B 15 ? N GLN B 15 O PHE B 93 ? O PHE B 93 
D 2 3 N LEU B 94 ? N LEU B 94 O ALA B 75 ? O ALA B 75 
D 3 4 O ILE B 82 ? O ILE B 82 N GLU B 36 ? N GLU B 36 
D 4 5 O LYS B 41 ? O LYS B 41 N VAL B 44 ? N VAL B 44 
# 
_pdbx_entry_details.entry_id                   1G1C 
_pdbx_entry_details.compound_details           ? 
_pdbx_entry_details.source_details             ? 
_pdbx_entry_details.nonpolymer_details         ? 
_pdbx_entry_details.sequence_details           ? 
_pdbx_entry_details.has_ligand_of_interest     ? 
_pdbx_entry_details.has_protein_modification   Y 
# 
loop_
_pdbx_validate_close_contact.id 
_pdbx_validate_close_contact.PDB_model_num 
_pdbx_validate_close_contact.auth_atom_id_1 
_pdbx_validate_close_contact.auth_asym_id_1 
_pdbx_validate_close_contact.auth_comp_id_1 
_pdbx_validate_close_contact.auth_seq_id_1 
_pdbx_validate_close_contact.PDB_ins_code_1 
_pdbx_validate_close_contact.label_alt_id_1 
_pdbx_validate_close_contact.auth_atom_id_2 
_pdbx_validate_close_contact.auth_asym_id_2 
_pdbx_validate_close_contact.auth_comp_id_2 
_pdbx_validate_close_contact.auth_seq_id_2 
_pdbx_validate_close_contact.PDB_ins_code_2 
_pdbx_validate_close_contact.label_alt_id_2 
_pdbx_validate_close_contact.dist 
1 1 OE1 B GLN 15  ? ? O B HOH 151 ? ? 2.01 
2 1 O   A HOH 127 ? ? O A HOH 166 ? ? 2.17 
# 
_pdbx_validate_symm_contact.id                1 
_pdbx_validate_symm_contact.PDB_model_num     1 
_pdbx_validate_symm_contact.auth_atom_id_1    O 
_pdbx_validate_symm_contact.auth_asym_id_1    A 
_pdbx_validate_symm_contact.auth_comp_id_1    SER 
_pdbx_validate_symm_contact.auth_seq_id_1     89 
_pdbx_validate_symm_contact.PDB_ins_code_1    ? 
_pdbx_validate_symm_contact.label_alt_id_1    ? 
_pdbx_validate_symm_contact.site_symmetry_1   1_555 
_pdbx_validate_symm_contact.auth_atom_id_2    O 
_pdbx_validate_symm_contact.auth_asym_id_2    A 
_pdbx_validate_symm_contact.auth_comp_id_2    HOH 
_pdbx_validate_symm_contact.auth_seq_id_2     174 
_pdbx_validate_symm_contact.PDB_ins_code_2    ? 
_pdbx_validate_symm_contact.label_alt_id_2    ? 
_pdbx_validate_symm_contact.site_symmetry_2   4_456 
_pdbx_validate_symm_contact.dist              2.16 
# 
loop_
_pdbx_distant_solvent_atoms.id 
_pdbx_distant_solvent_atoms.PDB_model_num 
_pdbx_distant_solvent_atoms.auth_atom_id 
_pdbx_distant_solvent_atoms.label_alt_id 
_pdbx_distant_solvent_atoms.auth_asym_id 
_pdbx_distant_solvent_atoms.auth_comp_id 
_pdbx_distant_solvent_atoms.auth_seq_id 
_pdbx_distant_solvent_atoms.PDB_ins_code 
_pdbx_distant_solvent_atoms.neighbor_macromolecule_distance 
_pdbx_distant_solvent_atoms.neighbor_ligand_distance 
1 1 O ? A HOH 179 ? 6.51 . 
2 1 O ? A HOH 190 ? 7.83 . 
3 1 O ? B HOH 148 ? 6.79 . 
4 1 O ? B HOH 159 ? 8.02 . 
5 1 O ? B HOH 194 ? 7.52 . 
# 
loop_
_pdbx_unobs_or_zero_occ_residues.id 
_pdbx_unobs_or_zero_occ_residues.PDB_model_num 
_pdbx_unobs_or_zero_occ_residues.polymer_flag 
_pdbx_unobs_or_zero_occ_residues.occupancy_flag 
_pdbx_unobs_or_zero_occ_residues.auth_asym_id 
_pdbx_unobs_or_zero_occ_residues.auth_comp_id 
_pdbx_unobs_or_zero_occ_residues.auth_seq_id 
_pdbx_unobs_or_zero_occ_residues.PDB_ins_code 
_pdbx_unobs_or_zero_occ_residues.label_asym_id 
_pdbx_unobs_or_zero_occ_residues.label_comp_id 
_pdbx_unobs_or_zero_occ_residues.label_seq_id 
1 1 Y 1 A PRO 1 ? A PRO 1 
2 1 Y 1 B PRO 1 ? B PRO 1 
# 
loop_
_chem_comp_atom.comp_id 
_chem_comp_atom.atom_id 
_chem_comp_atom.type_symbol 
_chem_comp_atom.pdbx_aromatic_flag 
_chem_comp_atom.pdbx_stereo_config 
_chem_comp_atom.pdbx_ordinal 
ALA N    N N N 1   
ALA CA   C N S 2   
ALA C    C N N 3   
ALA O    O N N 4   
ALA CB   C N N 5   
ALA OXT  O N N 6   
ALA H    H N N 7   
ALA H2   H N N 8   
ALA HA   H N N 9   
ALA HB1  H N N 10  
ALA HB2  H N N 11  
ALA HB3  H N N 12  
ALA HXT  H N N 13  
ARG N    N N N 14  
ARG CA   C N S 15  
ARG C    C N N 16  
ARG O    O N N 17  
ARG CB   C N N 18  
ARG CG   C N N 19  
ARG CD   C N N 20  
ARG NE   N N N 21  
ARG CZ   C N N 22  
ARG NH1  N N N 23  
ARG NH2  N N N 24  
ARG OXT  O N N 25  
ARG H    H N N 26  
ARG H2   H N N 27  
ARG HA   H N N 28  
ARG HB2  H N N 29  
ARG HB3  H N N 30  
ARG HG2  H N N 31  
ARG HG3  H N N 32  
ARG HD2  H N N 33  
ARG HD3  H N N 34  
ARG HE   H N N 35  
ARG HH11 H N N 36  
ARG HH12 H N N 37  
ARG HH21 H N N 38  
ARG HH22 H N N 39  
ARG HXT  H N N 40  
ASN N    N N N 41  
ASN CA   C N S 42  
ASN C    C N N 43  
ASN O    O N N 44  
ASN CB   C N N 45  
ASN CG   C N N 46  
ASN OD1  O N N 47  
ASN ND2  N N N 48  
ASN OXT  O N N 49  
ASN H    H N N 50  
ASN H2   H N N 51  
ASN HA   H N N 52  
ASN HB2  H N N 53  
ASN HB3  H N N 54  
ASN HD21 H N N 55  
ASN HD22 H N N 56  
ASN HXT  H N N 57  
ASP N    N N N 58  
ASP CA   C N S 59  
ASP C    C N N 60  
ASP O    O N N 61  
ASP CB   C N N 62  
ASP CG   C N N 63  
ASP OD1  O N N 64  
ASP OD2  O N N 65  
ASP OXT  O N N 66  
ASP H    H N N 67  
ASP H2   H N N 68  
ASP HA   H N N 69  
ASP HB2  H N N 70  
ASP HB3  H N N 71  
ASP HD2  H N N 72  
ASP HXT  H N N 73  
CYS N    N N N 74  
CYS CA   C N R 75  
CYS C    C N N 76  
CYS O    O N N 77  
CYS CB   C N N 78  
CYS SG   S N N 79  
CYS OXT  O N N 80  
CYS H    H N N 81  
CYS H2   H N N 82  
CYS HA   H N N 83  
CYS HB2  H N N 84  
CYS HB3  H N N 85  
CYS HG   H N N 86  
CYS HXT  H N N 87  
GLN N    N N N 88  
GLN CA   C N S 89  
GLN C    C N N 90  
GLN O    O N N 91  
GLN CB   C N N 92  
GLN CG   C N N 93  
GLN CD   C N N 94  
GLN OE1  O N N 95  
GLN NE2  N N N 96  
GLN OXT  O N N 97  
GLN H    H N N 98  
GLN H2   H N N 99  
GLN HA   H N N 100 
GLN HB2  H N N 101 
GLN HB3  H N N 102 
GLN HG2  H N N 103 
GLN HG3  H N N 104 
GLN HE21 H N N 105 
GLN HE22 H N N 106 
GLN HXT  H N N 107 
GLU N    N N N 108 
GLU CA   C N S 109 
GLU C    C N N 110 
GLU O    O N N 111 
GLU CB   C N N 112 
GLU CG   C N N 113 
GLU CD   C N N 114 
GLU OE1  O N N 115 
GLU OE2  O N N 116 
GLU OXT  O N N 117 
GLU H    H N N 118 
GLU H2   H N N 119 
GLU HA   H N N 120 
GLU HB2  H N N 121 
GLU HB3  H N N 122 
GLU HG2  H N N 123 
GLU HG3  H N N 124 
GLU HE2  H N N 125 
GLU HXT  H N N 126 
GLY N    N N N 127 
GLY CA   C N N 128 
GLY C    C N N 129 
GLY O    O N N 130 
GLY OXT  O N N 131 
GLY H    H N N 132 
GLY H2   H N N 133 
GLY HA2  H N N 134 
GLY HA3  H N N 135 
GLY HXT  H N N 136 
HIS N    N N N 137 
HIS CA   C N S 138 
HIS C    C N N 139 
HIS O    O N N 140 
HIS CB   C N N 141 
HIS CG   C Y N 142 
HIS ND1  N Y N 143 
HIS CD2  C Y N 144 
HIS CE1  C Y N 145 
HIS NE2  N Y N 146 
HIS OXT  O N N 147 
HIS H    H N N 148 
HIS H2   H N N 149 
HIS HA   H N N 150 
HIS HB2  H N N 151 
HIS HB3  H N N 152 
HIS HD1  H N N 153 
HIS HD2  H N N 154 
HIS HE1  H N N 155 
HIS HE2  H N N 156 
HIS HXT  H N N 157 
HOH O    O N N 158 
HOH H1   H N N 159 
HOH H2   H N N 160 
ILE N    N N N 161 
ILE CA   C N S 162 
ILE C    C N N 163 
ILE O    O N N 164 
ILE CB   C N S 165 
ILE CG1  C N N 166 
ILE CG2  C N N 167 
ILE CD1  C N N 168 
ILE OXT  O N N 169 
ILE H    H N N 170 
ILE H2   H N N 171 
ILE HA   H N N 172 
ILE HB   H N N 173 
ILE HG12 H N N 174 
ILE HG13 H N N 175 
ILE HG21 H N N 176 
ILE HG22 H N N 177 
ILE HG23 H N N 178 
ILE HD11 H N N 179 
ILE HD12 H N N 180 
ILE HD13 H N N 181 
ILE HXT  H N N 182 
LEU N    N N N 183 
LEU CA   C N S 184 
LEU C    C N N 185 
LEU O    O N N 186 
LEU CB   C N N 187 
LEU CG   C N N 188 
LEU CD1  C N N 189 
LEU CD2  C N N 190 
LEU OXT  O N N 191 
LEU H    H N N 192 
LEU H2   H N N 193 
LEU HA   H N N 194 
LEU HB2  H N N 195 
LEU HB3  H N N 196 
LEU HG   H N N 197 
LEU HD11 H N N 198 
LEU HD12 H N N 199 
LEU HD13 H N N 200 
LEU HD21 H N N 201 
LEU HD22 H N N 202 
LEU HD23 H N N 203 
LEU HXT  H N N 204 
LYS N    N N N 205 
LYS CA   C N S 206 
LYS C    C N N 207 
LYS O    O N N 208 
LYS CB   C N N 209 
LYS CG   C N N 210 
LYS CD   C N N 211 
LYS CE   C N N 212 
LYS NZ   N N N 213 
LYS OXT  O N N 214 
LYS H    H N N 215 
LYS H2   H N N 216 
LYS HA   H N N 217 
LYS HB2  H N N 218 
LYS HB3  H N N 219 
LYS HG2  H N N 220 
LYS HG3  H N N 221 
LYS HD2  H N N 222 
LYS HD3  H N N 223 
LYS HE2  H N N 224 
LYS HE3  H N N 225 
LYS HZ1  H N N 226 
LYS HZ2  H N N 227 
LYS HZ3  H N N 228 
LYS HXT  H N N 229 
MET N    N N N 230 
MET CA   C N S 231 
MET C    C N N 232 
MET O    O N N 233 
MET CB   C N N 234 
MET CG   C N N 235 
MET SD   S N N 236 
MET CE   C N N 237 
MET OXT  O N N 238 
MET H    H N N 239 
MET H2   H N N 240 
MET HA   H N N 241 
MET HB2  H N N 242 
MET HB3  H N N 243 
MET HG2  H N N 244 
MET HG3  H N N 245 
MET HE1  H N N 246 
MET HE2  H N N 247 
MET HE3  H N N 248 
MET HXT  H N N 249 
PHE N    N N N 250 
PHE CA   C N S 251 
PHE C    C N N 252 
PHE O    O N N 253 
PHE CB   C N N 254 
PHE CG   C Y N 255 
PHE CD1  C Y N 256 
PHE CD2  C Y N 257 
PHE CE1  C Y N 258 
PHE CE2  C Y N 259 
PHE CZ   C Y N 260 
PHE OXT  O N N 261 
PHE H    H N N 262 
PHE H2   H N N 263 
PHE HA   H N N 264 
PHE HB2  H N N 265 
PHE HB3  H N N 266 
PHE HD1  H N N 267 
PHE HD2  H N N 268 
PHE HE1  H N N 269 
PHE HE2  H N N 270 
PHE HZ   H N N 271 
PHE HXT  H N N 272 
PRO N    N N N 273 
PRO CA   C N S 274 
PRO C    C N N 275 
PRO O    O N N 276 
PRO CB   C N N 277 
PRO CG   C N N 278 
PRO CD   C N N 279 
PRO OXT  O N N 280 
PRO H    H N N 281 
PRO HA   H N N 282 
PRO HB2  H N N 283 
PRO HB3  H N N 284 
PRO HG2  H N N 285 
PRO HG3  H N N 286 
PRO HD2  H N N 287 
PRO HD3  H N N 288 
PRO HXT  H N N 289 
SER N    N N N 290 
SER CA   C N S 291 
SER C    C N N 292 
SER O    O N N 293 
SER CB   C N N 294 
SER OG   O N N 295 
SER OXT  O N N 296 
SER H    H N N 297 
SER H2   H N N 298 
SER HA   H N N 299 
SER HB2  H N N 300 
SER HB3  H N N 301 
SER HG   H N N 302 
SER HXT  H N N 303 
THR N    N N N 304 
THR CA   C N S 305 
THR C    C N N 306 
THR O    O N N 307 
THR CB   C N R 308 
THR OG1  O N N 309 
THR CG2  C N N 310 
THR OXT  O N N 311 
THR H    H N N 312 
THR H2   H N N 313 
THR HA   H N N 314 
THR HB   H N N 315 
THR HG1  H N N 316 
THR HG21 H N N 317 
THR HG22 H N N 318 
THR HG23 H N N 319 
THR HXT  H N N 320 
TRP N    N N N 321 
TRP CA   C N S 322 
TRP C    C N N 323 
TRP O    O N N 324 
TRP CB   C N N 325 
TRP CG   C Y N 326 
TRP CD1  C Y N 327 
TRP CD2  C Y N 328 
TRP NE1  N Y N 329 
TRP CE2  C Y N 330 
TRP CE3  C Y N 331 
TRP CZ2  C Y N 332 
TRP CZ3  C Y N 333 
TRP CH2  C Y N 334 
TRP OXT  O N N 335 
TRP H    H N N 336 
TRP H2   H N N 337 
TRP HA   H N N 338 
TRP HB2  H N N 339 
TRP HB3  H N N 340 
TRP HD1  H N N 341 
TRP HE1  H N N 342 
TRP HE3  H N N 343 
TRP HZ2  H N N 344 
TRP HZ3  H N N 345 
TRP HH2  H N N 346 
TRP HXT  H N N 347 
TYR N    N N N 348 
TYR CA   C N S 349 
TYR C    C N N 350 
TYR O    O N N 351 
TYR CB   C N N 352 
TYR CG   C Y N 353 
TYR CD1  C Y N 354 
TYR CD2  C Y N 355 
TYR CE1  C Y N 356 
TYR CE2  C Y N 357 
TYR CZ   C Y N 358 
TYR OH   O N N 359 
TYR OXT  O N N 360 
TYR H    H N N 361 
TYR H2   H N N 362 
TYR HA   H N N 363 
TYR HB2  H N N 364 
TYR HB3  H N N 365 
TYR HD1  H N N 366 
TYR HD2  H N N 367 
TYR HE1  H N N 368 
TYR HE2  H N N 369 
TYR HH   H N N 370 
TYR HXT  H N N 371 
VAL N    N N N 372 
VAL CA   C N S 373 
VAL C    C N N 374 
VAL O    O N N 375 
VAL CB   C N N 376 
VAL CG1  C N N 377 
VAL CG2  C N N 378 
VAL OXT  O N N 379 
VAL H    H N N 380 
VAL H2   H N N 381 
VAL HA   H N N 382 
VAL HB   H N N 383 
VAL HG11 H N N 384 
VAL HG12 H N N 385 
VAL HG13 H N N 386 
VAL HG21 H N N 387 
VAL HG22 H N N 388 
VAL HG23 H N N 389 
VAL HXT  H N N 390 
# 
loop_
_chem_comp_bond.comp_id 
_chem_comp_bond.atom_id_1 
_chem_comp_bond.atom_id_2 
_chem_comp_bond.value_order 
_chem_comp_bond.pdbx_aromatic_flag 
_chem_comp_bond.pdbx_stereo_config 
_chem_comp_bond.pdbx_ordinal 
ALA N   CA   sing N N 1   
ALA N   H    sing N N 2   
ALA N   H2   sing N N 3   
ALA CA  C    sing N N 4   
ALA CA  CB   sing N N 5   
ALA CA  HA   sing N N 6   
ALA C   O    doub N N 7   
ALA C   OXT  sing N N 8   
ALA CB  HB1  sing N N 9   
ALA CB  HB2  sing N N 10  
ALA CB  HB3  sing N N 11  
ALA OXT HXT  sing N N 12  
ARG N   CA   sing N N 13  
ARG N   H    sing N N 14  
ARG N   H2   sing N N 15  
ARG CA  C    sing N N 16  
ARG CA  CB   sing N N 17  
ARG CA  HA   sing N N 18  
ARG C   O    doub N N 19  
ARG C   OXT  sing N N 20  
ARG CB  CG   sing N N 21  
ARG CB  HB2  sing N N 22  
ARG CB  HB3  sing N N 23  
ARG CG  CD   sing N N 24  
ARG CG  HG2  sing N N 25  
ARG CG  HG3  sing N N 26  
ARG CD  NE   sing N N 27  
ARG CD  HD2  sing N N 28  
ARG CD  HD3  sing N N 29  
ARG NE  CZ   sing N N 30  
ARG NE  HE   sing N N 31  
ARG CZ  NH1  sing N N 32  
ARG CZ  NH2  doub N N 33  
ARG NH1 HH11 sing N N 34  
ARG NH1 HH12 sing N N 35  
ARG NH2 HH21 sing N N 36  
ARG NH2 HH22 sing N N 37  
ARG OXT HXT  sing N N 38  
ASN N   CA   sing N N 39  
ASN N   H    sing N N 40  
ASN N   H2   sing N N 41  
ASN CA  C    sing N N 42  
ASN CA  CB   sing N N 43  
ASN CA  HA   sing N N 44  
ASN C   O    doub N N 45  
ASN C   OXT  sing N N 46  
ASN CB  CG   sing N N 47  
ASN CB  HB2  sing N N 48  
ASN CB  HB3  sing N N 49  
ASN CG  OD1  doub N N 50  
ASN CG  ND2  sing N N 51  
ASN ND2 HD21 sing N N 52  
ASN ND2 HD22 sing N N 53  
ASN OXT HXT  sing N N 54  
ASP N   CA   sing N N 55  
ASP N   H    sing N N 56  
ASP N   H2   sing N N 57  
ASP CA  C    sing N N 58  
ASP CA  CB   sing N N 59  
ASP CA  HA   sing N N 60  
ASP C   O    doub N N 61  
ASP C   OXT  sing N N 62  
ASP CB  CG   sing N N 63  
ASP CB  HB2  sing N N 64  
ASP CB  HB3  sing N N 65  
ASP CG  OD1  doub N N 66  
ASP CG  OD2  sing N N 67  
ASP OD2 HD2  sing N N 68  
ASP OXT HXT  sing N N 69  
CYS N   CA   sing N N 70  
CYS N   H    sing N N 71  
CYS N   H2   sing N N 72  
CYS CA  C    sing N N 73  
CYS CA  CB   sing N N 74  
CYS CA  HA   sing N N 75  
CYS C   O    doub N N 76  
CYS C   OXT  sing N N 77  
CYS CB  SG   sing N N 78  
CYS CB  HB2  sing N N 79  
CYS CB  HB3  sing N N 80  
CYS SG  HG   sing N N 81  
CYS OXT HXT  sing N N 82  
GLN N   CA   sing N N 83  
GLN N   H    sing N N 84  
GLN N   H2   sing N N 85  
GLN CA  C    sing N N 86  
GLN CA  CB   sing N N 87  
GLN CA  HA   sing N N 88  
GLN C   O    doub N N 89  
GLN C   OXT  sing N N 90  
GLN CB  CG   sing N N 91  
GLN CB  HB2  sing N N 92  
GLN CB  HB3  sing N N 93  
GLN CG  CD   sing N N 94  
GLN CG  HG2  sing N N 95  
GLN CG  HG3  sing N N 96  
GLN CD  OE1  doub N N 97  
GLN CD  NE2  sing N N 98  
GLN NE2 HE21 sing N N 99  
GLN NE2 HE22 sing N N 100 
GLN OXT HXT  sing N N 101 
GLU N   CA   sing N N 102 
GLU N   H    sing N N 103 
GLU N   H2   sing N N 104 
GLU CA  C    sing N N 105 
GLU CA  CB   sing N N 106 
GLU CA  HA   sing N N 107 
GLU C   O    doub N N 108 
GLU C   OXT  sing N N 109 
GLU CB  CG   sing N N 110 
GLU CB  HB2  sing N N 111 
GLU CB  HB3  sing N N 112 
GLU CG  CD   sing N N 113 
GLU CG  HG2  sing N N 114 
GLU CG  HG3  sing N N 115 
GLU CD  OE1  doub N N 116 
GLU CD  OE2  sing N N 117 
GLU OE2 HE2  sing N N 118 
GLU OXT HXT  sing N N 119 
GLY N   CA   sing N N 120 
GLY N   H    sing N N 121 
GLY N   H2   sing N N 122 
GLY CA  C    sing N N 123 
GLY CA  HA2  sing N N 124 
GLY CA  HA3  sing N N 125 
GLY C   O    doub N N 126 
GLY C   OXT  sing N N 127 
GLY OXT HXT  sing N N 128 
HIS N   CA   sing N N 129 
HIS N   H    sing N N 130 
HIS N   H2   sing N N 131 
HIS CA  C    sing N N 132 
HIS CA  CB   sing N N 133 
HIS CA  HA   sing N N 134 
HIS C   O    doub N N 135 
HIS C   OXT  sing N N 136 
HIS CB  CG   sing N N 137 
HIS CB  HB2  sing N N 138 
HIS CB  HB3  sing N N 139 
HIS CG  ND1  sing Y N 140 
HIS CG  CD2  doub Y N 141 
HIS ND1 CE1  doub Y N 142 
HIS ND1 HD1  sing N N 143 
HIS CD2 NE2  sing Y N 144 
HIS CD2 HD2  sing N N 145 
HIS CE1 NE2  sing Y N 146 
HIS CE1 HE1  sing N N 147 
HIS NE2 HE2  sing N N 148 
HIS OXT HXT  sing N N 149 
HOH O   H1   sing N N 150 
HOH O   H2   sing N N 151 
ILE N   CA   sing N N 152 
ILE N   H    sing N N 153 
ILE N   H2   sing N N 154 
ILE CA  C    sing N N 155 
ILE CA  CB   sing N N 156 
ILE CA  HA   sing N N 157 
ILE C   O    doub N N 158 
ILE C   OXT  sing N N 159 
ILE CB  CG1  sing N N 160 
ILE CB  CG2  sing N N 161 
ILE CB  HB   sing N N 162 
ILE CG1 CD1  sing N N 163 
ILE CG1 HG12 sing N N 164 
ILE CG1 HG13 sing N N 165 
ILE CG2 HG21 sing N N 166 
ILE CG2 HG22 sing N N 167 
ILE CG2 HG23 sing N N 168 
ILE CD1 HD11 sing N N 169 
ILE CD1 HD12 sing N N 170 
ILE CD1 HD13 sing N N 171 
ILE OXT HXT  sing N N 172 
LEU N   CA   sing N N 173 
LEU N   H    sing N N 174 
LEU N   H2   sing N N 175 
LEU CA  C    sing N N 176 
LEU CA  CB   sing N N 177 
LEU CA  HA   sing N N 178 
LEU C   O    doub N N 179 
LEU C   OXT  sing N N 180 
LEU CB  CG   sing N N 181 
LEU CB  HB2  sing N N 182 
LEU CB  HB3  sing N N 183 
LEU CG  CD1  sing N N 184 
LEU CG  CD2  sing N N 185 
LEU CG  HG   sing N N 186 
LEU CD1 HD11 sing N N 187 
LEU CD1 HD12 sing N N 188 
LEU CD1 HD13 sing N N 189 
LEU CD2 HD21 sing N N 190 
LEU CD2 HD22 sing N N 191 
LEU CD2 HD23 sing N N 192 
LEU OXT HXT  sing N N 193 
LYS N   CA   sing N N 194 
LYS N   H    sing N N 195 
LYS N   H2   sing N N 196 
LYS CA  C    sing N N 197 
LYS CA  CB   sing N N 198 
LYS CA  HA   sing N N 199 
LYS C   O    doub N N 200 
LYS C   OXT  sing N N 201 
LYS CB  CG   sing N N 202 
LYS CB  HB2  sing N N 203 
LYS CB  HB3  sing N N 204 
LYS CG  CD   sing N N 205 
LYS CG  HG2  sing N N 206 
LYS CG  HG3  sing N N 207 
LYS CD  CE   sing N N 208 
LYS CD  HD2  sing N N 209 
LYS CD  HD3  sing N N 210 
LYS CE  NZ   sing N N 211 
LYS CE  HE2  sing N N 212 
LYS CE  HE3  sing N N 213 
LYS NZ  HZ1  sing N N 214 
LYS NZ  HZ2  sing N N 215 
LYS NZ  HZ3  sing N N 216 
LYS OXT HXT  sing N N 217 
MET N   CA   sing N N 218 
MET N   H    sing N N 219 
MET N   H2   sing N N 220 
MET CA  C    sing N N 221 
MET CA  CB   sing N N 222 
MET CA  HA   sing N N 223 
MET C   O    doub N N 224 
MET C   OXT  sing N N 225 
MET CB  CG   sing N N 226 
MET CB  HB2  sing N N 227 
MET CB  HB3  sing N N 228 
MET CG  SD   sing N N 229 
MET CG  HG2  sing N N 230 
MET CG  HG3  sing N N 231 
MET SD  CE   sing N N 232 
MET CE  HE1  sing N N 233 
MET CE  HE2  sing N N 234 
MET CE  HE3  sing N N 235 
MET OXT HXT  sing N N 236 
PHE N   CA   sing N N 237 
PHE N   H    sing N N 238 
PHE N   H2   sing N N 239 
PHE CA  C    sing N N 240 
PHE CA  CB   sing N N 241 
PHE CA  HA   sing N N 242 
PHE C   O    doub N N 243 
PHE C   OXT  sing N N 244 
PHE CB  CG   sing N N 245 
PHE CB  HB2  sing N N 246 
PHE CB  HB3  sing N N 247 
PHE CG  CD1  doub Y N 248 
PHE CG  CD2  sing Y N 249 
PHE CD1 CE1  sing Y N 250 
PHE CD1 HD1  sing N N 251 
PHE CD2 CE2  doub Y N 252 
PHE CD2 HD2  sing N N 253 
PHE CE1 CZ   doub Y N 254 
PHE CE1 HE1  sing N N 255 
PHE CE2 CZ   sing Y N 256 
PHE CE2 HE2  sing N N 257 
PHE CZ  HZ   sing N N 258 
PHE OXT HXT  sing N N 259 
PRO N   CA   sing N N 260 
PRO N   CD   sing N N 261 
PRO N   H    sing N N 262 
PRO CA  C    sing N N 263 
PRO CA  CB   sing N N 264 
PRO CA  HA   sing N N 265 
PRO C   O    doub N N 266 
PRO C   OXT  sing N N 267 
PRO CB  CG   sing N N 268 
PRO CB  HB2  sing N N 269 
PRO CB  HB3  sing N N 270 
PRO CG  CD   sing N N 271 
PRO CG  HG2  sing N N 272 
PRO CG  HG3  sing N N 273 
PRO CD  HD2  sing N N 274 
PRO CD  HD3  sing N N 275 
PRO OXT HXT  sing N N 276 
SER N   CA   sing N N 277 
SER N   H    sing N N 278 
SER N   H2   sing N N 279 
SER CA  C    sing N N 280 
SER CA  CB   sing N N 281 
SER CA  HA   sing N N 282 
SER C   O    doub N N 283 
SER C   OXT  sing N N 284 
SER CB  OG   sing N N 285 
SER CB  HB2  sing N N 286 
SER CB  HB3  sing N N 287 
SER OG  HG   sing N N 288 
SER OXT HXT  sing N N 289 
THR N   CA   sing N N 290 
THR N   H    sing N N 291 
THR N   H2   sing N N 292 
THR CA  C    sing N N 293 
THR CA  CB   sing N N 294 
THR CA  HA   sing N N 295 
THR C   O    doub N N 296 
THR C   OXT  sing N N 297 
THR CB  OG1  sing N N 298 
THR CB  CG2  sing N N 299 
THR CB  HB   sing N N 300 
THR OG1 HG1  sing N N 301 
THR CG2 HG21 sing N N 302 
THR CG2 HG22 sing N N 303 
THR CG2 HG23 sing N N 304 
THR OXT HXT  sing N N 305 
TRP N   CA   sing N N 306 
TRP N   H    sing N N 307 
TRP N   H2   sing N N 308 
TRP CA  C    sing N N 309 
TRP CA  CB   sing N N 310 
TRP CA  HA   sing N N 311 
TRP C   O    doub N N 312 
TRP C   OXT  sing N N 313 
TRP CB  CG   sing N N 314 
TRP CB  HB2  sing N N 315 
TRP CB  HB3  sing N N 316 
TRP CG  CD1  doub Y N 317 
TRP CG  CD2  sing Y N 318 
TRP CD1 NE1  sing Y N 319 
TRP CD1 HD1  sing N N 320 
TRP CD2 CE2  doub Y N 321 
TRP CD2 CE3  sing Y N 322 
TRP NE1 CE2  sing Y N 323 
TRP NE1 HE1  sing N N 324 
TRP CE2 CZ2  sing Y N 325 
TRP CE3 CZ3  doub Y N 326 
TRP CE3 HE3  sing N N 327 
TRP CZ2 CH2  doub Y N 328 
TRP CZ2 HZ2  sing N N 329 
TRP CZ3 CH2  sing Y N 330 
TRP CZ3 HZ3  sing N N 331 
TRP CH2 HH2  sing N N 332 
TRP OXT HXT  sing N N 333 
TYR N   CA   sing N N 334 
TYR N   H    sing N N 335 
TYR N   H2   sing N N 336 
TYR CA  C    sing N N 337 
TYR CA  CB   sing N N 338 
TYR CA  HA   sing N N 339 
TYR C   O    doub N N 340 
TYR C   OXT  sing N N 341 
TYR CB  CG   sing N N 342 
TYR CB  HB2  sing N N 343 
TYR CB  HB3  sing N N 344 
TYR CG  CD1  doub Y N 345 
TYR CG  CD2  sing Y N 346 
TYR CD1 CE1  sing Y N 347 
TYR CD1 HD1  sing N N 348 
TYR CD2 CE2  doub Y N 349 
TYR CD2 HD2  sing N N 350 
TYR CE1 CZ   doub Y N 351 
TYR CE1 HE1  sing N N 352 
TYR CE2 CZ   sing Y N 353 
TYR CE2 HE2  sing N N 354 
TYR CZ  OH   sing N N 355 
TYR OH  HH   sing N N 356 
TYR OXT HXT  sing N N 357 
VAL N   CA   sing N N 358 
VAL N   H    sing N N 359 
VAL N   H2   sing N N 360 
VAL CA  C    sing N N 361 
VAL CA  CB   sing N N 362 
VAL CA  HA   sing N N 363 
VAL C   O    doub N N 364 
VAL C   OXT  sing N N 365 
VAL CB  CG1  sing N N 366 
VAL CB  CG2  sing N N 367 
VAL CB  HB   sing N N 368 
VAL CG1 HG11 sing N N 369 
VAL CG1 HG12 sing N N 370 
VAL CG1 HG13 sing N N 371 
VAL CG2 HG21 sing N N 372 
VAL CG2 HG22 sing N N 373 
VAL CG2 HG23 sing N N 374 
VAL OXT HXT  sing N N 375 
# 
_atom_sites.entry_id                    1G1C 
_atom_sites.fract_transf_matrix[1][1]   -0.00504303 
_atom_sites.fract_transf_matrix[1][2]   0.02105135 
_atom_sites.fract_transf_matrix[1][3]   0.01459934 
_atom_sites.fract_transf_matrix[2][1]   0.01244383 
_atom_sites.fract_transf_matrix[2][2]   0.00258996 
_atom_sites.fract_transf_matrix[2][3]   0.00056389 
_atom_sites.fract_transf_matrix[3][1]   -0.00098104 
_atom_sites.fract_transf_matrix[3][2]   0.00697798 
_atom_sites.fract_transf_matrix[3][3]   -0.01040069 
_atom_sites.fract_transf_vector[1]      0.669220 
_atom_sites.fract_transf_vector[2]      0.538859 
_atom_sites.fract_transf_vector[3]      0.398317 
# 
loop_
_atom_type.symbol 
C 
N 
O 
S 
# 
loop_
_atom_site.group_PDB 
_atom_site.id 
_atom_site.type_symbol 
_atom_site.label_atom_id 
_atom_site.label_alt_id 
_atom_site.label_comp_id 
_atom_site.label_asym_id 
_atom_site.label_entity_id 
_atom_site.label_seq_id 
_atom_site.pdbx_PDB_ins_code 
_atom_site.Cartn_x 
_atom_site.Cartn_y 
_atom_site.Cartn_z 
_atom_site.occupancy 
_atom_site.B_iso_or_equiv 
_atom_site.pdbx_formal_charge 
_atom_site.auth_seq_id 
_atom_site.auth_comp_id 
_atom_site.auth_asym_id 
_atom_site.auth_atom_id 
_atom_site.pdbx_PDB_model_num 
ATOM   1    N N   . SER A 1 2  ? -41.520 -7.981  -17.800 1.00 53.98 ? 2   SER A N   1 
ATOM   2    C CA  . SER A 1 2  ? -40.603 -8.908  -18.537 1.00 53.87 ? 2   SER A CA  1 
ATOM   3    C C   . SER A 1 2  ? -39.204 -8.953  -17.923 1.00 52.96 ? 2   SER A C   1 
ATOM   4    O O   . SER A 1 2  ? -38.281 -8.284  -18.398 1.00 55.17 ? 2   SER A O   1 
ATOM   5    C CB  . SER A 1 2  ? -40.482 -8.505  -20.004 1.00 52.19 ? 2   SER A CB  1 
ATOM   6    O OG  . SER A 1 2  ? -39.919 -9.570  -20.751 1.00 55.16 ? 2   SER A OG  1 
ATOM   7    N N   . MET A 1 3  ? -39.073 -9.761  -16.873 1.00 49.77 ? 3   MET A N   1 
ATOM   8    C CA  . MET A 1 3  ? -37.841 -9.967  -16.125 1.00 43.05 ? 3   MET A CA  1 
ATOM   9    C C   . MET A 1 3  ? -36.869 -10.873 -16.879 1.00 43.29 ? 3   MET A C   1 
ATOM   10   O O   . MET A 1 3  ? -37.280 -11.819 -17.571 1.00 43.62 ? 3   MET A O   1 
ATOM   11   C CB  . MET A 1 3  ? -38.185 -10.600 -14.785 1.00 41.48 ? 3   MET A CB  1 
ATOM   12   C CG  . MET A 1 3  ? -39.010 -11.856 -14.943 1.00 37.45 ? 3   MET A CG  1 
ATOM   13   S SD  . MET A 1 3  ? -39.419 -12.636 -13.371 1.00 41.84 ? 3   MET A SD  1 
ATOM   14   C CE  . MET A 1 3  ? -39.351 -14.448 -13.865 1.00 42.32 ? 3   MET A CE  1 
ATOM   15   N N   . GLU A 1 4  ? -35.577 -10.585 -16.728 1.00 40.14 ? 4   GLU A N   1 
ATOM   16   C CA  . GLU A 1 4  ? -34.529 -11.352 -17.397 1.00 36.85 ? 4   GLU A CA  1 
ATOM   17   C C   . GLU A 1 4  ? -33.512 -11.823 -16.372 1.00 31.49 ? 4   GLU A C   1 
ATOM   18   O O   . GLU A 1 4  ? -32.952 -11.008 -15.644 1.00 28.51 ? 4   GLU A O   1 
ATOM   19   C CB  . GLU A 1 4  ? -33.860 -10.476 -18.456 1.00 38.22 ? 4   GLU A CB  1 
ATOM   20   C CG  . GLU A 1 4  ? -34.895 -9.806  -19.350 1.00 46.70 ? 4   GLU A CG  1 
ATOM   21   C CD  . GLU A 1 4  ? -34.293 -9.076  -20.539 1.00 52.55 ? 4   GLU A CD  1 
ATOM   22   O OE1 . GLU A 1 4  ? -33.404 -8.217  -20.321 1.00 55.72 ? 4   GLU A OE1 1 
ATOM   23   O OE2 . GLU A 1 4  ? -34.719 -9.352  -21.690 1.00 50.75 ? 4   GLU A OE2 1 
ATOM   24   N N   . ALA A 1 5  ? -33.273 -13.131 -16.323 1.00 27.63 ? 5   ALA A N   1 
ATOM   25   C CA  . ALA A 1 5  ? -32.317 -13.688 -15.363 1.00 28.37 ? 5   ALA A CA  1 
ATOM   26   C C   . ALA A 1 5  ? -30.905 -13.153 -15.635 1.00 23.84 ? 5   ALA A C   1 
ATOM   27   O O   . ALA A 1 5  ? -30.523 -12.923 -16.787 1.00 23.37 ? 5   ALA A O   1 
ATOM   28   C CB  . ALA A 1 5  ? -32.327 -15.229 -15.411 1.00 25.72 ? 5   ALA A CB  1 
ATOM   29   N N   . PRO A 1 6  ? -30.107 -12.966 -14.566 1.00 22.25 ? 6   PRO A N   1 
ATOM   30   C CA  . PRO A 1 6  ? -28.734 -12.452 -14.687 1.00 21.33 ? 6   PRO A CA  1 
ATOM   31   C C   . PRO A 1 6  ? -27.869 -13.272 -15.652 1.00 18.88 ? 6   PRO A C   1 
ATOM   32   O O   . PRO A 1 6  ? -27.926 -14.501 -15.659 1.00 21.06 ? 6   PRO A O   1 
ATOM   33   C CB  . PRO A 1 6  ? -28.191 -12.541 -13.255 1.00 18.50 ? 6   PRO A CB  1 
ATOM   34   C CG  . PRO A 1 6  ? -29.397 -12.659 -12.404 1.00 20.53 ? 6   PRO A CG  1 
ATOM   35   C CD  . PRO A 1 6  ? -30.344 -13.489 -13.217 1.00 21.34 ? 6   PRO A CD  1 
ATOM   36   N N   . LYS A 1 7  ? -27.071 -12.581 -16.453 1.00 17.66 ? 7   LYS A N   1 
ATOM   37   C CA  . LYS A 1 7  ? -26.167 -13.222 -17.401 1.00 16.20 ? 7   LYS A CA  1 
ATOM   38   C C   . LYS A 1 7  ? -24.775 -12.639 -17.266 1.00 17.25 ? 7   LYS A C   1 
ATOM   39   O O   . LYS A 1 7  ? -24.576 -11.433 -17.354 1.00 14.70 ? 7   LYS A O   1 
ATOM   40   C CB  . LYS A 1 7  ? -26.668 -13.025 -18.825 1.00 16.14 ? 7   LYS A CB  1 
ATOM   41   C CG  . LYS A 1 7  ? -27.983 -13.724 -19.083 1.00 15.87 ? 7   LYS A CG  1 
ATOM   42   C CD  . LYS A 1 7  ? -28.562 -13.363 -20.435 1.00 24.42 ? 7   LYS A CD  1 
ATOM   43   C CE  . LYS A 1 7  ? -30.039 -13.809 -20.523 1.00 34.64 ? 7   LYS A CE  1 
ATOM   44   N NZ  . LYS A 1 7  ? -30.990 -13.243 -19.460 1.00 33.35 ? 7   LYS A NZ  1 
ATOM   45   N N   . ILE A 1 8  ? -23.801 -13.507 -17.024 1.00 17.04 ? 8   ILE A N   1 
ATOM   46   C CA  . ILE A 1 8  ? -22.445 -13.052 -16.882 1.00 15.27 ? 8   ILE A CA  1 
ATOM   47   C C   . ILE A 1 8  ? -21.782 -12.930 -18.253 1.00 17.44 ? 8   ILE A C   1 
ATOM   48   O O   . ILE A 1 8  ? -21.752 -13.896 -19.005 1.00 15.49 ? 8   ILE A O   1 
ATOM   49   C CB  . ILE A 1 8  ? -21.616 -14.040 -16.012 1.00 17.26 ? 8   ILE A CB  1 
ATOM   50   C CG1 . ILE A 1 8  ? -22.038 -13.925 -14.536 1.00 16.81 ? 8   ILE A CG1 1 
ATOM   51   C CG2 . ILE A 1 8  ? -20.113 -13.743 -16.163 1.00 13.57 ? 8   ILE A CG2 1 
ATOM   52   C CD1 . ILE A 1 8  ? -21.627 -15.138 -13.695 1.00 23.61 ? 8   ILE A CD1 1 
ATOM   53   N N   . PHE A 1 9  ? -21.252 -11.747 -18.559 1.00 15.88 ? 9   PHE A N   1 
ATOM   54   C CA  . PHE A 1 9  ? -20.552 -11.542 -19.810 1.00 17.76 ? 9   PHE A CA  1 
ATOM   55   C C   . PHE A 1 9  ? -19.065 -11.754 -19.620 1.00 17.17 ? 9   PHE A C   1 
ATOM   56   O O   . PHE A 1 9  ? -18.369 -12.126 -20.549 1.00 19.13 ? 9   PHE A O   1 
ATOM   57   C CB  . PHE A 1 9  ? -20.757 -10.121 -20.344 1.00 15.51 ? 9   PHE A CB  1 
ATOM   58   C CG  . PHE A 1 9  ? -22.131 -9.864  -20.868 1.00 19.95 ? 9   PHE A CG  1 
ATOM   59   C CD1 . PHE A 1 9  ? -23.030 -10.902 -21.032 1.00 18.62 ? 9   PHE A CD1 1 
ATOM   60   C CD2 . PHE A 1 9  ? -22.520 -8.567  -21.218 1.00 22.00 ? 9   PHE A CD2 1 
ATOM   61   C CE1 . PHE A 1 9  ? -24.300 -10.666 -21.541 1.00 21.44 ? 9   PHE A CE1 1 
ATOM   62   C CE2 . PHE A 1 9  ? -23.786 -8.319  -21.732 1.00 22.77 ? 9   PHE A CE2 1 
ATOM   63   C CZ  . PHE A 1 9  ? -24.679 -9.378  -21.892 1.00 21.13 ? 9   PHE A CZ  1 
ATOM   64   N N   . GLU A 1 10 ? -18.570 -11.459 -18.422 1.00 18.48 ? 10  GLU A N   1 
ATOM   65   C CA  . GLU A 1 10 ? -17.146 -11.619 -18.122 1.00 16.98 ? 10  GLU A CA  1 
ATOM   66   C C   . GLU A 1 10 ? -17.025 -12.303 -16.773 1.00 17.63 ? 10  GLU A C   1 
ATOM   67   O O   . GLU A 1 10 ? -17.458 -11.769 -15.752 1.00 14.76 ? 10  GLU A O   1 
ATOM   68   C CB  . GLU A 1 10 ? -16.433 -10.261 -18.089 1.00 16.22 ? 10  GLU A CB  1 
ATOM   69   C CG  . GLU A 1 10 ? -16.349 -9.558  -19.452 1.00 27.14 ? 10  GLU A CG  1 
ATOM   70   C CD  . GLU A 1 10 ? -15.753 -8.165  -19.326 1.00 28.82 ? 10  GLU A CD  1 
ATOM   71   O OE1 . GLU A 1 10 ? -14.825 -7.980  -18.509 1.00 35.47 ? 10  GLU A OE1 1 
ATOM   72   O OE2 . GLU A 1 10 ? -16.213 -7.248  -20.031 1.00 33.98 ? 10  GLU A OE2 1 
ATOM   73   N N   . ARG A 1 11 ? -16.443 -13.492 -16.796 1.00 14.56 ? 11  ARG A N   1 
ATOM   74   C CA  . ARG A 1 11 ? -16.263 -14.292 -15.595 1.00 15.98 ? 11  ARG A CA  1 
ATOM   75   C C   . ARG A 1 11 ? -15.158 -13.775 -14.706 1.00 16.26 ? 11  ARG A C   1 
ATOM   76   O O   . ARG A 1 11 ? -14.302 -12.997 -15.144 1.00 16.21 ? 11  ARG A O   1 
ATOM   77   C CB  . ARG A 1 11 ? -15.905 -15.711 -16.002 1.00 17.19 ? 11  ARG A CB  1 
ATOM   78   C CG  . ARG A 1 11 ? -16.899 -16.343 -16.928 1.00 14.96 ? 11  ARG A CG  1 
ATOM   79   C CD  . ARG A 1 11 ? -16.231 -17.453 -17.686 1.00 18.65 ? 11  ARG A CD  1 
ATOM   80   N NE  . ARG A 1 11 ? -15.299 -16.937 -18.683 1.00 19.42 ? 11  ARG A NE  1 
ATOM   81   C CZ  . ARG A 1 11 ? -14.459 -17.696 -19.390 1.00 24.15 ? 11  ARG A CZ  1 
ATOM   82   N NH1 . ARG A 1 11 ? -13.655 -17.128 -20.294 1.00 23.22 ? 11  ARG A NH1 1 
ATOM   83   N NH2 . ARG A 1 11 ? -14.394 -19.016 -19.183 1.00 17.22 ? 11  ARG A NH2 1 
ATOM   84   N N   . ILE A 1 12 ? -15.139 -14.237 -13.460 1.00 15.35 ? 12  ILE A N   1 
ATOM   85   C CA  . ILE A 1 12 ? -14.061 -13.824 -12.579 1.00 15.77 ? 12  ILE A CA  1 
ATOM   86   C C   . ILE A 1 12 ? -12.852 -14.704 -12.878 1.00 17.66 ? 12  ILE A C   1 
ATOM   87   O O   . ILE A 1 12 ? -12.982 -15.837 -13.350 1.00 17.77 ? 12  ILE A O   1 
ATOM   88   C CB  . ILE A 1 12 ? -14.459 -13.899 -11.049 1.00 17.22 ? 12  ILE A CB  1 
ATOM   89   C CG1 . ILE A 1 12 ? -14.800 -15.340 -10.621 1.00 11.49 ? 12  ILE A CG1 1 
ATOM   90   C CG2 . ILE A 1 12 ? -15.673 -12.972 -10.807 1.00 15.97 ? 12  ILE A CG2 1 
ATOM   91   C CD1 . ILE A 1 12 ? -15.068 -15.490 -9.109  1.00 15.15 ? 12  ILE A CD1 1 
ATOM   92   N N   . GLN A 1 13 ? -11.670 -14.168 -12.620 1.00 19.85 ? 13  GLN A N   1 
ATOM   93   C CA  . GLN A 1 13 ? -10.437 -14.896 -12.867 1.00 23.42 ? 13  GLN A CA  1 
ATOM   94   C C   . GLN A 1 13 ? -9.688  -15.102 -11.566 1.00 24.58 ? 13  GLN A C   1 
ATOM   95   O O   . GLN A 1 13 ? -9.741  -14.243 -10.669 1.00 20.13 ? 13  GLN A O   1 
ATOM   96   C CB  . GLN A 1 13 ? -9.532  -14.107 -13.806 1.00 27.36 ? 13  GLN A CB  1 
ATOM   97   C CG  . GLN A 1 13 ? -10.066 -13.929 -15.204 1.00 32.80 ? 13  GLN A CG  1 
ATOM   98   C CD  . GLN A 1 13 ? -9.271  -12.860 -15.941 1.00 35.93 ? 13  GLN A CD  1 
ATOM   99   O OE1 . GLN A 1 13 ? -9.771  -11.759 -16.197 1.00 36.46 ? 13  GLN A OE1 1 
ATOM   100  N NE2 . GLN A 1 13 ? -8.018  -13.169 -16.255 1.00 32.78 ? 13  GLN A NE2 1 
ATOM   101  N N   . SER A 1 14 ? -8.991  -16.235 -11.482 1.00 22.62 ? 14  SER A N   1 
ATOM   102  C CA  . SER A 1 14 ? -8.206  -16.570 -10.294 1.00 26.86 ? 14  SER A CA  1 
ATOM   103  C C   . SER A 1 14 ? -7.030  -15.618 -10.079 1.00 28.77 ? 14  SER A C   1 
ATOM   104  O O   . SER A 1 14 ? -6.444  -15.106 -11.031 1.00 33.27 ? 14  SER A O   1 
ATOM   105  C CB  . SER A 1 14 ? -7.694  -18.007 -10.401 1.00 23.50 ? 14  SER A CB  1 
ATOM   106  O OG  . SER A 1 14 ? -8.799  -18.891 -10.521 1.00 28.49 ? 14  SER A OG  1 
ATOM   107  N N   . GLN A 1 15 ? -6.699  -15.376 -8.817  1.00 28.12 ? 15  GLN A N   1 
ATOM   108  C CA  . GLN A 1 15 ? -5.601  -14.489 -8.471  1.00 30.52 ? 15  GLN A CA  1 
ATOM   109  C C   . GLN A 1 15 ? -4.627  -15.166 -7.509  1.00 33.08 ? 15  GLN A C   1 
ATOM   110  O O   . GLN A 1 15 ? -5.030  -15.886 -6.581  1.00 28.29 ? 15  GLN A O   1 
ATOM   111  C CB  . GLN A 1 15 ? -6.121  -13.255 -7.760  1.00 30.02 ? 15  GLN A CB  1 
ATOM   112  C CG  . GLN A 1 15 ? -7.366  -12.628 -8.353  1.00 37.10 ? 15  GLN A CG  1 
ATOM   113  C CD  . GLN A 1 15 ? -7.070  -11.727 -9.528  1.00 40.06 ? 15  GLN A CD  1 
ATOM   114  O OE1 . GLN A 1 15 ? -6.055  -11.012 -9.536  1.00 38.70 ? 15  GLN A OE1 1 
ATOM   115  N NE2 . GLN A 1 15 ? -7.975  -11.725 -10.524 1.00 44.52 ? 15  GLN A NE2 1 
ATOM   116  N N   . THR A 1 16 ? -3.344  -14.921 -7.731  1.00 34.52 ? 16  THR A N   1 
ATOM   117  C CA  . THR A 1 16 ? -2.296  -15.414 -6.842  1.00 33.00 ? 16  THR A CA  1 
ATOM   118  C C   . THR A 1 16 ? -1.704  -14.085 -6.397  1.00 32.70 ? 16  THR A C   1 
ATOM   119  O O   . THR A 1 16 ? -1.148  -13.349 -7.201  1.00 36.38 ? 16  THR A O   1 
ATOM   120  C CB  . THR A 1 16 ? -1.264  -16.238 -7.589  1.00 31.81 ? 16  THR A CB  1 
ATOM   121  O OG1 . THR A 1 16 ? -1.843  -17.492 -7.964  1.00 33.78 ? 16  THR A OG1 1 
ATOM   122  C CG2 . THR A 1 16 ? -0.079  -16.504 -6.701  1.00 35.76 ? 16  THR A CG2 1 
ATOM   123  N N   . VAL A 1 17 ? -1.848  -13.768 -5.120  1.00 33.22 ? 17  VAL A N   1 
ATOM   124  C CA  . VAL A 1 17 ? -1.393  -12.489 -4.604  1.00 36.48 ? 17  VAL A CA  1 
ATOM   125  C C   . VAL A 1 17 ? -0.438  -12.591 -3.424  1.00 40.63 ? 17  VAL A C   1 
ATOM   126  O O   . VAL A 1 17 ? -0.591  -13.441 -2.531  1.00 40.07 ? 17  VAL A O   1 
ATOM   127  C CB  . VAL A 1 17 ? -2.616  -11.626 -4.181  1.00 34.65 ? 17  VAL A CB  1 
ATOM   128  C CG1 . VAL A 1 17 ? -2.159  -10.312 -3.605  1.00 37.11 ? 17  VAL A CG1 1 
ATOM   129  C CG2 . VAL A 1 17 ? -3.537  -11.387 -5.386  1.00 33.10 ? 17  VAL A CG2 1 
ATOM   130  N N   . GLY A 1 18 ? 0.551   -11.703 -3.424  1.00 44.69 ? 18  GLY A N   1 
ATOM   131  C CA  . GLY A 1 18 ? 1.521   -11.692 -2.345  1.00 44.48 ? 18  GLY A CA  1 
ATOM   132  C C   . GLY A 1 18 ? 0.852   -11.275 -1.055  1.00 45.16 ? 18  GLY A C   1 
ATOM   133  O O   . GLY A 1 18 ? 0.051   -10.336 -1.040  1.00 44.59 ? 18  GLY A O   1 
ATOM   134  N N   . GLN A 1 19 ? 1.160   -11.988 0.023   1.00 46.37 ? 19  GLN A N   1 
ATOM   135  C CA  . GLN A 1 19 ? 0.598   -11.670 1.327   1.00 47.36 ? 19  GLN A CA  1 
ATOM   136  C C   . GLN A 1 19 ? 0.888   -10.198 1.558   1.00 47.28 ? 19  GLN A C   1 
ATOM   137  O O   . GLN A 1 19 ? 1.992   -9.730  1.261   1.00 48.85 ? 19  GLN A O   1 
ATOM   138  C CB  . GLN A 1 19 ? 1.257   -12.521 2.415   1.00 48.83 ? 19  GLN A CB  1 
ATOM   139  C CG  . GLN A 1 19 ? 0.776   -12.215 3.828   1.00 50.10 ? 19  GLN A CG  1 
ATOM   140  C CD  . GLN A 1 19 ? 1.747   -11.338 4.586   1.00 55.54 ? 19  GLN A CD  1 
ATOM   141  O OE1 . GLN A 1 19 ? 1.405   -10.747 5.622   1.00 57.64 ? 19  GLN A OE1 1 
ATOM   142  N NE2 . GLN A 1 19 ? 2.980   -11.256 4.083   1.00 55.11 ? 19  GLN A NE2 1 
ATOM   143  N N   . GLY A 1 20 ? -0.097  -9.461  2.063   1.00 46.28 ? 20  GLY A N   1 
ATOM   144  C CA  . GLY A 1 20 ? 0.111   -8.038  2.277   1.00 43.17 ? 20  GLY A CA  1 
ATOM   145  C C   . GLY A 1 20 ? -0.480  -7.214  1.144   1.00 42.40 ? 20  GLY A C   1 
ATOM   146  O O   . GLY A 1 20 ? -0.891  -6.079  1.372   1.00 45.21 ? 20  GLY A O   1 
ATOM   147  N N   . SER A 1 21 ? -0.512  -7.758  -0.075  1.00 39.26 ? 21  SER A N   1 
ATOM   148  C CA  . SER A 1 21 ? -1.111  -7.046  -1.207  1.00 39.25 ? 21  SER A CA  1 
ATOM   149  C C   . SER A 1 21 ? -2.638  -7.225  -1.215  1.00 36.06 ? 21  SER A C   1 
ATOM   150  O O   . SER A 1 21 ? -3.197  -7.953  -0.393  1.00 38.19 ? 21  SER A O   1 
ATOM   151  C CB  . SER A 1 21 ? -0.525  -7.544  -2.528  1.00 40.31 ? 21  SER A CB  1 
ATOM   152  O OG  . SER A 1 21 ? 0.780   -7.034  -2.715  1.00 43.13 ? 21  SER A OG  1 
ATOM   153  N N   . ASP A 1 22 ? -3.312  -6.564  -2.146  1.00 36.11 ? 22  ASP A N   1 
ATOM   154  C CA  . ASP A 1 22 ? -4.774  -6.643  -2.230  1.00 33.75 ? 22  ASP A CA  1 
ATOM   155  C C   . ASP A 1 22 ? -5.262  -7.519  -3.384  1.00 29.41 ? 22  ASP A C   1 
ATOM   156  O O   . ASP A 1 22 ? -4.735  -7.446  -4.483  1.00 30.92 ? 22  ASP A O   1 
ATOM   157  C CB  . ASP A 1 22 ? -5.372  -5.249  -2.427  1.00 35.65 ? 22  ASP A CB  1 
ATOM   158  C CG  . ASP A 1 22 ? -5.085  -4.310  -1.282  1.00 37.05 ? 22  ASP A CG  1 
ATOM   159  O OD1 . ASP A 1 22 ? -4.971  -4.755  -0.122  1.00 40.11 ? 22  ASP A OD1 1 
ATOM   160  O OD2 . ASP A 1 22 ? -5.004  -3.100  -1.555  1.00 41.92 ? 22  ASP A OD2 1 
ATOM   161  N N   . ALA A 1 23 ? -6.275  -8.337  -3.148  1.00 27.83 ? 23  ALA A N   1 
ATOM   162  C CA  . ALA A 1 23 ? -6.809  -9.168  -4.235  1.00 27.63 ? 23  ALA A CA  1 
ATOM   163  C C   . ALA A 1 23 ? -8.079  -8.487  -4.817  1.00 22.58 ? 23  ALA A C   1 
ATOM   164  O O   . ALA A 1 23 ? -8.902  -7.967  -4.064  1.00 18.60 ? 23  ALA A O   1 
ATOM   165  C CB  . ALA A 1 23 ? -7.134  -10.596 -3.720  1.00 24.45 ? 23  ALA A CB  1 
ATOM   166  N N   . HIS A 1 24 ? -8.203  -8.513  -6.148  1.00 22.16 ? 24  HIS A N   1 
ATOM   167  C CA  . HIS A 1 24 ? -9.323  -7.924  -6.879  1.00 23.69 ? 24  HIS A CA  1 
ATOM   168  C C   . HIS A 1 24 ? -10.004 -8.935  -7.781  1.00 24.16 ? 24  HIS A C   1 
ATOM   169  O O   . HIS A 1 24 ? -9.332  -9.668  -8.505  1.00 23.69 ? 24  HIS A O   1 
ATOM   170  C CB  . HIS A 1 24 ? -8.835  -6.789  -7.768  1.00 28.68 ? 24  HIS A CB  1 
ATOM   171  C CG  . HIS A 1 24 ? -8.460  -5.553  -7.018  1.00 31.00 ? 24  HIS A CG  1 
ATOM   172  N ND1 . HIS A 1 24 ? -9.365  -4.550  -6.741  1.00 29.62 ? 24  HIS A ND1 1 
ATOM   173  C CD2 . HIS A 1 24 ? -7.288  -5.173  -6.462  1.00 33.16 ? 24  HIS A CD2 1 
ATOM   174  C CE1 . HIS A 1 24 ? -8.764  -3.601  -6.048  1.00 35.10 ? 24  HIS A CE1 1 
ATOM   175  N NE2 . HIS A 1 24 ? -7.502  -3.953  -5.864  1.00 38.92 ? 24  HIS A NE2 1 
ATOM   176  N N   . PHE A 1 25 ? -11.336 -8.937  -7.763  1.00 20.67 ? 25  PHE A N   1 
ATOM   177  C CA  . PHE A 1 25 ? -12.130 -9.830  -8.584  1.00 16.81 ? 25  PHE A CA  1 
ATOM   178  C C   . PHE A 1 25 ? -13.254 -9.018  -9.233  1.00 19.39 ? 25  PHE A C   1 
ATOM   179  O O   . PHE A 1 25 ? -13.888 -8.193  -8.573  1.00 21.24 ? 25  PHE A O   1 
ATOM   180  C CB  . PHE A 1 25 ? -12.690 -10.937 -7.707  1.00 17.91 ? 25  PHE A CB  1 
ATOM   181  C CG  . PHE A 1 25 ? -11.666 -11.944 -7.287  1.00 18.68 ? 25  PHE A CG  1 
ATOM   182  C CD1 . PHE A 1 25 ? -11.331 -13.010 -8.124  1.00 18.81 ? 25  PHE A CD1 1 
ATOM   183  C CD2 . PHE A 1 25 ? -11.021 -11.821 -6.045  1.00 21.01 ? 25  PHE A CD2 1 
ATOM   184  C CE1 . PHE A 1 25 ? -10.360 -13.968 -7.739  1.00 17.28 ? 25  PHE A CE1 1 
ATOM   185  C CE2 . PHE A 1 25 ? -10.043 -12.763 -5.641  1.00 21.89 ? 25  PHE A CE2 1 
ATOM   186  C CZ  . PHE A 1 25 ? -9.714  -13.842 -6.495  1.00 22.01 ? 25  PHE A CZ  1 
ATOM   187  N N   . ARG A 1 26 ? -13.495 -9.248  -10.515 1.00 15.68 ? 26  ARG A N   1 
ATOM   188  C CA  . ARG A 1 26 ? -14.516 -8.502  -11.230 1.00 17.75 ? 26  ARG A CA  1 
ATOM   189  C C   . ARG A 1 26 ? -15.343 -9.391  -12.143 1.00 18.84 ? 26  ARG A C   1 
ATOM   190  O O   . ARG A 1 26 ? -14.816 -10.284 -12.831 1.00 19.94 ? 26  ARG A O   1 
ATOM   191  C CB  . ARG A 1 26 ? -13.899 -7.427  -12.148 1.00 20.21 ? 26  ARG A CB  1 
ATOM   192  C CG  . ARG A 1 26 ? -12.842 -6.546  -11.559 1.00 22.47 ? 26  ARG A CG  1 
ATOM   193  C CD  . ARG A 1 26 ? -12.195 -5.686  -12.644 1.00 29.60 ? 26  ARG A CD  1 
ATOM   194  N NE  . ARG A 1 26 ? -12.698 -4.321  -12.562 1.00 39.59 ? 26  ARG A NE  1 
ATOM   195  C CZ  . ARG A 1 26 ? -13.455 -3.715  -13.478 1.00 44.01 ? 26  ARG A CZ  1 
ATOM   196  N NH1 . ARG A 1 26 ? -13.820 -4.325  -14.612 1.00 46.89 ? 26  ARG A NH1 1 
ATOM   197  N NH2 . ARG A 1 26 ? -13.890 -2.486  -13.227 1.00 46.05 ? 26  ARG A NH2 1 
ATOM   198  N N   . VAL A 1 27 ? -16.641 -9.126  -12.173 1.00 18.15 ? 27  VAL A N   1 
ATOM   199  C CA  . VAL A 1 27 ? -17.533 -9.844  -13.061 1.00 18.91 ? 27  VAL A CA  1 
ATOM   200  C C   . VAL A 1 27 ? -18.405 -8.799  -13.762 1.00 18.99 ? 27  VAL A C   1 
ATOM   201  O O   . VAL A 1 27 ? -18.801 -7.803  -13.151 1.00 20.55 ? 27  VAL A O   1 
ATOM   202  C CB  . VAL A 1 27 ? -18.445 -10.839 -12.297 1.00 17.66 ? 27  VAL A CB  1 
ATOM   203  C CG1 . VAL A 1 27 ? -19.272 -10.098 -11.257 1.00 16.08 ? 27  VAL A CG1 1 
ATOM   204  C CG2 . VAL A 1 27 ? -19.384 -11.547 -13.268 1.00 11.14 ? 27  VAL A CG2 1 
ATOM   205  N N   . ARG A 1 28 ? -18.642 -8.986  -15.059 1.00 18.01 ? 28  ARG A N   1 
ATOM   206  C CA  . ARG A 1 28 ? -19.533 -8.096  -15.794 1.00 15.55 ? 28  ARG A CA  1 
ATOM   207  C C   . ARG A 1 28 ? -20.779 -8.945  -15.921 1.00 14.31 ? 28  ARG A C   1 
ATOM   208  O O   . ARG A 1 28 ? -20.748 -10.070 -16.449 1.00 12.79 ? 28  ARG A O   1 
ATOM   209  C CB  . ARG A 1 28 ? -18.989 -7.732  -17.180 1.00 14.32 ? 28  ARG A CB  1 
ATOM   210  C CG  . ARG A 1 28 ? -19.934 -6.803  -17.973 1.00 16.96 ? 28  ARG A CG  1 
ATOM   211  C CD  . ARG A 1 28 ? -19.304 -6.389  -19.321 1.00 18.58 ? 28  ARG A CD  1 
ATOM   212  N NE  . ARG A 1 28 ? -18.135 -5.542  -19.085 1.00 17.76 ? 28  ARG A NE  1 
ATOM   213  C CZ  . ARG A 1 28 ? -18.215 -4.232  -18.831 1.00 23.74 ? 28  ARG A CZ  1 
ATOM   214  N NH1 . ARG A 1 28 ? -19.399 -3.633  -18.793 1.00 24.14 ? 28  ARG A NH1 1 
ATOM   215  N NH2 . ARG A 1 28 ? -17.121 -3.520  -18.612 1.00 24.65 ? 28  ARG A NH2 1 
ATOM   216  N N   . VAL A 1 29 ? -21.880 -8.403  -15.440 1.00 15.00 ? 29  VAL A N   1 
ATOM   217  C CA  . VAL A 1 29 ? -23.124 -9.133  -15.430 1.00 15.26 ? 29  VAL A CA  1 
ATOM   218  C C   . VAL A 1 29 ? -24.309 -8.196  -15.622 1.00 16.85 ? 29  VAL A C   1 
ATOM   219  O O   . VAL A 1 29 ? -24.297 -7.040  -15.168 1.00 17.79 ? 29  VAL A O   1 
ATOM   220  C CB  . VAL A 1 29 ? -23.208 -9.900  -14.094 1.00 16.88 ? 29  VAL A CB  1 
ATOM   221  C CG1 . VAL A 1 29 ? -23.235 -8.905  -12.938 1.00 17.06 ? 29  VAL A CG1 1 
ATOM   222  C CG2 . VAL A 1 29 ? -24.401 -10.848 -14.085 1.00 16.42 ? 29  VAL A CG2 1 
ATOM   223  N N   . VAL A 1 30 ? -25.319 -8.675  -16.338 1.00 17.60 ? 30  VAL A N   1 
ATOM   224  C CA  . VAL A 1 30 ? -26.503 -7.891  -16.619 1.00 15.55 ? 30  VAL A CA  1 
ATOM   225  C C   . VAL A 1 30 ? -27.715 -8.684  -16.229 1.00 18.79 ? 30  VAL A C   1 
ATOM   226  O O   . VAL A 1 30 ? -27.629 -9.900  -16.015 1.00 20.52 ? 30  VAL A O   1 
ATOM   227  C CB  . VAL A 1 30 ? -26.648 -7.519  -18.135 1.00 18.33 ? 30  VAL A CB  1 
ATOM   228  C CG1 . VAL A 1 30 ? -25.495 -6.626  -18.568 1.00 15.96 ? 30  VAL A CG1 1 
ATOM   229  C CG2 . VAL A 1 30 ? -26.698 -8.782  -19.009 1.00 13.25 ? 30  VAL A CG2 1 
ATOM   230  N N   . GLY A 1 31 ? -28.843 -7.989  -16.133 1.00 19.55 ? 31  GLY A N   1 
ATOM   231  C CA  . GLY A 1 31 ? -30.096 -8.630  -15.787 1.00 20.44 ? 31  GLY A CA  1 
ATOM   232  C C   . GLY A 1 31 ? -31.185 -7.575  -15.621 1.00 22.81 ? 31  GLY A C   1 
ATOM   233  O O   . GLY A 1 31 ? -30.881 -6.403  -15.491 1.00 20.60 ? 31  GLY A O   1 
ATOM   234  N N   . LYS A 1 32 ? -32.446 -7.995  -15.631 1.00 24.84 ? 32  LYS A N   1 
ATOM   235  C CA  . LYS A 1 32 ? -33.576 -7.087  -15.457 1.00 27.29 ? 32  LYS A CA  1 
ATOM   236  C C   . LYS A 1 32 ? -34.560 -7.734  -14.472 1.00 25.37 ? 32  LYS A C   1 
ATOM   237  O O   . LYS A 1 32 ? -35.108 -8.798  -14.765 1.00 23.62 ? 32  LYS A O   1 
ATOM   238  C CB  . LYS A 1 32 ? -34.263 -6.869  -16.805 1.00 30.68 ? 32  LYS A CB  1 
ATOM   239  C CG  . LYS A 1 32 ? -35.581 -6.133  -16.725 1.00 39.05 ? 32  LYS A CG  1 
ATOM   240  C CD  . LYS A 1 32 ? -35.383 -4.624  -16.584 1.00 48.53 ? 32  LYS A CD  1 
ATOM   241  C CE  . LYS A 1 32 ? -36.722 -3.928  -16.281 1.00 52.58 ? 32  LYS A CE  1 
ATOM   242  N NZ  . LYS A 1 32 ? -37.339 -4.487  -15.015 1.00 55.42 ? 32  LYS A NZ  1 
ATOM   243  N N   . PRO A 1 33 ? -34.741 -7.138  -13.272 1.00 23.43 ? 33  PRO A N   1 
ATOM   244  C CA  . PRO A 1 33 ? -34.087 -5.910  -12.775 1.00 24.23 ? 33  PRO A CA  1 
ATOM   245  C C   . PRO A 1 33 ? -32.582 -6.119  -12.637 1.00 23.47 ? 33  PRO A C   1 
ATOM   246  O O   . PRO A 1 33 ? -32.099 -7.254  -12.667 1.00 24.70 ? 33  PRO A O   1 
ATOM   247  C CB  . PRO A 1 33 ? -34.702 -5.694  -11.373 1.00 22.91 ? 33  PRO A CB  1 
ATOM   248  C CG  . PRO A 1 33 ? -35.991 -6.494  -11.395 1.00 24.46 ? 33  PRO A CG  1 
ATOM   249  C CD  . PRO A 1 33 ? -35.618 -7.722  -12.240 1.00 23.10 ? 33  PRO A CD  1 
ATOM   250  N N   . ASP A 1 34 ? -31.856 -5.025  -12.455 1.00 20.13 ? 34  ASP A N   1 
ATOM   251  C CA  . ASP A 1 34 ? -30.408 -5.099  -12.251 1.00 22.25 ? 34  ASP A CA  1 
ATOM   252  C C   . ASP A 1 34 ? -30.165 -6.073  -11.100 1.00 20.45 ? 34  ASP A C   1 
ATOM   253  O O   . ASP A 1 34 ? -30.721 -5.926  -10.003 1.00 19.20 ? 34  ASP A O   1 
ATOM   254  C CB  . ASP A 1 34 ? -29.844 -3.722  -11.898 1.00 18.92 ? 34  ASP A CB  1 
ATOM   255  C CG  . ASP A 1 34 ? -29.815 -2.781  -13.096 1.00 23.12 ? 34  ASP A CG  1 
ATOM   256  O OD1 . ASP A 1 34 ? -30.012 -3.246  -14.249 1.00 23.25 ? 34  ASP A OD1 1 
ATOM   257  O OD2 . ASP A 1 34 ? -29.565 -1.573  -12.875 1.00 27.22 ? 34  ASP A OD2 1 
ATOM   258  N N   . PRO A 1 35 ? -29.328 -7.084  -11.346 1.00 20.80 ? 35  PRO A N   1 
ATOM   259  C CA  . PRO A 1 35 ? -29.029 -8.090  -10.328 1.00 21.62 ? 35  PRO A CA  1 
ATOM   260  C C   . PRO A 1 35 ? -28.208 -7.606  -9.153  1.00 22.36 ? 35  PRO A C   1 
ATOM   261  O O   . PRO A 1 35 ? -27.351 -6.721  -9.288  1.00 20.23 ? 35  PRO A O   1 
ATOM   262  C CB  . PRO A 1 35 ? -28.304 -9.170  -11.123 1.00 19.23 ? 35  PRO A CB  1 
ATOM   263  C CG  . PRO A 1 35 ? -27.512 -8.330  -12.105 1.00 18.58 ? 35  PRO A CG  1 
ATOM   264  C CD  . PRO A 1 35 ? -28.551 -7.331  -12.573 1.00 19.45 ? 35  PRO A CD  1 
ATOM   265  N N   . GLU A 1 36 ? -28.498 -8.184  -7.994  1.00 20.08 ? 36  GLU A N   1 
ATOM   266  C CA  . GLU A 1 36 ? -27.735 -7.877  -6.800  1.00 25.20 ? 36  GLU A CA  1 
ATOM   267  C C   . GLU A 1 36 ? -26.512 -8.766  -6.917  1.00 21.26 ? 36  GLU A C   1 
ATOM   268  O O   . GLU A 1 36 ? -26.548 -9.813  -7.563  1.00 22.04 ? 36  GLU A O   1 
ATOM   269  C CB  . GLU A 1 36 ? -28.474 -8.267  -5.527  1.00 29.05 ? 36  GLU A CB  1 
ATOM   270  C CG  . GLU A 1 36 ? -29.587 -7.353  -5.131  1.00 42.70 ? 36  GLU A CG  1 
ATOM   271  C CD  . GLU A 1 36 ? -30.253 -7.868  -3.866  1.00 52.67 ? 36  GLU A CD  1 
ATOM   272  O OE1 . GLU A 1 36 ? -29.697 -7.632  -2.761  1.00 53.80 ? 36  GLU A OE1 1 
ATOM   273  O OE2 . GLU A 1 36 ? -31.315 -8.537  -3.985  1.00 57.51 ? 36  GLU A OE2 1 
ATOM   274  N N   . CYS A 1 37 ? -25.448 -8.365  -6.253  1.00 20.38 ? 37  CYS A N   1 
ATOM   275  C CA  . CYS A 1 37 ? -24.219 -9.106  -6.311  1.00 21.52 ? 37  CYS A CA  1 
ATOM   276  C C   . CYS A 1 37 ? -23.820 -9.662  -4.949  1.00 20.99 ? 37  CYS A C   1 
ATOM   277  O O   . CYS A 1 37 ? -23.824 -8.940  -3.969  1.00 21.94 ? 37  CYS A O   1 
ATOM   278  C CB  . CYS A 1 37 ? -23.176 -8.152  -6.846  1.00 27.22 ? 37  CYS A CB  1 
ATOM   279  S SG  . CYS A 1 37 ? -21.456 -8.720  -6.959  1.00 31.16 ? 37  CYS A SG  1 
ATOM   280  N N   . GLU A 1 38 ? -23.481 -10.946 -4.896  1.00 20.14 ? 38  GLU A N   1 
ATOM   281  C CA  . GLU A 1 38 ? -23.058 -11.603 -3.653  1.00 20.76 ? 38  GLU A CA  1 
ATOM   282  C C   . GLU A 1 38 ? -21.746 -12.337 -3.840  1.00 20.71 ? 38  GLU A C   1 
ATOM   283  O O   . GLU A 1 38 ? -21.577 -13.075 -4.815  1.00 21.12 ? 38  GLU A O   1 
ATOM   284  C CB  . GLU A 1 38 ? -24.069 -12.645 -3.203  1.00 18.73 ? 38  GLU A CB  1 
ATOM   285  C CG  . GLU A 1 38 ? -25.359 -12.096 -2.674  1.00 24.72 ? 38  GLU A CG  1 
ATOM   286  C CD  . GLU A 1 38 ? -26.354 -13.208 -2.369  1.00 29.20 ? 38  GLU A CD  1 
ATOM   287  O OE1 . GLU A 1 38 ? -25.976 -14.405 -2.406  1.00 31.79 ? 38  GLU A OE1 1 
ATOM   288  O OE2 . GLU A 1 38 ? -27.528 -12.895 -2.087  1.00 33.97 ? 38  GLU A OE2 1 
ATOM   289  N N   . TRP A 1 39 ? -20.830 -12.157 -2.891  1.00 18.50 ? 39  TRP A N   1 
ATOM   290  C CA  . TRP A 1 39 ? -19.552 -12.839 -2.946  1.00 15.98 ? 39  TRP A CA  1 
ATOM   291  C C   . TRP A 1 39 ? -19.405 -13.816 -1.786  1.00 19.14 ? 39  TRP A C   1 
ATOM   292  O O   . TRP A 1 39 ? -19.910 -13.576 -0.685  1.00 19.22 ? 39  TRP A O   1 
ATOM   293  C CB  . TRP A 1 39 ? -18.401 -11.831 -2.942  1.00 15.47 ? 39  TRP A CB  1 
ATOM   294  C CG  . TRP A 1 39 ? -18.383 -10.958 -4.174  1.00 16.75 ? 39  TRP A CG  1 
ATOM   295  C CD1 . TRP A 1 39 ? -19.121 -9.831  -4.385  1.00 16.77 ? 39  TRP A CD1 1 
ATOM   296  C CD2 . TRP A 1 39 ? -17.579 -11.142 -5.353  1.00 14.35 ? 39  TRP A CD2 1 
ATOM   297  N NE1 . TRP A 1 39 ? -18.820 -9.294  -5.623  1.00 19.00 ? 39  TRP A NE1 1 
ATOM   298  C CE2 . TRP A 1 39 ? -17.875 -10.075 -6.235  1.00 16.64 ? 39  TRP A CE2 1 
ATOM   299  C CE3 . TRP A 1 39 ? -16.634 -12.099 -5.744  1.00 11.81 ? 39  TRP A CE3 1 
ATOM   300  C CZ2 . TRP A 1 39 ? -17.253 -9.929  -7.490  1.00 16.08 ? 39  TRP A CZ2 1 
ATOM   301  C CZ3 . TRP A 1 39 ? -16.012 -11.960 -6.981  1.00 17.08 ? 39  TRP A CZ3 1 
ATOM   302  C CH2 . TRP A 1 39 ? -16.325 -10.873 -7.847  1.00 15.92 ? 39  TRP A CH2 1 
ATOM   303  N N   . TYR A 1 40 ? -18.702 -14.919 -2.053  1.00 21.15 ? 40  TYR A N   1 
ATOM   304  C CA  . TYR A 1 40 ? -18.454 -15.977 -1.092  1.00 19.49 ? 40  TYR A CA  1 
ATOM   305  C C   . TYR A 1 40 ? -16.990 -16.364 -1.078  1.00 22.22 ? 40  TYR A C   1 
ATOM   306  O O   . TYR A 1 40 ? -16.362 -16.526 -2.140  1.00 18.70 ? 40  TYR A O   1 
ATOM   307  C CB  . TYR A 1 40 ? -19.256 -17.223 -1.450  1.00 20.72 ? 40  TYR A CB  1 
ATOM   308  C CG  . TYR A 1 40 ? -20.747 -17.003 -1.435  1.00 21.57 ? 40  TYR A CG  1 
ATOM   309  C CD1 . TYR A 1 40 ? -21.391 -16.373 -2.494  1.00 19.66 ? 40  TYR A CD1 1 
ATOM   310  C CD2 . TYR A 1 40 ? -21.498 -17.380 -0.333  1.00 20.79 ? 40  TYR A CD2 1 
ATOM   311  C CE1 . TYR A 1 40 ? -22.759 -16.125 -2.441  1.00 24.37 ? 40  TYR A CE1 1 
ATOM   312  C CE2 . TYR A 1 40 ? -22.834 -17.142 -0.263  1.00 24.53 ? 40  TYR A CE2 1 
ATOM   313  C CZ  . TYR A 1 40 ? -23.477 -16.514 -1.308  1.00 26.04 ? 40  TYR A CZ  1 
ATOM   314  O OH  . TYR A 1 40 ? -24.828 -16.270 -1.198  1.00 27.33 ? 40  TYR A OH  1 
ATOM   315  N N   . LYS A 1 41 ? -16.455 -16.521 0.129   1.00 21.34 ? 41  LYS A N   1 
ATOM   316  C CA  . LYS A 1 41 ? -15.060 -16.931 0.313   1.00 24.77 ? 41  LYS A CA  1 
ATOM   317  C C   . LYS A 1 41 ? -15.154 -18.307 1.008   1.00 25.68 ? 41  LYS A C   1 
ATOM   318  O O   . LYS A 1 41 ? -15.636 -18.402 2.144   1.00 21.67 ? 41  LYS A O   1 
ATOM   319  C CB  . LYS A 1 41 ? -14.337 -15.896 1.179   1.00 24.68 ? 41  LYS A CB  1 
ATOM   320  C CG  . LYS A 1 41 ? -12.862 -16.103 1.287   1.00 28.94 ? 41  LYS A CG  1 
ATOM   321  C CD  . LYS A 1 41 ? -12.145 -14.760 1.460   1.00 37.05 ? 41  LYS A CD  1 
ATOM   322  C CE  . LYS A 1 41 ? -10.719 -14.952 2.036   1.00 38.54 ? 41  LYS A CE  1 
ATOM   323  N NZ  . LYS A 1 41 ? -10.771 -15.530 3.431   1.00 38.70 ? 41  LYS A NZ  1 
ATOM   324  N N   . ASN A 1 42 ? -14.733 -19.362 0.301   1.00 22.26 ? 42  ASN A N   1 
ATOM   325  C CA  . ASN A 1 42 ? -14.832 -20.738 0.806   1.00 23.86 ? 42  ASN A CA  1 
ATOM   326  C C   . ASN A 1 42 ? -16.249 -21.057 1.256   1.00 25.91 ? 42  ASN A C   1 
ATOM   327  O O   . ASN A 1 42 ? -16.457 -21.675 2.310   1.00 25.95 ? 42  ASN A O   1 
ATOM   328  C CB  . ASN A 1 42 ? -13.874 -21.005 1.978   1.00 22.44 ? 42  ASN A CB  1 
ATOM   329  C CG  . ASN A 1 42 ? -12.439 -21.156 1.522   1.00 24.60 ? 42  ASN A CG  1 
ATOM   330  O OD1 . ASN A 1 42 ? -12.173 -21.556 0.380   1.00 21.35 ? 42  ASN A OD1 1 
ATOM   331  N ND2 . ASN A 1 42 ? -11.508 -20.853 2.408   1.00 21.72 ? 42  ASN A ND2 1 
ATOM   332  N N   . GLY A 1 43 ? -17.223 -20.619 0.465   1.00 25.53 ? 43  GLY A N   1 
ATOM   333  C CA  . GLY A 1 43 ? -18.612 -20.880 0.789   1.00 24.76 ? 43  GLY A CA  1 
ATOM   334  C C   . GLY A 1 43 ? -19.291 -19.931 1.761   1.00 25.11 ? 43  GLY A C   1 
ATOM   335  O O   . GLY A 1 43 ? -20.511 -19.959 1.894   1.00 28.62 ? 43  GLY A O   1 
ATOM   336  N N   . VAL A 1 44 ? -18.530 -19.089 2.436   1.00 24.12 ? 44  VAL A N   1 
ATOM   337  C CA  . VAL A 1 44 ? -19.105 -18.144 3.394   1.00 24.99 ? 44  VAL A CA  1 
ATOM   338  C C   . VAL A 1 44 ? -19.417 -16.790 2.732   1.00 24.47 ? 44  VAL A C   1 
ATOM   339  O O   . VAL A 1 44 ? -18.541 -16.171 2.131   1.00 23.20 ? 44  VAL A O   1 
ATOM   340  C CB  . VAL A 1 44 ? -18.131 -17.907 4.553   1.00 25.16 ? 44  VAL A CB  1 
ATOM   341  C CG1 . VAL A 1 44 ? -18.767 -16.960 5.585   1.00 26.17 ? 44  VAL A CG1 1 
ATOM   342  C CG2 . VAL A 1 44 ? -17.709 -19.263 5.172   1.00 26.66 ? 44  VAL A CG2 1 
ATOM   343  N N   . LYS A 1 45 ? -20.654 -16.315 2.855   1.00 25.65 ? 45  LYS A N   1 
ATOM   344  C CA  . LYS A 1 45 ? -20.999 -15.049 2.240   1.00 24.92 ? 45  LYS A CA  1 
ATOM   345  C C   . LYS A 1 45 ? -20.224 -13.890 2.860   1.00 25.42 ? 45  LYS A C   1 
ATOM   346  O O   . LYS A 1 45 ? -20.153 -13.727 4.080   1.00 23.89 ? 45  LYS A O   1 
ATOM   347  C CB  . LYS A 1 45 ? -22.489 -14.813 2.354   1.00 30.19 ? 45  LYS A CB  1 
ATOM   348  C CG  . LYS A 1 45 ? -22.957 -13.559 1.689   1.00 32.60 ? 45  LYS A CG  1 
ATOM   349  C CD  . LYS A 1 45 ? -24.420 -13.326 1.970   1.00 37.43 ? 45  LYS A CD  1 
ATOM   350  C CE  . LYS A 1 45 ? -24.808 -11.887 1.601   1.00 44.24 ? 45  LYS A CE  1 
ATOM   351  N NZ  . LYS A 1 45 ? -23.886 -10.861 2.224   1.00 45.60 ? 45  LYS A NZ  1 
ATOM   352  N N   . ILE A 1 46 ? -19.629 -13.087 1.997   1.00 25.16 ? 46  ILE A N   1 
ATOM   353  C CA  . ILE A 1 46 ? -18.840 -11.946 2.427   1.00 26.72 ? 46  ILE A CA  1 
ATOM   354  C C   . ILE A 1 46 ? -19.711 -10.765 2.825   1.00 26.71 ? 46  ILE A C   1 
ATOM   355  O O   . ILE A 1 46 ? -20.673 -10.424 2.138   1.00 27.47 ? 46  ILE A O   1 
ATOM   356  C CB  . ILE A 1 46 ? -17.871 -11.521 1.299   1.00 26.62 ? 46  ILE A CB  1 
ATOM   357  C CG1 . ILE A 1 46 ? -16.916 -12.681 1.015   1.00 26.46 ? 46  ILE A CG1 1 
ATOM   358  C CG2 . ILE A 1 46 ? -17.104 -10.234 1.669   1.00 26.23 ? 46  ILE A CG2 1 
ATOM   359  C CD1 . ILE A 1 46 ? -16.008 -12.449 -0.138  1.00 24.29 ? 46  ILE A CD1 1 
ATOM   360  N N   . GLU A 1 47 ? -19.398 -10.169 3.970   1.00 27.35 ? 47  GLU A N   1 
ATOM   361  C CA  . GLU A 1 47 ? -20.114 -8.988  4.434   1.00 29.74 ? 47  GLU A CA  1 
ATOM   362  C C   . GLU A 1 47 ? -19.068 -7.898  4.400   1.00 26.72 ? 47  GLU A C   1 
ATOM   363  O O   . GLU A 1 47 ? -17.886 -8.178  4.554   1.00 27.98 ? 47  GLU A O   1 
ATOM   364  C CB  . GLU A 1 47 ? -20.637 -9.179  5.850   1.00 34.68 ? 47  GLU A CB  1 
ATOM   365  C CG  . GLU A 1 47 ? -21.655 -10.285 5.967   1.00 43.46 ? 47  GLU A CG  1 
ATOM   366  C CD  . GLU A 1 47 ? -21.879 -10.686 7.419   1.00 52.25 ? 47  GLU A CD  1 
ATOM   367  O OE1 . GLU A 1 47 ? -22.446 -11.781 7.680   1.00 57.78 ? 47  GLU A OE1 1 
ATOM   368  O OE2 . GLU A 1 47 ? -21.479 -9.899  8.309   1.00 55.03 ? 47  GLU A OE2 1 
ATOM   369  N N   . ARG A 1 48 ? -19.479 -6.660  4.180   1.00 26.40 ? 48  ARG A N   1 
ATOM   370  C CA  . ARG A 1 48 ? -18.501 -5.586  4.098   1.00 29.96 ? 48  ARG A CA  1 
ATOM   371  C C   . ARG A 1 48 ? -17.786 -5.211  5.411   1.00 31.69 ? 48  ARG A C   1 
ATOM   372  O O   . ARG A 1 48 ? -18.366 -5.229  6.490   1.00 32.36 ? 48  ARG A O   1 
ATOM   373  C CB  . ARG A 1 48 ? -19.146 -4.323  3.508   1.00 27.93 ? 48  ARG A CB  1 
ATOM   374  C CG  . ARG A 1 48 ? -19.566 -4.418  2.047   1.00 31.75 ? 48  ARG A CG  1 
ATOM   375  C CD  . ARG A 1 48 ? -20.128 -3.063  1.616   1.00 33.67 ? 48  ARG A CD  1 
ATOM   376  N NE  . ARG A 1 48 ? -20.430 -2.975  0.187   1.00 31.57 ? 48  ARG A NE  1 
ATOM   377  C CZ  . ARG A 1 48 ? -21.598 -3.285  -0.366  1.00 27.98 ? 48  ARG A CZ  1 
ATOM   378  N NH1 . ARG A 1 48 ? -21.750 -3.154  -1.668  1.00 29.52 ? 48  ARG A NH1 1 
ATOM   379  N NH2 . ARG A 1 48 ? -22.608 -3.719  0.367   1.00 26.41 ? 48  ARG A NH2 1 
ATOM   380  N N   . SER A 1 49 ? -16.517 -4.866  5.277   1.00 31.65 ? 49  SER A N   1 
ATOM   381  C CA  . SER A 1 49 ? -15.695 -4.424  6.381   1.00 35.03 ? 49  SER A CA  1 
ATOM   382  C C   . SER A 1 49 ? -14.714 -3.490  5.694   1.00 35.99 ? 49  SER A C   1 
ATOM   383  O O   . SER A 1 49 ? -14.758 -3.319  4.473   1.00 35.49 ? 49  SER A O   1 
ATOM   384  C CB  . SER A 1 49 ? -14.944 -5.598  7.027   1.00 35.91 ? 49  SER A CB  1 
ATOM   385  O OG  . SER A 1 49 ? -13.910 -6.090  6.192   1.00 38.37 ? 49  SER A OG  1 
ATOM   386  N N   . ASP A 1 50 ? -13.818 -2.887  6.454   1.00 36.89 ? 50  ASP A N   1 
ATOM   387  C CA  . ASP A 1 50 ? -12.857 -1.993  5.840   1.00 38.38 ? 50  ASP A CA  1 
ATOM   388  C C   . ASP A 1 50 ? -11.803 -2.719  5.013   1.00 38.48 ? 50  ASP A C   1 
ATOM   389  O O   . ASP A 1 50 ? -11.176 -2.119  4.128   1.00 35.97 ? 50  ASP A O   1 
ATOM   390  C CB  . ASP A 1 50 ? -12.194 -1.146  6.918   1.00 44.58 ? 50  ASP A CB  1 
ATOM   391  C CG  . ASP A 1 50 ? -13.145 -0.109  7.492   1.00 50.07 ? 50  ASP A CG  1 
ATOM   392  O OD1 . ASP A 1 50 ? -13.606 0.768   6.714   1.00 45.84 ? 50  ASP A OD1 1 
ATOM   393  O OD2 . ASP A 1 50 ? -13.435 -0.183  8.711   1.00 56.30 ? 50  ASP A OD2 1 
ATOM   394  N N   . ARG A 1 51 ? -11.618 -4.010  5.291   1.00 33.45 ? 51  ARG A N   1 
ATOM   395  C CA  . ARG A 1 51 ? -10.610 -4.793  4.582   1.00 32.92 ? 51  ARG A CA  1 
ATOM   396  C C   . ARG A 1 51 ? -11.143 -5.510  3.339   1.00 29.50 ? 51  ARG A C   1 
ATOM   397  O O   . ARG A 1 51 ? -10.452 -5.582  2.323   1.00 29.19 ? 51  ARG A O   1 
ATOM   398  C CB  . ARG A 1 51 ? -9.982  -5.832  5.527   1.00 26.70 ? 51  ARG A CB  1 
ATOM   399  C CG  . ARG A 1 51 ? -8.718  -6.456  4.967   1.00 31.76 ? 51  ARG A CG  1 
ATOM   400  C CD  . ARG A 1 51 ? -8.069  -7.386  5.966   1.00 29.87 ? 51  ARG A CD  1 
ATOM   401  N NE  . ARG A 1 51 ? -8.596  -8.747  5.929   1.00 31.33 ? 51  ARG A NE  1 
ATOM   402  C CZ  . ARG A 1 51 ? -8.184  -9.688  5.081   1.00 29.42 ? 51  ARG A CZ  1 
ATOM   403  N NH1 . ARG A 1 51 ? -7.242  -9.416  4.185   1.00 27.47 ? 51  ARG A NH1 1 
ATOM   404  N NH2 . ARG A 1 51 ? -8.684  -10.914 5.162   1.00 27.82 ? 51  ARG A NH2 1 
ATOM   405  N N   . ILE A 1 52 ? -12.358 -6.045  3.451   1.00 29.72 ? 52  ILE A N   1 
ATOM   406  C CA  . ILE A 1 52 ? -13.022 -6.791  2.384   1.00 28.93 ? 52  ILE A CA  1 
ATOM   407  C C   . ILE A 1 52 ? -14.429 -6.226  2.084   1.00 28.37 ? 52  ILE A C   1 
ATOM   408  O O   . ILE A 1 52 ? -15.270 -6.128  2.970   1.00 27.90 ? 52  ILE A O   1 
ATOM   409  C CB  . ILE A 1 52 ? -13.160 -8.272  2.800   1.00 31.14 ? 52  ILE A CB  1 
ATOM   410  C CG1 . ILE A 1 52 ? -11.778 -8.842  3.100   1.00 26.53 ? 52  ILE A CG1 1 
ATOM   411  C CG2 . ILE A 1 52 ? -13.831 -9.076  1.707   1.00 32.45 ? 52  ILE A CG2 1 
ATOM   412  C CD1 . ILE A 1 52 ? -11.832 -10.200 3.728   1.00 30.61 ? 52  ILE A CD1 1 
ATOM   413  N N   . TYR A 1 53 ? -14.674 -5.865  0.824   1.00 26.44 ? 53  TYR A N   1 
ATOM   414  C CA  . TYR A 1 53 ? -15.965 -5.317  0.412   1.00 23.08 ? 53  TYR A CA  1 
ATOM   415  C C   . TYR A 1 53 ? -16.100 -5.472  -1.100  1.00 21.69 ? 53  TYR A C   1 
ATOM   416  O O   . TYR A 1 53 ? -15.126 -5.786  -1.793  1.00 21.49 ? 53  TYR A O   1 
ATOM   417  C CB  . TYR A 1 53 ? -16.032 -3.819  0.747   1.00 21.17 ? 53  TYR A CB  1 
ATOM   418  C CG  . TYR A 1 53 ? -14.933 -3.029  0.065   1.00 21.54 ? 53  TYR A CG  1 
ATOM   419  C CD1 . TYR A 1 53 ? -15.078 -2.580  -1.254  1.00 20.63 ? 53  TYR A CD1 1 
ATOM   420  C CD2 . TYR A 1 53 ? -13.704 -2.819  0.704   1.00 20.80 ? 53  TYR A CD2 1 
ATOM   421  C CE1 . TYR A 1 53 ? -14.019 -1.940  -1.933  1.00 22.15 ? 53  TYR A CE1 1 
ATOM   422  C CE2 . TYR A 1 53 ? -12.642 -2.193  0.047   1.00 21.57 ? 53  TYR A CE2 1 
ATOM   423  C CZ  . TYR A 1 53 ? -12.807 -1.752  -1.271  1.00 25.41 ? 53  TYR A CZ  1 
ATOM   424  O OH  . TYR A 1 53 ? -11.763 -1.104  -1.910  1.00 30.44 ? 53  TYR A OH  1 
ATOM   425  N N   . TRP A 1 54 ? -17.303 -5.256  -1.614  1.00 20.67 ? 54  TRP A N   1 
ATOM   426  C CA  . TRP A 1 54 ? -17.499 -5.291  -3.064  1.00 22.69 ? 54  TRP A CA  1 
ATOM   427  C C   . TRP A 1 54 ? -18.263 -4.008  -3.437  1.00 20.06 ? 54  TRP A C   1 
ATOM   428  O O   . TRP A 1 54 ? -18.875 -3.350  -2.573  1.00 17.81 ? 54  TRP A O   1 
ATOM   429  C CB  . TRP A 1 54 ? -18.261 -6.549  -3.492  1.00 18.16 ? 54  TRP A CB  1 
ATOM   430  C CG  . TRP A 1 54 ? -19.685 -6.579  -3.082  1.00 22.13 ? 54  TRP A CG  1 
ATOM   431  C CD1 . TRP A 1 54 ? -20.781 -6.297  -3.861  1.00 21.49 ? 54  TRP A CD1 1 
ATOM   432  C CD2 . TRP A 1 54 ? -20.188 -6.895  -1.783  1.00 24.11 ? 54  TRP A CD2 1 
ATOM   433  N NE1 . TRP A 1 54 ? -21.937 -6.417  -3.119  1.00 22.68 ? 54  TRP A NE1 1 
ATOM   434  C CE2 . TRP A 1 54 ? -21.602 -6.783  -1.840  1.00 25.76 ? 54  TRP A CE2 1 
ATOM   435  C CE3 . TRP A 1 54 ? -19.584 -7.261  -0.575  1.00 25.61 ? 54  TRP A CE3 1 
ATOM   436  C CZ2 . TRP A 1 54 ? -22.424 -7.023  -0.724  1.00 30.07 ? 54  TRP A CZ2 1 
ATOM   437  C CZ3 . TRP A 1 54 ? -20.399 -7.502  0.543   1.00 26.09 ? 54  TRP A CZ3 1 
ATOM   438  C CH2 . TRP A 1 54 ? -21.806 -7.379  0.458   1.00 27.69 ? 54  TRP A CH2 1 
ATOM   439  N N   . TYR A 1 55 ? -18.183 -3.613  -4.702  1.00 20.40 ? 55  TYR A N   1 
ATOM   440  C CA  . TYR A 1 55 ? -18.886 -2.418  -5.132  1.00 16.82 ? 55  TYR A CA  1 
ATOM   441  C C   . TYR A 1 55 ? -19.110 -2.490  -6.627  1.00 18.70 ? 55  TYR A C   1 
ATOM   442  O O   . TYR A 1 55 ? -18.728 -3.476  -7.267  1.00 17.54 ? 55  TYR A O   1 
ATOM   443  C CB  . TYR A 1 55 ? -18.095 -1.141  -4.748  1.00 14.67 ? 55  TYR A CB  1 
ATOM   444  C CG  . TYR A 1 55 ? -16.850 -0.820  -5.557  1.00 17.60 ? 55  TYR A CG  1 
ATOM   445  C CD1 . TYR A 1 55 ? -16.816 0.285   -6.407  1.00 17.60 ? 55  TYR A CD1 1 
ATOM   446  C CD2 . TYR A 1 55 ? -15.700 -1.607  -5.465  1.00 19.92 ? 55  TYR A CD2 1 
ATOM   447  C CE1 . TYR A 1 55 ? -15.670 0.609   -7.150  1.00 17.35 ? 55  TYR A CE1 1 
ATOM   448  C CE2 . TYR A 1 55 ? -14.546 -1.300  -6.204  1.00 18.27 ? 55  TYR A CE2 1 
ATOM   449  C CZ  . TYR A 1 55 ? -14.539 -0.189  -7.048  1.00 20.64 ? 55  TYR A CZ  1 
ATOM   450  O OH  . TYR A 1 55 ? -13.408 0.110   -7.806  1.00 18.74 ? 55  TYR A OH  1 
ATOM   451  N N   . TRP A 1 56 ? -19.738 -1.451  -7.167  1.00 17.58 ? 56  TRP A N   1 
ATOM   452  C CA  . TRP A 1 56 ? -20.001 -1.355  -8.592  1.00 18.59 ? 56  TRP A CA  1 
ATOM   453  C C   . TRP A 1 56 ? -19.173 -0.267  -9.262  1.00 15.64 ? 56  TRP A C   1 
ATOM   454  O O   . TRP A 1 56 ? -19.642 0.855   -9.408  1.00 20.06 ? 56  TRP A O   1 
ATOM   455  C CB  . TRP A 1 56 ? -21.488 -1.078  -8.856  1.00 14.80 ? 56  TRP A CB  1 
ATOM   456  C CG  . TRP A 1 56 ? -22.392 -2.211  -8.436  1.00 16.91 ? 56  TRP A CG  1 
ATOM   457  C CD1 . TRP A 1 56 ? -23.015 -2.371  -7.215  1.00 19.45 ? 56  TRP A CD1 1 
ATOM   458  C CD2 . TRP A 1 56 ? -22.751 -3.361  -9.215  1.00 15.20 ? 56  TRP A CD2 1 
ATOM   459  N NE1 . TRP A 1 56 ? -23.732 -3.542  -7.200  1.00 15.18 ? 56  TRP A NE1 1 
ATOM   460  C CE2 . TRP A 1 56 ? -23.584 -4.167  -8.411  1.00 16.25 ? 56  TRP A CE2 1 
ATOM   461  C CE3 . TRP A 1 56 ? -22.444 -3.792  -10.516 1.00 17.59 ? 56  TRP A CE3 1 
ATOM   462  C CZ2 . TRP A 1 56 ? -24.119 -5.375  -8.870  1.00 19.62 ? 56  TRP A CZ2 1 
ATOM   463  C CZ3 . TRP A 1 56 ? -22.973 -5.000  -10.966 1.00 14.31 ? 56  TRP A CZ3 1 
ATOM   464  C CH2 . TRP A 1 56 ? -23.800 -5.771  -10.152 1.00 14.71 ? 56  TRP A CH2 1 
ATOM   465  N N   . PRO A 1 57 ? -17.926 -0.571  -9.656  1.00 18.13 ? 57  PRO A N   1 
ATOM   466  C CA  . PRO A 1 57 ? -17.093 0.432   -10.316 1.00 17.52 ? 57  PRO A CA  1 
ATOM   467  C C   . PRO A 1 57 ? -17.742 0.974   -11.596 1.00 21.13 ? 57  PRO A C   1 
ATOM   468  O O   . PRO A 1 57 ? -17.445 2.095   -12.005 1.00 21.31 ? 57  PRO A O   1 
ATOM   469  C CB  . PRO A 1 57 ? -15.784 -0.319  -10.591 1.00 19.94 ? 57  PRO A CB  1 
ATOM   470  C CG  . PRO A 1 57 ? -16.192 -1.768  -10.653 1.00 13.11 ? 57  PRO A CG  1 
ATOM   471  C CD  . PRO A 1 57 ? -17.195 -1.853  -9.525  1.00 18.07 ? 57  PRO A CD  1 
ATOM   472  N N   . GLU A 1 58 ? -18.594 0.162   -12.231 1.00 22.46 ? 58  GLU A N   1 
ATOM   473  C CA  . GLU A 1 58 ? -19.345 0.530   -13.453 1.00 24.21 ? 58  GLU A CA  1 
ATOM   474  C C   . GLU A 1 58 ? -20.711 -0.101  -13.225 1.00 24.15 ? 58  GLU A C   1 
ATOM   475  O O   . GLU A 1 58 ? -20.830 -1.036  -12.434 1.00 21.14 ? 58  GLU A O   1 
ATOM   476  C CB  . GLU A 1 58 ? -18.797 -0.107  -14.727 1.00 26.84 ? 58  GLU A CB  1 
ATOM   477  C CG  . GLU A 1 58 ? -17.296 -0.138  -14.906 1.00 29.52 ? 58  GLU A CG  1 
ATOM   478  C CD  . GLU A 1 58 ? -16.922 -0.690  -16.271 1.00 31.52 ? 58  GLU A CD  1 
ATOM   479  O OE1 . GLU A 1 58 ? -15.720 -0.981  -16.488 1.00 37.88 ? 58  GLU A OE1 1 
ATOM   480  O OE2 . GLU A 1 58 ? -17.835 -0.826  -17.132 1.00 31.82 ? 58  GLU A OE2 1 
ATOM   481  N N   . ASP A 1 59 ? -21.734 0.344   -13.949 1.00 24.92 ? 59  ASP A N   1 
ATOM   482  C CA  . ASP A 1 59 ? -23.035 -0.230  -13.682 1.00 23.94 ? 59  ASP A CA  1 
ATOM   483  C C   . ASP A 1 59 ? -23.195 -1.713  -13.908 1.00 22.32 ? 59  ASP A C   1 
ATOM   484  O O   . ASP A 1 59 ? -24.043 -2.345  -13.261 1.00 22.30 ? 59  ASP A O   1 
ATOM   485  C CB  . ASP A 1 59 ? -24.125 0.547   -14.412 1.00 27.32 ? 59  ASP A CB  1 
ATOM   486  C CG  . ASP A 1 59 ? -24.304 1.956   -13.833 1.00 29.90 ? 59  ASP A CG  1 
ATOM   487  O OD1 . ASP A 1 59 ? -24.210 2.129   -12.577 1.00 26.10 ? 59  ASP A OD1 1 
ATOM   488  O OD2 . ASP A 1 59 ? -24.526 2.864   -14.642 1.00 28.05 ? 59  ASP A OD2 1 
ATOM   489  N N   . ASN A 1 60 ? -22.399 -2.288  -14.804 1.00 19.45 ? 60  ASN A N   1 
ATOM   490  C CA  . ASN A 1 60 ? -22.513 -3.723  -15.053 1.00 19.10 ? 60  ASN A CA  1 
ATOM   491  C C   . ASN A 1 60 ? -21.330 -4.545  -14.544 1.00 18.10 ? 60  ASN A C   1 
ATOM   492  O O   . ASN A 1 60 ? -21.201 -5.716  -14.879 1.00 19.19 ? 60  ASN A O   1 
ATOM   493  C CB  . ASN A 1 60 ? -22.741 -3.985  -16.549 1.00 19.03 ? 60  ASN A CB  1 
ATOM   494  C CG  . ASN A 1 60 ? -24.123 -3.518  -17.008 1.00 26.09 ? 60  ASN A CG  1 
ATOM   495  O OD1 . ASN A 1 60 ? -25.039 -3.354  -16.185 1.00 25.13 ? 60  ASN A OD1 1 
ATOM   496  N ND2 . ASN A 1 60 ? -24.287 -3.312  -18.317 1.00 29.50 ? 60  ASN A ND2 1 
ATOM   497  N N   . VAL A 1 61 ? -20.468 -3.921  -13.745 1.00 17.13 ? 61  VAL A N   1 
ATOM   498  C CA  . VAL A 1 61 ? -19.306 -4.597  -13.178 1.00 15.42 ? 61  VAL A CA  1 
ATOM   499  C C   . VAL A 1 61 ? -19.322 -4.540  -11.661 1.00 14.67 ? 61  VAL A C   1 
ATOM   500  O O   . VAL A 1 61 ? -19.317 -3.460  -11.068 1.00 14.34 ? 61  VAL A O   1 
ATOM   501  C CB  . VAL A 1 61 ? -18.009 -3.981  -13.696 1.00 14.06 ? 61  VAL A CB  1 
ATOM   502  C CG1 . VAL A 1 61 ? -16.774 -4.634  -13.017 1.00 16.55 ? 61  VAL A CG1 1 
ATOM   503  C CG2 . VAL A 1 61 ? -17.965 -4.151  -15.230 1.00 13.81 ? 61  VAL A CG2 1 
ATOM   504  N N   . CYS A 1 62 ? -19.376 -5.725  -11.060 1.00 13.55 ? 62  CYS A N   1 
ATOM   505  C CA  . CYS A 1 62 ? -19.350 -5.868  -9.627  1.00 15.14 ? 62  CYS A CA  1 
ATOM   506  C C   . CYS A 1 62 ? -17.947 -6.358  -9.292  1.00 15.88 ? 62  CYS A C   1 
ATOM   507  O O   . CYS A 1 62 ? -17.448 -7.339  -9.870  1.00 17.30 ? 62  CYS A O   1 
ATOM   508  C CB  . CYS A 1 62 ? -20.404 -6.856  -9.142  1.00 16.41 ? 62  CYS A CB  1 
ATOM   509  S SG  . CYS A 1 62 ? -20.440 -6.971  -7.322  1.00 24.88 ? 62  CYS A SG  1 
ATOM   510  N N   . GLU A 1 63 ? -17.320 -5.679  -8.348  1.00 16.09 ? 63  GLU A N   1 
ATOM   511  C CA  . GLU A 1 63 ? -15.951 -5.992  -7.974  1.00 17.94 ? 63  GLU A CA  1 
ATOM   512  C C   . GLU A 1 63 ? -15.742 -6.260  -6.494  1.00 18.36 ? 63  GLU A C   1 
ATOM   513  O O   . GLU A 1 63 ? -16.251 -5.551  -5.641  1.00 17.82 ? 63  GLU A O   1 
ATOM   514  C CB  . GLU A 1 63 ? -15.039 -4.830  -8.408  1.00 18.09 ? 63  GLU A CB  1 
ATOM   515  C CG  . GLU A 1 63 ? -13.583 -4.918  -7.956  1.00 19.67 ? 63  GLU A CG  1 
ATOM   516  C CD  . GLU A 1 63 ? -12.681 -3.890  -8.653  1.00 25.32 ? 63  GLU A CD  1 
ATOM   517  O OE1 . GLU A 1 63 ? -13.035 -3.387  -9.748  1.00 25.26 ? 63  GLU A OE1 1 
ATOM   518  O OE2 . GLU A 1 63 ? -11.596 -3.589  -8.116  1.00 28.10 ? 63  GLU A OE2 1 
ATOM   519  N N   . LEU A 1 64 ? -14.987 -7.308  -6.205  1.00 20.49 ? 64  LEU A N   1 
ATOM   520  C CA  . LEU A 1 64 ? -14.633 -7.652  -4.829  1.00 18.10 ? 64  LEU A CA  1 
ATOM   521  C C   . LEU A 1 64 ? -13.160 -7.231  -4.621  1.00 21.52 ? 64  LEU A C   1 
ATOM   522  O O   . LEU A 1 64 ? -12.298 -7.395  -5.517  1.00 20.29 ? 64  LEU A O   1 
ATOM   523  C CB  . LEU A 1 64 ? -14.768 -9.157  -4.575  1.00 12.06 ? 64  LEU A CB  1 
ATOM   524  C CG  . LEU A 1 64 ? -14.340 -9.638  -3.178  1.00 15.86 ? 64  LEU A CG  1 
ATOM   525  C CD1 . LEU A 1 64 ? -15.393 -9.254  -2.169  1.00 14.87 ? 64  LEU A CD1 1 
ATOM   526  C CD2 . LEU A 1 64 ? -14.138 -11.173 -3.181  1.00 16.53 ? 64  LEU A CD2 1 
ATOM   527  N N   . VAL A 1 65 ? -12.883 -6.675  -3.446  1.00 22.69 ? 65  VAL A N   1 
ATOM   528  C CA  . VAL A 1 65 ? -11.532 -6.258  -3.100  1.00 26.57 ? 65  VAL A CA  1 
ATOM   529  C C   . VAL A 1 65 ? -11.212 -6.873  -1.740  1.00 26.59 ? 65  VAL A C   1 
ATOM   530  O O   . VAL A 1 65 ? -11.985 -6.725  -0.796  1.00 22.07 ? 65  VAL A O   1 
ATOM   531  C CB  . VAL A 1 65 ? -11.407 -4.733  -2.930  1.00 28.30 ? 65  VAL A CB  1 
ATOM   532  C CG1 . VAL A 1 65 ? -9.920  -4.368  -2.747  1.00 26.21 ? 65  VAL A CG1 1 
ATOM   533  C CG2 . VAL A 1 65 ? -12.033 -4.001  -4.133  1.00 26.06 ? 65  VAL A CG2 1 
ATOM   534  N N   . ILE A 1 66 ? -10.092 -7.580  -1.653  1.00 26.91 ? 66  ILE A N   1 
ATOM   535  C CA  . ILE A 1 66 ? -9.681  -8.158  -0.388  1.00 28.67 ? 66  ILE A CA  1 
ATOM   536  C C   . ILE A 1 66 ? -8.332  -7.512  -0.135  1.00 30.75 ? 66  ILE A C   1 
ATOM   537  O O   . ILE A 1 66 ? -7.345  -7.807  -0.807  1.00 31.74 ? 66  ILE A O   1 
ATOM   538  C CB  . ILE A 1 66 ? -9.545  -9.673  -0.464  1.00 26.88 ? 66  ILE A CB  1 
ATOM   539  C CG1 . ILE A 1 66 ? -10.907 -10.293 -0.757  1.00 26.52 ? 66  ILE A CG1 1 
ATOM   540  C CG2 . ILE A 1 66 ? -9.035  -10.208 0.864   1.00 27.20 ? 66  ILE A CG2 1 
ATOM   541  C CD1 . ILE A 1 66 ? -10.861 -11.789 -0.922  1.00 31.10 ? 66  ILE A CD1 1 
ATOM   542  N N   . ARG A 1 67 ? -8.299  -6.612  0.834   1.00 32.84 ? 67  ARG A N   1 
ATOM   543  C CA  . ARG A 1 67 ? -7.080  -5.886  1.124   1.00 36.45 ? 67  ARG A CA  1 
ATOM   544  C C   . ARG A 1 67 ? -6.107  -6.566  2.070   1.00 35.87 ? 67  ARG A C   1 
ATOM   545  O O   . ARG A 1 67 ? -6.512  -7.304  2.974   1.00 31.81 ? 67  ARG A O   1 
ATOM   546  C CB  . ARG A 1 67 ? -7.450  -4.491  1.622   1.00 39.71 ? 67  ARG A CB  1 
ATOM   547  C CG  . ARG A 1 67 ? -8.123  -3.669  0.519   1.00 44.12 ? 67  ARG A CG  1 
ATOM   548  C CD  . ARG A 1 67 ? -8.675  -2.353  1.016   1.00 49.56 ? 67  ARG A CD  1 
ATOM   549  N NE  . ARG A 1 67 ? -7.798  -1.753  2.013   1.00 56.90 ? 67  ARG A NE  1 
ATOM   550  C CZ  . ARG A 1 67 ? -7.774  -0.456  2.308   1.00 58.36 ? 67  ARG A CZ  1 
ATOM   551  N NH1 . ARG A 1 67 ? -8.586  0.387   1.669   1.00 57.29 ? 67  ARG A NH1 1 
ATOM   552  N NH2 . ARG A 1 67 ? -6.954  -0.014  3.257   1.00 56.71 ? 67  ARG A NH2 1 
ATOM   553  N N   . ASP A 1 68 ? -4.820  -6.322  1.814   1.00 37.55 ? 68  ASP A N   1 
ATOM   554  C CA  . ASP A 1 68 ? -3.718  -6.867  2.610   1.00 41.02 ? 68  ASP A CA  1 
ATOM   555  C C   . ASP A 1 68 ? -3.980  -8.330  2.968   1.00 39.18 ? 68  ASP A C   1 
ATOM   556  O O   . ASP A 1 68 ? -4.168  -8.660  4.138   1.00 35.51 ? 68  ASP A O   1 
ATOM   557  C CB  . ASP A 1 68 ? -3.547  -6.061  3.913   1.00 47.16 ? 68  ASP A CB  1 
ATOM   558  C CG  . ASP A 1 68 ? -3.590  -4.545  3.692   1.00 52.53 ? 68  ASP A CG  1 
ATOM   559  O OD1 . ASP A 1 68 ? -2.842  -4.018  2.830   1.00 56.94 ? 68  ASP A OD1 1 
ATOM   560  O OD2 . ASP A 1 68 ? -4.377  -3.874  4.402   1.00 56.02 ? 68  ASP A OD2 1 
ATOM   561  N N   . VAL A 1 69 ? -3.983  -9.203  1.965   1.00 39.20 ? 69  VAL A N   1 
ATOM   562  C CA  . VAL A 1 69 ? -4.264  -10.619 2.210   1.00 40.70 ? 69  VAL A CA  1 
ATOM   563  C C   . VAL A 1 69 ? -3.216  -11.341 3.064   1.00 41.41 ? 69  VAL A C   1 
ATOM   564  O O   . VAL A 1 69 ? -2.045  -10.957 3.075   1.00 39.67 ? 69  VAL A O   1 
ATOM   565  C CB  . VAL A 1 69 ? -4.391  -11.377 0.875   1.00 39.30 ? 69  VAL A CB  1 
ATOM   566  C CG1 . VAL A 1 69 ? -5.440  -10.693 0.001   1.00 38.50 ? 69  VAL A CG1 1 
ATOM   567  C CG2 . VAL A 1 69 ? -3.049  -11.412 0.160   1.00 35.07 ? 69  VAL A CG2 1 
ATOM   568  N N   . THR A 1 70 ? -3.658  -12.369 3.787   1.00 42.48 ? 70  THR A N   1 
ATOM   569  C CA  . THR A 1 70 ? -2.776  -13.222 4.593   1.00 43.19 ? 70  THR A CA  1 
ATOM   570  C C   . THR A 1 70 ? -3.039  -14.666 4.166   1.00 44.95 ? 70  THR A C   1 
ATOM   571  O O   . THR A 1 70 ? -4.029  -14.952 3.475   1.00 44.21 ? 70  THR A O   1 
ATOM   572  C CB  . THR A 1 70 ? -3.069  -13.135 6.102   1.00 44.24 ? 70  THR A CB  1 
ATOM   573  O OG1 . THR A 1 70 ? -4.397  -13.604 6.369   1.00 44.13 ? 70  THR A OG1 1 
ATOM   574  C CG2 . THR A 1 70 ? -2.925  -11.712 6.586   1.00 43.89 ? 70  THR A CG2 1 
ATOM   575  N N   . GLY A 1 71 ? -2.173  -15.581 4.590   1.00 44.12 ? 71  GLY A N   1 
ATOM   576  C CA  . GLY A 1 71 ? -2.346  -16.973 4.224   1.00 41.47 ? 71  GLY A CA  1 
ATOM   577  C C   . GLY A 1 71 ? -3.765  -17.432 4.467   1.00 43.31 ? 71  GLY A C   1 
ATOM   578  O O   . GLY A 1 71 ? -4.316  -18.250 3.708   1.00 44.32 ? 71  GLY A O   1 
ATOM   579  N N   . GLU A 1 72 ? -4.377  -16.893 5.515   1.00 40.88 ? 72  GLU A N   1 
ATOM   580  C CA  . GLU A 1 72 ? -5.740  -17.266 5.849   1.00 41.36 ? 72  GLU A CA  1 
ATOM   581  C C   . GLU A 1 72 ? -6.776  -16.873 4.806   1.00 39.78 ? 72  GLU A C   1 
ATOM   582  O O   . GLU A 1 72 ? -7.946  -17.287 4.909   1.00 34.60 ? 72  GLU A O   1 
ATOM   583  C CB  . GLU A 1 72 ? -6.142  -16.673 7.200   1.00 46.67 ? 72  GLU A CB  1 
ATOM   584  C CG  . GLU A 1 72 ? -6.251  -17.702 8.319   1.00 50.14 ? 72  GLU A CG  1 
ATOM   585  C CD  . GLU A 1 72 ? -6.574  -17.070 9.669   1.00 53.33 ? 72  GLU A CD  1 
ATOM   586  O OE1 . GLU A 1 72 ? -5.825  -16.163 10.088  1.00 55.96 ? 72  GLU A OE1 1 
ATOM   587  O OE2 . GLU A 1 72 ? -7.566  -17.477 10.318  1.00 54.41 ? 72  GLU A OE2 1 
ATOM   588  N N   . ASP A 1 73 ? -6.362  -16.081 3.808   1.00 37.87 ? 73  ASP A N   1 
ATOM   589  C CA  . ASP A 1 73 ? -7.294  -15.655 2.753   1.00 34.91 ? 73  ASP A CA  1 
ATOM   590  C C   . ASP A 1 73 ? -7.357  -16.551 1.507   1.00 32.34 ? 73  ASP A C   1 
ATOM   591  O O   . ASP A 1 73 ? -8.237  -16.361 0.665   1.00 31.50 ? 73  ASP A O   1 
ATOM   592  C CB  . ASP A 1 73 ? -7.007  -14.201 2.333   1.00 34.76 ? 73  ASP A CB  1 
ATOM   593  C CG  . ASP A 1 73 ? -7.284  -13.196 3.452   1.00 34.15 ? 73  ASP A CG  1 
ATOM   594  O OD1 . ASP A 1 73 ? -8.348  -13.325 4.098   1.00 31.54 ? 73  ASP A OD1 1 
ATOM   595  O OD2 . ASP A 1 73 ? -6.444  -12.285 3.670   1.00 33.86 ? 73  ASP A OD2 1 
ATOM   596  N N   . SER A 1 74 ? -6.443  -17.519 1.377   1.00 27.84 ? 74  SER A N   1 
ATOM   597  C CA  . SER A 1 74 ? -6.469  -18.414 0.218   1.00 24.95 ? 74  SER A CA  1 
ATOM   598  C C   . SER A 1 74 ? -7.830  -19.072 0.250   1.00 24.28 ? 74  SER A C   1 
ATOM   599  O O   . SER A 1 74 ? -8.273  -19.541 1.295   1.00 26.66 ? 74  SER A O   1 
ATOM   600  C CB  . SER A 1 74 ? -5.359  -19.456 0.296   1.00 22.29 ? 74  SER A CB  1 
ATOM   601  O OG  . SER A 1 74 ? -4.102  -18.847 0.033   1.00 22.60 ? 74  SER A OG  1 
ATOM   602  N N   . ALA A 1 75 ? -8.511  -19.105 -0.882  1.00 21.51 ? 75  ALA A N   1 
ATOM   603  C CA  . ALA A 1 75 ? -9.842  -19.652 -0.864  1.00 17.59 ? 75  ALA A CA  1 
ATOM   604  C C   . ALA A 1 75 ? -10.418 -19.730 -2.228  1.00 18.86 ? 75  ALA A C   1 
ATOM   605  O O   . ALA A 1 75 ? -9.872  -19.181 -3.172  1.00 20.53 ? 75  ALA A O   1 
ATOM   606  C CB  . ALA A 1 75 ? -10.739 -18.753 -0.026  1.00 23.67 ? 75  ALA A CB  1 
ATOM   607  N N   . SER A 1 76 ? -11.534 -20.435 -2.313  1.00 19.44 ? 76  SER A N   1 
ATOM   608  C CA  . SER A 1 76 ? -12.300 -20.519 -3.533  1.00 21.97 ? 76  SER A CA  1 
ATOM   609  C C   . SER A 1 76 ? -13.144 -19.231 -3.431  1.00 23.14 ? 76  SER A C   1 
ATOM   610  O O   . SER A 1 76 ? -13.719 -18.948 -2.376  1.00 24.04 ? 76  SER A O   1 
ATOM   611  C CB  . SER A 1 76 ? -13.235 -21.709 -3.480  1.00 23.43 ? 76  SER A CB  1 
ATOM   612  O OG  . SER A 1 76 ? -14.098 -21.539 -2.364  1.00 34.16 ? 76  SER A OG  1 
ATOM   613  N N   . ILE A 1 77 ? -13.219 -18.456 -4.510  1.00 20.66 ? 77  ILE A N   1 
ATOM   614  C CA  . ILE A 1 77 ? -13.977 -17.199 -4.498  1.00 19.07 ? 77  ILE A CA  1 
ATOM   615  C C   . ILE A 1 77 ? -15.161 -17.399 -5.413  1.00 20.83 ? 77  ILE A C   1 
ATOM   616  O O   . ILE A 1 77 ? -15.011 -17.914 -6.520  1.00 18.94 ? 77  ILE A O   1 
ATOM   617  C CB  . ILE A 1 77 ? -13.119 -16.020 -5.048  1.00 18.18 ? 77  ILE A CB  1 
ATOM   618  C CG1 . ILE A 1 77 ? -11.888 -15.817 -4.161  1.00 11.95 ? 77  ILE A CG1 1 
ATOM   619  C CG2 . ILE A 1 77 ? -13.986 -14.739 -5.168  1.00 18.72 ? 77  ILE A CG2 1 
ATOM   620  C CD1 . ILE A 1 77 ? -12.208 -15.368 -2.748  1.00 13.52 ? 77  ILE A CD1 1 
ATOM   621  N N   . MET A 1 78 ? -16.350 -17.025 -4.963  1.00 20.48 ? 78  MET A N   1 
ATOM   622  C CA  . MET A 1 78 ? -17.511 -17.194 -5.834  1.00 19.40 ? 78  MET A CA  1 
ATOM   623  C C   . MET A 1 78 ? -18.403 -15.978 -5.805  1.00 19.55 ? 78  MET A C   1 
ATOM   624  O O   . MET A 1 78 ? -18.687 -15.438 -4.724  1.00 18.01 ? 78  MET A O   1 
ATOM   625  C CB  . MET A 1 78 ? -18.365 -18.382 -5.408  1.00 21.79 ? 78  MET A CB  1 
ATOM   626  C CG  . MET A 1 78 ? -19.509 -18.655 -6.393  1.00 28.77 ? 78  MET A CG  1 
ATOM   627  S SD  . MET A 1 78 ? -20.936 -19.546 -5.687  1.00 34.28 ? 78  MET A SD  1 
ATOM   628  C CE  . MET A 1 78 ? -22.110 -18.229 -5.757  1.00 35.21 ? 78  MET A CE  1 
ATOM   629  N N   . VAL A 1 79 ? -18.839 -15.541 -6.982  1.00 15.85 ? 79  VAL A N   1 
ATOM   630  C CA  . VAL A 1 79 ? -19.762 -14.441 -7.030  1.00 15.80 ? 79  VAL A CA  1 
ATOM   631  C C   . VAL A 1 79 ? -21.062 -14.997 -7.580  1.00 18.06 ? 79  VAL A C   1 
ATOM   632  O O   . VAL A 1 79 ? -21.082 -15.877 -8.448  1.00 17.13 ? 79  VAL A O   1 
ATOM   633  C CB  . VAL A 1 79 ? -19.273 -13.248 -7.907  1.00 13.05 ? 79  VAL A CB  1 
ATOM   634  C CG1 . VAL A 1 79 ? -19.088 -13.680 -9.353  1.00 8.54  ? 79  VAL A CG1 1 
ATOM   635  C CG2 . VAL A 1 79 ? -20.307 -12.104 -7.829  1.00 14.24 ? 79  VAL A CG2 1 
ATOM   636  N N   . LYS A 1 80 ? -22.161 -14.495 -7.035  1.00 20.52 ? 80  LYS A N   1 
ATOM   637  C CA  . LYS A 1 80 ? -23.475 -14.931 -7.472  1.00 22.64 ? 80  LYS A CA  1 
ATOM   638  C C   . LYS A 1 80 ? -24.270 -13.690 -7.801  1.00 21.54 ? 80  LYS A C   1 
ATOM   639  O O   . LYS A 1 80 ? -24.352 -12.783 -6.989  1.00 21.93 ? 80  LYS A O   1 
ATOM   640  C CB  . LYS A 1 80 ? -24.161 -15.704 -6.343  1.00 24.16 ? 80  LYS A CB  1 
ATOM   641  C CG  . LYS A 1 80 ? -25.598 -16.003 -6.615  1.00 27.49 ? 80  LYS A CG  1 
ATOM   642  C CD  . LYS A 1 80 ? -26.257 -16.636 -5.406  1.00 31.06 ? 80  LYS A CD  1 
ATOM   643  C CE  . LYS A 1 80 ? -25.649 -17.992 -5.103  1.00 34.53 ? 80  LYS A CE  1 
ATOM   644  N NZ  . LYS A 1 80 ? -26.276 -18.617 -3.900  1.00 38.53 ? 80  LYS A NZ  1 
ATOM   645  N N   . ALA A 1 81 ? -24.810 -13.616 -9.011  1.00 21.28 ? 81  ALA A N   1 
ATOM   646  C CA  . ALA A 1 81 ? -25.619 -12.468 -9.382  1.00 21.03 ? 81  ALA A CA  1 
ATOM   647  C C   . ALA A 1 81 ? -27.056 -12.972 -9.319  1.00 20.21 ? 81  ALA A C   1 
ATOM   648  O O   . ALA A 1 81 ? -27.355 -13.992 -9.895  1.00 21.59 ? 81  ALA A O   1 
ATOM   649  C CB  . ALA A 1 81 ? -25.280 -12.004 -10.781 1.00 18.08 ? 81  ALA A CB  1 
ATOM   650  N N   . ILE A 1 82 ? -27.932 -12.251 -8.622  1.00 22.59 ? 82  ILE A N   1 
ATOM   651  C CA  . ILE A 1 82 ? -29.327 -12.677 -8.470  1.00 24.55 ? 82  ILE A CA  1 
ATOM   652  C C   . ILE A 1 82 ? -30.341 -11.556 -8.594  1.00 19.85 ? 82  ILE A C   1 
ATOM   653  O O   . ILE A 1 82 ? -30.090 -10.438 -8.185  1.00 20.41 ? 82  ILE A O   1 
ATOM   654  C CB  . ILE A 1 82 ? -29.556 -13.303 -7.071  1.00 27.24 ? 82  ILE A CB  1 
ATOM   655  C CG1 . ILE A 1 82 ? -29.129 -12.325 -5.980  1.00 31.26 ? 82  ILE A CG1 1 
ATOM   656  C CG2 . ILE A 1 82 ? -28.645 -14.477 -6.868  1.00 33.77 ? 82  ILE A CG2 1 
ATOM   657  C CD1 . ILE A 1 82 ? -30.265 -11.475 -5.407  1.00 38.19 ? 82  ILE A CD1 1 
ATOM   658  N N   . ASN A 1 83 ? -31.495 -11.876 -9.149  1.00 19.38 ? 83  ASN A N   1 
ATOM   659  C CA  . ASN A 1 83 ? -32.600 -10.932 -9.273  1.00 21.56 ? 83  ASN A CA  1 
ATOM   660  C C   . ASN A 1 83 ? -33.822 -11.828 -9.262  1.00 24.49 ? 83  ASN A C   1 
ATOM   661  O O   . ASN A 1 83 ? -33.682 -13.050 -9.194  1.00 25.36 ? 83  ASN A O   1 
ATOM   662  C CB  . ASN A 1 83 ? -32.518 -10.067 -10.543 1.00 15.27 ? 83  ASN A CB  1 
ATOM   663  C CG  . ASN A 1 83 ? -32.724 -10.846 -11.822 1.00 17.15 ? 83  ASN A CG  1 
ATOM   664  O OD1 . ASN A 1 83 ? -33.063 -12.040 -11.811 1.00 19.26 ? 83  ASN A OD1 1 
ATOM   665  N ND2 . ASN A 1 83 ? -32.520 -10.170 -12.946 1.00 15.30 ? 83  ASN A ND2 1 
ATOM   666  N N   . ILE A 1 84 ? -35.016 -11.257 -9.330  1.00 26.39 ? 84  ILE A N   1 
ATOM   667  C CA  . ILE A 1 84 ? -36.213 -12.092 -9.252  1.00 26.55 ? 84  ILE A CA  1 
ATOM   668  C C   . ILE A 1 84 ? -36.435 -13.134 -10.335 1.00 27.87 ? 84  ILE A C   1 
ATOM   669  O O   . ILE A 1 84 ? -37.245 -14.040 -10.147 1.00 29.24 ? 84  ILE A O   1 
ATOM   670  C CB  . ILE A 1 84 ? -37.478 -11.223 -9.137  1.00 29.78 ? 84  ILE A CB  1 
ATOM   671  C CG1 . ILE A 1 84 ? -37.572 -10.283 -10.332 1.00 25.03 ? 84  ILE A CG1 1 
ATOM   672  C CG2 . ILE A 1 84 ? -37.437 -10.447 -7.815  1.00 31.66 ? 84  ILE A CG2 1 
ATOM   673  C CD1 . ILE A 1 84 ? -38.848 -9.534  -10.358 1.00 28.91 ? 84  ILE A CD1 1 
ATOM   674  N N   . ALA A 1 85 ? -35.718 -13.031 -11.451 1.00 26.42 ? 85  ALA A N   1 
ATOM   675  C CA  . ALA A 1 85 ? -35.869 -13.990 -12.538 1.00 24.71 ? 85  ALA A CA  1 
ATOM   676  C C   . ALA A 1 85 ? -34.887 -15.165 -12.444 1.00 28.87 ? 85  ALA A C   1 
ATOM   677  O O   . ALA A 1 85 ? -35.055 -16.169 -13.142 1.00 33.46 ? 85  ALA A O   1 
ATOM   678  C CB  . ALA A 1 85 ? -35.698 -13.288 -13.882 1.00 26.05 ? 85  ALA A CB  1 
ATOM   679  N N   . GLY A 1 86 ? -33.851 -15.054 -11.613 1.00 29.54 ? 86  GLY A N   1 
ATOM   680  C CA  . GLY A 1 86 ? -32.915 -16.161 -11.502 1.00 26.00 ? 86  GLY A CA  1 
ATOM   681  C C   . GLY A 1 86 ? -31.573 -15.776 -10.927 1.00 27.11 ? 86  GLY A C   1 
ATOM   682  O O   . GLY A 1 86 ? -31.380 -14.645 -10.486 1.00 25.07 ? 86  GLY A O   1 
ATOM   683  N N   . GLU A 1 87 ? -30.645 -16.723 -10.898 1.00 24.61 ? 87  GLU A N   1 
ATOM   684  C CA  . GLU A 1 87 ? -29.314 -16.422 -10.398 1.00 24.81 ? 87  GLU A CA  1 
ATOM   685  C C   . GLU A 1 87 ? -28.291 -17.138 -11.253 1.00 23.61 ? 87  GLU A C   1 
ATOM   686  O O   . GLU A 1 87 ? -28.621 -18.079 -11.951 1.00 24.94 ? 87  GLU A O   1 
ATOM   687  C CB  . GLU A 1 87 ? -29.154 -16.845 -8.935  1.00 25.81 ? 87  GLU A CB  1 
ATOM   688  C CG  . GLU A 1 87 ? -29.363 -18.318 -8.670  1.00 30.20 ? 87  GLU A CG  1 
ATOM   689  C CD  . GLU A 1 87 ? -28.953 -18.719 -7.252  1.00 33.49 ? 87  GLU A CD  1 
ATOM   690  O OE1 . GLU A 1 87 ? -28.054 -19.575 -7.120  1.00 35.27 ? 87  GLU A OE1 1 
ATOM   691  O OE2 . GLU A 1 87 ? -29.518 -18.184 -6.267  1.00 36.74 ? 87  GLU A OE2 1 
ATOM   692  N N   . THR A 1 88 ? -27.052 -16.678 -11.222 1.00 21.86 ? 88  THR A N   1 
ATOM   693  C CA  . THR A 1 88 ? -26.001 -17.333 -11.986 1.00 21.03 ? 88  THR A CA  1 
ATOM   694  C C   . THR A 1 88 ? -24.725 -17.109 -11.197 1.00 21.37 ? 88  THR A C   1 
ATOM   695  O O   . THR A 1 88 ? -24.683 -16.217 -10.355 1.00 24.69 ? 88  THR A O   1 
ATOM   696  C CB  . THR A 1 88 ? -25.905 -16.726 -13.413 1.00 20.44 ? 88  THR A CB  1 
ATOM   697  O OG1 . THR A 1 88 ? -24.976 -17.480 -14.188 1.00 21.25 ? 88  THR A OG1 1 
ATOM   698  C CG2 . THR A 1 88 ? -25.479 -15.259 -13.376 1.00 14.73 ? 88  THR A CG2 1 
ATOM   699  N N   . SER A 1 89 ? -23.696 -17.915 -11.405 1.00 21.35 ? 89  SER A N   1 
ATOM   700  C CA  . SER A 1 89 ? -22.479 -17.671 -10.648 1.00 20.88 ? 89  SER A CA  1 
ATOM   701  C C   . SER A 1 89 ? -21.155 -17.881 -11.373 1.00 16.10 ? 89  SER A C   1 
ATOM   702  O O   . SER A 1 89 ? -21.076 -18.474 -12.428 1.00 17.79 ? 89  SER A O   1 
ATOM   703  C CB  . SER A 1 89 ? -22.530 -18.461 -9.331  1.00 24.83 ? 89  SER A CB  1 
ATOM   704  O OG  . SER A 1 89 ? -22.770 -19.810 -9.613  1.00 28.03 ? 89  SER A OG  1 
ATOM   705  N N   . SER A 1 90 ? -20.097 -17.346 -10.811 1.00 14.83 ? 90  SER A N   1 
ATOM   706  C CA  . SER A 1 90 ? -18.808 -17.487 -11.456 1.00 16.54 ? 90  SER A CA  1 
ATOM   707  C C   . SER A 1 90 ? -17.810 -17.792 -10.345 1.00 17.04 ? 90  SER A C   1 
ATOM   708  O O   . SER A 1 90 ? -17.940 -17.246 -9.239  1.00 14.69 ? 90  SER A O   1 
ATOM   709  C CB  . SER A 1 90 ? -18.481 -16.201 -12.213 1.00 9.19  ? 90  SER A CB  1 
ATOM   710  O OG  . SER A 1 90 ? -17.318 -16.385 -12.963 1.00 12.18 ? 90  SER A OG  1 
ATOM   711  N N   . HIS A 1 91 ? -16.854 -18.680 -10.632 1.00 13.84 ? 91  HIS A N   1 
ATOM   712  C CA  . HIS A 1 91 ? -15.893 -19.148 -9.635  1.00 16.56 ? 91  HIS A CA  1 
ATOM   713  C C   . HIS A 1 91 ? -14.427 -18.984 -9.982  1.00 14.56 ? 91  HIS A C   1 
ATOM   714  O O   . HIS A 1 91 ? -14.048 -19.071 -11.135 1.00 16.40 ? 91  HIS A O   1 
ATOM   715  C CB  . HIS A 1 91 ? -16.142 -20.647 -9.354  1.00 20.42 ? 91  HIS A CB  1 
ATOM   716  C CG  . HIS A 1 91 ? -17.592 -21.008 -9.230  1.00 23.83 ? 91  HIS A CG  1 
ATOM   717  N ND1 . HIS A 1 91 ? -18.167 -21.396 -8.037  1.00 25.75 ? 91  HIS A ND1 1 
ATOM   718  C CD2 . HIS A 1 91 ? -18.592 -21.020 -10.148 1.00 25.13 ? 91  HIS A CD2 1 
ATOM   719  C CE1 . HIS A 1 91 ? -19.456 -21.627 -8.225  1.00 21.86 ? 91  HIS A CE1 1 
ATOM   720  N NE2 . HIS A 1 91 ? -19.741 -21.404 -9.495  1.00 21.46 ? 91  HIS A NE2 1 
ATOM   721  N N   . ALA A 1 92 ? -13.597 -18.797 -8.959  1.00 13.28 ? 92  ALA A N   1 
ATOM   722  C CA  . ALA A 1 92 ? -12.155 -18.647 -9.135  1.00 15.00 ? 92  ALA A CA  1 
ATOM   723  C C   . ALA A 1 92 ? -11.543 -18.937 -7.795  1.00 18.26 ? 92  ALA A C   1 
ATOM   724  O O   . ALA A 1 92 ? -12.243 -19.211 -6.834  1.00 18.25 ? 92  ALA A O   1 
ATOM   725  C CB  . ALA A 1 92 ? -11.817 -17.224 -9.547  1.00 12.47 ? 92  ALA A CB  1 
ATOM   726  N N   . PHE A 1 93 ? -10.226 -18.878 -7.701  1.00 20.14 ? 93  PHE A N   1 
ATOM   727  C CA  . PHE A 1 93 ? -9.628  -19.108 -6.400  1.00 21.56 ? 93  PHE A CA  1 
ATOM   728  C C   . PHE A 1 93 ? -8.706  -17.943 -6.089  1.00 21.76 ? 93  PHE A C   1 
ATOM   729  O O   . PHE A 1 93 ? -8.326  -17.196 -6.978  1.00 21.16 ? 93  PHE A O   1 
ATOM   730  C CB  . PHE A 1 93 ? -8.809  -20.415 -6.415  1.00 21.95 ? 93  PHE A CB  1 
ATOM   731  C CG  . PHE A 1 93 ? -7.582  -20.364 -7.327  1.00 22.59 ? 93  PHE A CG  1 
ATOM   732  C CD1 . PHE A 1 93 ? -6.481  -19.578 -6.999  1.00 21.59 ? 93  PHE A CD1 1 
ATOM   733  C CD2 . PHE A 1 93 ? -7.551  -21.085 -8.505  1.00 21.45 ? 93  PHE A CD2 1 
ATOM   734  C CE1 . PHE A 1 93 ? -5.366  -19.511 -7.825  1.00 18.99 ? 93  PHE A CE1 1 
ATOM   735  C CE2 . PHE A 1 93 ? -6.445  -21.033 -9.347  1.00 21.23 ? 93  PHE A CE2 1 
ATOM   736  C CZ  . PHE A 1 93 ? -5.348  -20.245 -9.005  1.00 22.66 ? 93  PHE A CZ  1 
ATOM   737  N N   . LEU A 1 94 ? -8.385  -17.767 -4.817  1.00 22.08 ? 94  LEU A N   1 
ATOM   738  C CA  . LEU A 1 94 ? -7.392  -16.778 -4.436  1.00 23.76 ? 94  LEU A CA  1 
ATOM   739  C C   . LEU A 1 94 ? -6.269  -17.635 -3.799  1.00 24.91 ? 94  LEU A C   1 
ATOM   740  O O   . LEU A 1 94 ? -6.529  -18.416 -2.870  1.00 23.16 ? 94  LEU A O   1 
ATOM   741  C CB  . LEU A 1 94 ? -7.926  -15.789 -3.396  1.00 20.96 ? 94  LEU A CB  1 
ATOM   742  C CG  . LEU A 1 94 ? -6.837  -14.882 -2.782  1.00 25.34 ? 94  LEU A CG  1 
ATOM   743  C CD1 . LEU A 1 94 ? -6.109  -14.140 -3.889  1.00 23.75 ? 94  LEU A CD1 1 
ATOM   744  C CD2 . LEU A 1 94 ? -7.465  -13.888 -1.794  1.00 23.39 ? 94  LEU A CD2 1 
ATOM   745  N N   . LEU A 1 95 ? -5.044  -17.509 -4.312  1.00 25.56 ? 95  LEU A N   1 
ATOM   746  C CA  . LEU A 1 95 ? -3.898  -18.237 -3.765  1.00 25.48 ? 95  LEU A CA  1 
ATOM   747  C C   . LEU A 1 95 ? -2.924  -17.207 -3.202  1.00 26.71 ? 95  LEU A C   1 
ATOM   748  O O   . LEU A 1 95 ? -2.368  -16.418 -3.947  1.00 26.13 ? 95  LEU A O   1 
ATOM   749  C CB  . LEU A 1 95 ? -3.219  -19.061 -4.866  1.00 26.99 ? 95  LEU A CB  1 
ATOM   750  C CG  . LEU A 1 95 ? -1.983  -19.866 -4.435  1.00 28.68 ? 95  LEU A CG  1 
ATOM   751  C CD1 . LEU A 1 95 ? -2.391  -20.938 -3.411  1.00 25.65 ? 95  LEU A CD1 1 
ATOM   752  C CD2 . LEU A 1 95 ? -1.348  -20.509 -5.656  1.00 20.45 ? 95  LEU A CD2 1 
ATOM   753  N N   . VAL A 1 96 ? -2.736  -17.196 -1.888  1.00 29.20 ? 96  VAL A N   1 
ATOM   754  C CA  . VAL A 1 96 ? -1.822  -16.245 -1.263  1.00 34.41 ? 96  VAL A CA  1 
ATOM   755  C C   . VAL A 1 96 ? -0.397  -16.816 -1.141  1.00 38.41 ? 96  VAL A C   1 
ATOM   756  O O   . VAL A 1 96 ? -0.222  -17.970 -0.741  1.00 38.91 ? 96  VAL A O   1 
ATOM   757  C CB  . VAL A 1 96 ? -2.335  -15.856 0.146   1.00 35.38 ? 96  VAL A CB  1 
ATOM   758  C CG1 . VAL A 1 96 ? -1.354  -14.907 0.832   1.00 32.78 ? 96  VAL A CG1 1 
ATOM   759  C CG2 . VAL A 1 96 ? -3.706  -15.192 0.031   1.00 32.94 ? 96  VAL A CG2 1 
ATOM   760  N N   . GLN A 1 97 ? 0.611   -16.012 -1.499  1.00 42.89 ? 97  GLN A N   1 
ATOM   761  C CA  . GLN A 1 97 ? 2.033   -16.413 -1.406  1.00 47.70 ? 97  GLN A CA  1 
ATOM   762  C C   . GLN A 1 97 ? 2.726   -15.535 -0.367  1.00 50.28 ? 97  GLN A C   1 
ATOM   763  O O   . GLN A 1 97 ? 2.620   -14.309 -0.431  1.00 51.41 ? 97  GLN A O   1 
ATOM   764  C CB  . GLN A 1 97 ? 2.787   -16.192 -2.720  1.00 46.72 ? 97  GLN A CB  1 
ATOM   765  C CG  . GLN A 1 97 ? 2.122   -16.733 -3.949  1.00 53.33 ? 97  GLN A CG  1 
ATOM   766  C CD  . GLN A 1 97 ? 3.023   -16.662 -5.180  1.00 55.39 ? 97  GLN A CD  1 
ATOM   767  O OE1 . GLN A 1 97 ? 3.373   -15.570 -5.651  1.00 54.07 ? 97  GLN A OE1 1 
ATOM   768  N NE2 . GLN A 1 97 ? 3.401   -17.832 -5.706  1.00 55.79 ? 97  GLN A NE2 1 
ATOM   769  N N   . ALA A 1 98 ? 3.447   -16.145 0.574   1.00 53.44 ? 98  ALA A N   1 
ATOM   770  C CA  . ALA A 1 98 ? 4.157   -15.380 1.607   1.00 55.11 ? 98  ALA A CA  1 
ATOM   771  C C   . ALA A 1 98 ? 5.397   -14.685 1.010   1.00 57.02 ? 98  ALA A C   1 
ATOM   772  O O   . ALA A 1 98 ? 5.812   -15.011 -0.106  1.00 58.45 ? 98  ALA A O   1 
ATOM   773  C CB  . ALA A 1 98 ? 4.559   -16.310 2.758   1.00 53.22 ? 98  ALA A CB  1 
ATOM   774  N N   . LYS A 1 99 ? 5.965   -13.732 1.758   1.00 60.02 ? 99  LYS A N   1 
ATOM   775  C CA  . LYS A 1 99 ? 7.154   -12.951 1.364   1.00 60.97 ? 99  LYS A CA  1 
ATOM   776  C C   . LYS A 1 99 ? 7.306   -12.709 -0.141  1.00 62.92 ? 99  LYS A C   1 
ATOM   777  O O   . LYS A 1 99 ? 6.994   -11.579 -0.594  1.00 63.53 ? 99  LYS A O   1 
ATOM   778  C CB  . LYS A 1 99 ? 8.444   -13.609 1.884   1.00 59.51 ? 99  LYS A CB  1 
ATOM   779  C CG  . LYS A 1 99 ? 8.421   -13.979 3.344   1.00 59.51 ? 99  LYS A CG  1 
ATOM   780  C CD  . LYS A 1 99 ? 7.521   -15.172 3.532   1.00 59.30 ? 99  LYS A CD  1 
ATOM   781  C CE  . LYS A 1 99 ? 7.394   -15.567 4.972   1.00 60.97 ? 99  LYS A CE  1 
ATOM   782  N NZ  . LYS A 1 99 ? 6.487   -16.733 5.085   1.00 60.86 ? 99  LYS A NZ  1 
ATOM   783  N N   . SER B 1 2  ? -4.011  18.621  -10.063 1.00 55.15 ? 2   SER B N   1 
ATOM   784  C CA  . SER B 1 2  ? -4.109  17.153  -9.771  1.00 54.92 ? 2   SER B CA  1 
ATOM   785  C C   . SER B 1 2  ? -3.112  16.772  -8.659  1.00 51.86 ? 2   SER B C   1 
ATOM   786  O O   . SER B 1 2  ? -1.992  17.277  -8.642  1.00 52.79 ? 2   SER B O   1 
ATOM   787  C CB  . SER B 1 2  ? -3.805  16.348  -11.048 1.00 55.12 ? 2   SER B CB  1 
ATOM   788  O OG  . SER B 1 2  ? -4.243  14.997  -10.936 1.00 58.04 ? 2   SER B OG  1 
ATOM   789  N N   . MET B 1 3  ? -3.531  15.907  -7.732  1.00 48.89 ? 3   MET B N   1 
ATOM   790  C CA  . MET B 1 3  ? -2.661  15.445  -6.639  1.00 46.70 ? 3   MET B CA  1 
ATOM   791  C C   . MET B 1 3  ? -1.564  14.566  -7.240  1.00 44.15 ? 3   MET B C   1 
ATOM   792  O O   . MET B 1 3  ? -1.776  13.934  -8.281  1.00 45.67 ? 3   MET B O   1 
ATOM   793  C CB  . MET B 1 3  ? -3.425  14.568  -5.634  1.00 48.13 ? 3   MET B CB  1 
ATOM   794  C CG  . MET B 1 3  ? -4.749  15.098  -5.142  1.00 53.13 ? 3   MET B CG  1 
ATOM   795  S SD  . MET B 1 3  ? -4.638  16.031  -3.631  1.00 57.42 ? 3   MET B SD  1 
ATOM   796  C CE  . MET B 1 3  ? -4.158  17.666  -4.266  1.00 56.29 ? 3   MET B CE  1 
ATOM   797  N N   . GLU B 1 4  ? -0.406  14.512  -6.584  1.00 38.66 ? 4   GLU B N   1 
ATOM   798  C CA  . GLU B 1 4  ? 0.701   13.678  -7.048  1.00 35.38 ? 4   GLU B CA  1 
ATOM   799  C C   . GLU B 1 4  ? 1.455   13.103  -5.868  1.00 31.96 ? 4   GLU B C   1 
ATOM   800  O O   . GLU B 1 4  ? 1.970   13.847  -5.032  1.00 29.23 ? 4   GLU B O   1 
ATOM   801  C CB  . GLU B 1 4  ? 1.667   14.487  -7.910  1.00 36.74 ? 4   GLU B CB  1 
ATOM   802  C CG  . GLU B 1 4  ? 0.983   15.125  -9.102  1.00 46.05 ? 4   GLU B CG  1 
ATOM   803  C CD  . GLU B 1 4  ? 1.945   15.806  -10.047 1.00 48.60 ? 4   GLU B CD  1 
ATOM   804  O OE1 . GLU B 1 4  ? 2.774   16.612  -9.568  1.00 51.81 ? 4   GLU B OE1 1 
ATOM   805  O OE2 . GLU B 1 4  ? 1.866   15.543  -11.273 1.00 54.46 ? 4   GLU B OE2 1 
ATOM   806  N N   . ALA B 1 5  ? 1.516   11.778  -5.809  1.00 30.40 ? 5   ALA B N   1 
ATOM   807  C CA  . ALA B 1 5  ? 2.217   11.079  -4.735  1.00 26.07 ? 5   ALA B CA  1 
ATOM   808  C C   . ALA B 1 5  ? 3.705   11.457  -4.760  1.00 24.20 ? 5   ALA B C   1 
ATOM   809  O O   . ALA B 1 5  ? 4.270   11.734  -5.818  1.00 22.85 ? 5   ALA B O   1 
ATOM   810  C CB  . ALA B 1 5  ? 2.039   9.571   -4.895  1.00 24.94 ? 5   ALA B CB  1 
ATOM   811  N N   . PRO B 1 6  ? 4.353   11.481  -3.589  1.00 22.20 ? 6   PRO B N   1 
ATOM   812  C CA  . PRO B 1 6  ? 5.763   11.835  -3.476  1.00 19.47 ? 6   PRO B CA  1 
ATOM   813  C C   . PRO B 1 6  ? 6.636   10.981  -4.363  1.00 18.77 ? 6   PRO B C   1 
ATOM   814  O O   . PRO B 1 6  ? 6.423   9.789   -4.468  1.00 18.74 ? 6   PRO B O   1 
ATOM   815  C CB  . PRO B 1 6  ? 6.064   11.573  -1.999  1.00 19.53 ? 6   PRO B CB  1 
ATOM   816  C CG  . PRO B 1 6  ? 4.742   11.805  -1.335  1.00 20.69 ? 6   PRO B CG  1 
ATOM   817  C CD  . PRO B 1 6  ? 3.820   11.087  -2.273  1.00 22.27 ? 6   PRO B CD  1 
ATOM   818  N N   . LYS B 1 7  ? 7.633   11.595  -4.981  1.00 17.31 ? 7   LYS B N   1 
ATOM   819  C CA  . LYS B 1 7  ? 8.570   10.837  -5.800  1.00 22.68 ? 7   LYS B CA  1 
ATOM   820  C C   . LYS B 1 7  ? 9.989   11.265  -5.449  1.00 20.84 ? 7   LYS B C   1 
ATOM   821  O O   . LYS B 1 7  ? 10.302  12.437  -5.423  1.00 20.88 ? 7   LYS B O   1 
ATOM   822  C CB  . LYS B 1 7  ? 8.305   11.053  -7.293  1.00 22.36 ? 7   LYS B CB  1 
ATOM   823  C CG  . LYS B 1 7  ? 6.921   10.565  -7.733  1.00 24.00 ? 7   LYS B CG  1 
ATOM   824  C CD  . LYS B 1 7  ? 6.566   11.102  -9.115  1.00 29.40 ? 7   LYS B CD  1 
ATOM   825  C CE  . LYS B 1 7  ? 5.150   10.720  -9.533  1.00 35.68 ? 7   LYS B CE  1 
ATOM   826  N NZ  . LYS B 1 7  ? 4.056   11.488  -8.848  1.00 37.45 ? 7   LYS B NZ  1 
ATOM   827  N N   . ILE B 1 8  ? 10.845  10.294  -5.181  1.00 21.61 ? 8   ILE B N   1 
ATOM   828  C CA  . ILE B 1 8  ? 12.224  10.575  -4.840  1.00 17.91 ? 8   ILE B CA  1 
ATOM   829  C C   . ILE B 1 8  ? 13.094  10.652  -6.109  1.00 17.67 ? 8   ILE B C   1 
ATOM   830  O O   . ILE B 1 8  ? 13.220  9.681   -6.859  1.00 17.80 ? 8   ILE B O   1 
ATOM   831  C CB  . ILE B 1 8  ? 12.737  9.473   -3.855  1.00 15.64 ? 8   ILE B CB  1 
ATOM   832  C CG1 . ILE B 1 8  ? 12.104  9.709   -2.488  1.00 15.45 ? 8   ILE B CG1 1 
ATOM   833  C CG2 . ILE B 1 8  ? 14.268  9.491   -3.771  1.00 15.42 ? 8   ILE B CG2 1 
ATOM   834  C CD1 . ILE B 1 8  ? 12.197  8.560   -1.539  1.00 19.29 ? 8   ILE B CD1 1 
ATOM   835  N N   . PHE B 1 9  ? 13.665  11.824  -6.366  1.00 15.14 ? 9   PHE B N   1 
ATOM   836  C CA  . PHE B 1 9  ? 14.520  11.988  -7.515  1.00 16.11 ? 9   PHE B CA  1 
ATOM   837  C C   . PHE B 1 9  ? 15.957  11.659  -7.145  1.00 18.41 ? 9   PHE B C   1 
ATOM   838  O O   . PHE B 1 9  ? 16.731  11.180  -7.971  1.00 18.59 ? 9   PHE B O   1 
ATOM   839  C CB  . PHE B 1 9  ? 14.448  13.426  -8.056  1.00 16.45 ? 9   PHE B CB  1 
ATOM   840  C CG  . PHE B 1 9  ? 13.158  13.743  -8.783  1.00 21.00 ? 9   PHE B CG  1 
ATOM   841  C CD1 . PHE B 1 9  ? 12.205  12.758  -9.013  1.00 22.83 ? 9   PHE B CD1 1 
ATOM   842  C CD2 . PHE B 1 9  ? 12.912  15.041  -9.265  1.00 22.28 ? 9   PHE B CD2 1 
ATOM   843  C CE1 . PHE B 1 9  ? 11.023  13.055  -9.719  1.00 21.34 ? 9   PHE B CE1 1 
ATOM   844  C CE2 . PHE B 1 9  ? 11.750  15.337  -9.962  1.00 20.88 ? 9   PHE B CE2 1 
ATOM   845  C CZ  . PHE B 1 9  ? 10.808  14.347  -10.189 1.00 20.49 ? 9   PHE B CZ  1 
ATOM   846  N N   . GLU B 1 10 ? 16.321  11.938  -5.894  1.00 19.86 ? 10  GLU B N   1 
ATOM   847  C CA  . GLU B 1 10 ? 17.677  11.670  -5.393  1.00 17.28 ? 10  GLU B CA  1 
ATOM   848  C C   . GLU B 1 10 ? 17.553  10.959  -4.069  1.00 16.12 ? 10  GLU B C   1 
ATOM   849  O O   . GLU B 1 10 ? 17.030  11.506  -3.102  1.00 14.10 ? 10  GLU B O   1 
ATOM   850  C CB  . GLU B 1 10 ? 18.448  12.969  -5.204  1.00 20.76 ? 10  GLU B CB  1 
ATOM   851  C CG  . GLU B 1 10 ? 18.760  13.710  -6.503  1.00 28.25 ? 10  GLU B CG  1 
ATOM   852  C CD  . GLU B 1 10 ? 19.554  14.980  -6.232  1.00 30.53 ? 10  GLU B CD  1 
ATOM   853  O OE1 . GLU B 1 10 ? 20.481  14.914  -5.403  1.00 39.17 ? 10  GLU B OE1 1 
ATOM   854  O OE2 . GLU B 1 10 ? 19.265  16.025  -6.838  1.00 32.86 ? 10  GLU B OE2 1 
ATOM   855  N N   . ARG B 1 11 ? 18.022  9.726   -4.035  1.00 17.84 ? 11  ARG B N   1 
ATOM   856  C CA  . ARG B 1 11 ? 17.913  8.958   -2.816  1.00 20.16 ? 11  ARG B CA  1 
ATOM   857  C C   . ARG B 1 11 ? 19.053  9.187   -1.834  1.00 19.67 ? 11  ARG B C   1 
ATOM   858  O O   . ARG B 1 11 ? 20.055  9.815   -2.158  1.00 19.07 ? 11  ARG B O   1 
ATOM   859  C CB  . ARG B 1 11 ? 17.768  7.480   -3.159  1.00 20.63 ? 11  ARG B CB  1 
ATOM   860  C CG  . ARG B 1 11 ? 18.872  6.943   -3.973  1.00 29.11 ? 11  ARG B CG  1 
ATOM   861  C CD  . ARG B 1 11 ? 18.255  6.208   -5.084  1.00 29.20 ? 11  ARG B CD  1 
ATOM   862  N NE  . ARG B 1 11 ? 18.979  4.995   -5.386  1.00 32.58 ? 11  ARG B NE  1 
ATOM   863  C CZ  . ARG B 1 11 ? 20.027  4.920   -6.185  1.00 31.53 ? 11  ARG B CZ  1 
ATOM   864  N NH1 . ARG B 1 11 ? 20.510  6.012   -6.785  1.00 34.36 ? 11  ARG B NH1 1 
ATOM   865  N NH2 . ARG B 1 11 ? 20.576  3.735   -6.393  1.00 33.06 ? 11  ARG B NH2 1 
ATOM   866  N N   . ILE B 1 12 ? 18.869  8.710   -0.606  1.00 19.75 ? 12  ILE B N   1 
ATOM   867  C CA  . ILE B 1 12 ? 19.890  8.877   0.398   1.00 19.18 ? 12  ILE B CA  1 
ATOM   868  C C   . ILE B 1 12 ? 20.962  7.803   0.235   1.00 21.14 ? 12  ILE B C   1 
ATOM   869  O O   . ILE B 1 12 ? 20.731  6.755   -0.358  1.00 20.99 ? 12  ILE B O   1 
ATOM   870  C CB  . ILE B 1 12 ? 19.297  8.844   1.843   1.00 19.58 ? 12  ILE B CB  1 
ATOM   871  C CG1 . ILE B 1 12 ? 18.631  7.503   2.129   1.00 14.53 ? 12  ILE B CG1 1 
ATOM   872  C CG2 . ILE B 1 12 ? 18.290  10.010  2.036   1.00 15.97 ? 12  ILE B CG2 1 
ATOM   873  C CD1 . ILE B 1 12 ? 18.336  7.369   3.590   1.00 13.23 ? 12  ILE B CD1 1 
ATOM   874  N N   . GLN B 1 13 ? 22.155  8.088   0.734   1.00 22.08 ? 13  GLN B N   1 
ATOM   875  C CA  . GLN B 1 13 ? 23.233  7.124   0.634   1.00 24.03 ? 13  GLN B CA  1 
ATOM   876  C C   . GLN B 1 13 ? 23.778  6.891   2.028   1.00 20.34 ? 13  GLN B C   1 
ATOM   877  O O   . GLN B 1 13 ? 23.693  7.763   2.891   1.00 19.94 ? 13  GLN B O   1 
ATOM   878  C CB  . GLN B 1 13 ? 24.355  7.671   -0.247  1.00 25.36 ? 13  GLN B CB  1 
ATOM   879  C CG  . GLN B 1 13 ? 23.868  8.443   -1.440  1.00 36.07 ? 13  GLN B CG  1 
ATOM   880  C CD  . GLN B 1 13 ? 24.985  9.259   -2.096  1.00 42.13 ? 13  GLN B CD  1 
ATOM   881  O OE1 . GLN B 1 13 ? 24.715  10.260  -2.779  1.00 44.18 ? 13  GLN B OE1 1 
ATOM   882  N NE2 . GLN B 1 13 ? 26.245  8.836   -1.892  1.00 41.43 ? 13  GLN B NE2 1 
ATOM   883  N N   . SER B 1 14 ? 24.351  5.715   2.229   1.00 21.22 ? 14  SER B N   1 
ATOM   884  C CA  . SER B 1 14 ? 24.935  5.358   3.507   1.00 25.17 ? 14  SER B CA  1 
ATOM   885  C C   . SER B 1 14 ? 26.091  6.285   3.841   1.00 29.14 ? 14  SER B C   1 
ATOM   886  O O   . SER B 1 14 ? 26.796  6.802   2.958   1.00 33.73 ? 14  SER B O   1 
ATOM   887  C CB  . SER B 1 14 ? 25.434  3.914   3.496   1.00 22.50 ? 14  SER B CB  1 
ATOM   888  O OG  . SER B 1 14 ? 24.367  3.008   3.298   1.00 23.79 ? 14  SER B OG  1 
ATOM   889  N N   . GLN B 1 15 ? 26.264  6.495   5.135   1.00 28.77 ? 15  GLN B N   1 
ATOM   890  C CA  . GLN B 1 15 ? 27.306  7.342   5.656   1.00 27.46 ? 15  GLN B CA  1 
ATOM   891  C C   . GLN B 1 15 ? 28.168  6.544   6.622   1.00 27.02 ? 15  GLN B C   1 
ATOM   892  O O   . GLN B 1 15 ? 27.658  5.834   7.496   1.00 22.60 ? 15  GLN B O   1 
ATOM   893  C CB  . GLN B 1 15 ? 26.673  8.509   6.410   1.00 30.56 ? 15  GLN B CB  1 
ATOM   894  C CG  . GLN B 1 15 ? 25.994  9.505   5.529   1.00 32.46 ? 15  GLN B CG  1 
ATOM   895  C CD  . GLN B 1 15 ? 26.991  10.503  5.007   1.00 33.87 ? 15  GLN B CD  1 
ATOM   896  O OE1 . GLN B 1 15 ? 27.637  11.199  5.786   1.00 40.86 ? 15  GLN B OE1 1 
ATOM   897  N NE2 . GLN B 1 15 ? 27.131  10.581  3.702   1.00 31.40 ? 15  GLN B NE2 1 
ATOM   898  N N   . THR B 1 16 ? 29.474  6.660   6.442   1.00 26.44 ? 16  THR B N   1 
ATOM   899  C CA  . THR B 1 16 ? 30.445  6.036   7.322   1.00 26.83 ? 16  THR B CA  1 
ATOM   900  C C   . THR B 1 16 ? 31.049  7.285   7.940   1.00 27.24 ? 16  THR B C   1 
ATOM   901  O O   . THR B 1 16 ? 31.639  8.092   7.227   1.00 27.04 ? 16  THR B O   1 
ATOM   902  C CB  . THR B 1 16 ? 31.450  5.274   6.513   1.00 28.01 ? 16  THR B CB  1 
ATOM   903  O OG1 . THR B 1 16 ? 30.752  4.270   5.781   1.00 32.42 ? 16  THR B OG1 1 
ATOM   904  C CG2 . THR B 1 16 ? 32.452  4.599   7.402   1.00 31.28 ? 16  THR B CG2 1 
ATOM   905  N N   . VAL B 1 17 ? 30.847  7.456   9.250   1.00 26.26 ? 17  VAL B N   1 
ATOM   906  C CA  . VAL B 1 17 ? 31.285  8.639   9.984   1.00 28.59 ? 17  VAL B CA  1 
ATOM   907  C C   . VAL B 1 17 ? 32.015  8.308   11.288  1.00 30.86 ? 17  VAL B C   1 
ATOM   908  O O   . VAL B 1 17 ? 31.583  7.434   12.054  1.00 31.58 ? 17  VAL B O   1 
ATOM   909  C CB  . VAL B 1 17 ? 30.065  9.526   10.346  1.00 29.44 ? 17  VAL B CB  1 
ATOM   910  C CG1 . VAL B 1 17 ? 30.527  10.809  10.985  1.00 25.02 ? 17  VAL B CG1 1 
ATOM   911  C CG2 . VAL B 1 17 ? 29.225  9.812   9.086   1.00 28.97 ? 17  VAL B CG2 1 
ATOM   912  N N   . GLY B 1 18 ? 33.105  9.021   11.550  1.00 29.51 ? 18  GLY B N   1 
ATOM   913  C CA  . GLY B 1 18 ? 33.871  8.763   12.761  1.00 29.60 ? 18  GLY B CA  1 
ATOM   914  C C   . GLY B 1 18 ? 33.208  9.278   14.016  1.00 28.87 ? 18  GLY B C   1 
ATOM   915  O O   . GLY B 1 18 ? 32.496  10.285  13.986  1.00 30.57 ? 18  GLY B O   1 
ATOM   916  N N   . GLN B 1 19 ? 33.410  8.584   15.124  1.00 29.04 ? 19  GLN B N   1 
ATOM   917  C CA  . GLN B 1 19 ? 32.827  9.014   16.404  1.00 31.37 ? 19  GLN B CA  1 
ATOM   918  C C   . GLN B 1 19 ? 33.075  10.502  16.581  1.00 30.45 ? 19  GLN B C   1 
ATOM   919  O O   . GLN B 1 19 ? 34.190  10.971  16.349  1.00 30.11 ? 19  GLN B O   1 
ATOM   920  C CB  . GLN B 1 19 ? 33.498  8.314   17.602  1.00 29.95 ? 19  GLN B CB  1 
ATOM   921  C CG  . GLN B 1 19 ? 32.984  6.956   17.984  1.00 34.04 ? 19  GLN B CG  1 
ATOM   922  C CD  . GLN B 1 19 ? 33.885  6.296   19.041  1.00 37.57 ? 19  GLN B CD  1 
ATOM   923  O OE1 . GLN B 1 19 ? 35.100  6.199   18.857  1.00 34.09 ? 19  GLN B OE1 1 
ATOM   924  N NE2 . GLN B 1 19 ? 33.288  5.842   20.139  1.00 36.27 ? 19  GLN B NE2 1 
ATOM   925  N N   . GLY B 1 20 ? 32.043  11.233  16.996  1.00 31.29 ? 20  GLY B N   1 
ATOM   926  C CA  . GLY B 1 20 ? 32.201  12.653  17.225  1.00 30.31 ? 20  GLY B CA  1 
ATOM   927  C C   . GLY B 1 20 ? 31.885  13.559  16.058  1.00 28.93 ? 20  GLY B C   1 
ATOM   928  O O   . GLY B 1 20 ? 31.559  14.720  16.274  1.00 32.10 ? 20  GLY B O   1 
ATOM   929  N N   . SER B 1 21 ? 32.006  13.065  14.830  1.00 28.43 ? 21  SER B N   1 
ATOM   930  C CA  . SER B 1 21 ? 31.682  13.875  13.649  1.00 27.26 ? 21  SER B CA  1 
ATOM   931  C C   . SER B 1 21 ? 30.171  13.904  13.446  1.00 25.69 ? 21  SER B C   1 
ATOM   932  O O   . SER B 1 21 ? 29.453  13.216  14.168  1.00 24.89 ? 21  SER B O   1 
ATOM   933  C CB  . SER B 1 21 ? 32.347  13.314  12.407  1.00 25.91 ? 21  SER B CB  1 
ATOM   934  O OG  . SER B 1 21 ? 33.716  13.671  12.419  1.00 34.74 ? 21  SER B OG  1 
ATOM   935  N N   . ASP B 1 22 ? 29.694  14.708  12.486  1.00 24.20 ? 22  ASP B N   1 
ATOM   936  C CA  . ASP B 1 22 ? 28.258  14.824  12.214  1.00 25.25 ? 22  ASP B CA  1 
ATOM   937  C C   . ASP B 1 22 ? 27.871  14.009  10.995  1.00 21.35 ? 22  ASP B C   1 
ATOM   938  O O   . ASP B 1 22 ? 28.614  13.940  10.039  1.00 24.54 ? 22  ASP B O   1 
ATOM   939  C CB  . ASP B 1 22 ? 27.842  16.272  11.939  1.00 27.98 ? 22  ASP B CB  1 
ATOM   940  C CG  . ASP B 1 22 ? 28.202  17.235  13.070  1.00 31.99 ? 22  ASP B CG  1 
ATOM   941  O OD1 . ASP B 1 22 ? 28.236  16.840  14.259  1.00 28.67 ? 22  ASP B OD1 1 
ATOM   942  O OD2 . ASP B 1 22 ? 28.424  18.426  12.741  1.00 33.96 ? 22  ASP B OD2 1 
ATOM   943  N N   . ALA B 1 23 ? 26.698  13.401  11.025  1.00 19.83 ? 23  ALA B N   1 
ATOM   944  C CA  . ALA B 1 23 ? 26.231  12.598  9.896   1.00 19.78 ? 23  ALA B CA  1 
ATOM   945  C C   . ALA B 1 23 ? 25.182  13.401  9.129   1.00 16.96 ? 23  ALA B C   1 
ATOM   946  O O   . ALA B 1 23 ? 24.313  14.000  9.733   1.00 20.80 ? 23  ALA B O   1 
ATOM   947  C CB  . ALA B 1 23 ? 25.609  11.274  10.412  1.00 16.69 ? 23  ALA B CB  1 
ATOM   948  N N   . HIS B 1 24 ? 25.262  13.410  7.807   1.00 16.97 ? 24  HIS B N   1 
ATOM   949  C CA  . HIS B 1 24 ? 24.289  14.122  7.001   1.00 19.51 ? 24  HIS B CA  1 
ATOM   950  C C   . HIS B 1 24 ? 23.662  13.209  5.946   1.00 18.24 ? 24  HIS B C   1 
ATOM   951  O O   . HIS B 1 24 ? 24.377  12.498  5.266   1.00 17.03 ? 24  HIS B O   1 
ATOM   952  C CB  . HIS B 1 24 ? 24.969  15.295  6.285   1.00 21.83 ? 24  HIS B CB  1 
ATOM   953  C CG  . HIS B 1 24 ? 25.414  16.388  7.206   1.00 27.77 ? 24  HIS B CG  1 
ATOM   954  N ND1 . HIS B 1 24 ? 24.722  17.576  7.341   1.00 28.65 ? 24  HIS B ND1 1 
ATOM   955  C CD2 . HIS B 1 24 ? 26.474  16.469  8.049   1.00 27.88 ? 24  HIS B CD2 1 
ATOM   956  C CE1 . HIS B 1 24 ? 25.336  18.339  8.231   1.00 29.76 ? 24  HIS B CE1 1 
ATOM   957  N NE2 . HIS B 1 24 ? 26.400  17.691  8.675   1.00 28.70 ? 24  HIS B NE2 1 
ATOM   958  N N   . PHE B 1 25 ? 22.331  13.240  5.831   1.00 18.92 ? 25  PHE B N   1 
ATOM   959  C CA  . PHE B 1 25 ? 21.549  12.483  4.828   1.00 18.80 ? 25  PHE B CA  1 
ATOM   960  C C   . PHE B 1 25 ? 20.622  13.496  4.103   1.00 19.09 ? 25  PHE B C   1 
ATOM   961  O O   . PHE B 1 25 ? 19.993  14.354  4.729   1.00 19.73 ? 25  PHE B O   1 
ATOM   962  C CB  . PHE B 1 25 ? 20.703  11.367  5.488   1.00 18.09 ? 25  PHE B CB  1 
ATOM   963  C CG  . PHE B 1 25 ? 21.523  10.237  6.083   1.00 18.64 ? 25  PHE B CG  1 
ATOM   964  C CD1 . PHE B 1 25 ? 21.904  9.151   5.308   1.00 19.36 ? 25  PHE B CD1 1 
ATOM   965  C CD2 . PHE B 1 25 ? 21.927  10.275  7.420   1.00 18.77 ? 25  PHE B CD2 1 
ATOM   966  C CE1 . PHE B 1 25 ? 22.681  8.107   5.859   1.00 24.13 ? 25  PHE B CE1 1 
ATOM   967  C CE2 . PHE B 1 25 ? 22.715  9.221   7.975   1.00 19.22 ? 25  PHE B CE2 1 
ATOM   968  C CZ  . PHE B 1 25 ? 23.085  8.154   7.196   1.00 19.26 ? 25  PHE B CZ  1 
ATOM   969  N N   . ARG B 1 26 ? 20.553  13.370  2.783   1.00 16.94 ? 26  ARG B N   1 
ATOM   970  C CA  . ARG B 1 26 ? 19.794  14.268  1.948   1.00 20.48 ? 26  ARG B CA  1 
ATOM   971  C C   . ARG B 1 26 ? 18.979  13.517  0.906   1.00 18.59 ? 26  ARG B C   1 
ATOM   972  O O   . ARG B 1 26 ? 19.482  12.609  0.220   1.00 15.05 ? 26  ARG B O   1 
ATOM   973  C CB  . ARG B 1 26 ? 20.752  15.209  1.197   1.00 21.00 ? 26  ARG B CB  1 
ATOM   974  C CG  . ARG B 1 26 ? 21.483  16.192  2.072   1.00 29.26 ? 26  ARG B CG  1 
ATOM   975  C CD  . ARG B 1 26 ? 22.656  16.835  1.319   1.00 31.76 ? 26  ARG B CD  1 
ATOM   976  N NE  . ARG B 1 26 ? 22.261  17.567  0.115   1.00 36.87 ? 26  ARG B NE  1 
ATOM   977  C CZ  . ARG B 1 26 ? 21.826  18.833  0.083   1.00 38.21 ? 26  ARG B CZ  1 
ATOM   978  N NH1 . ARG B 1 26 ? 21.505  19.386  -1.082  1.00 35.61 ? 26  ARG B NH1 1 
ATOM   979  N NH2 . ARG B 1 26 ? 21.721  19.546  1.204   1.00 35.12 ? 26  ARG B NH2 1 
ATOM   980  N N   . VAL B 1 27 ? 17.727  13.920  0.779   1.00 15.93 ? 27  VAL B N   1 
ATOM   981  C CA  . VAL B 1 27 ? 16.862  13.325  -0.205  1.00 17.30 ? 27  VAL B CA  1 
ATOM   982  C C   . VAL B 1 27 ? 16.236  14.430  -1.054  1.00 20.81 ? 27  VAL B C   1 
ATOM   983  O O   . VAL B 1 27 ? 15.876  15.479  -0.521  1.00 20.15 ? 27  VAL B O   1 
ATOM   984  C CB  . VAL B 1 27 ? 15.789  12.463  0.476   1.00 14.34 ? 27  VAL B CB  1 
ATOM   985  C CG1 . VAL B 1 27 ? 14.722  13.334  1.193   1.00 15.78 ? 27  VAL B CG1 1 
ATOM   986  C CG2 . VAL B 1 27 ? 15.176  11.558  -0.544  1.00 14.02 ? 27  VAL B CG2 1 
ATOM   987  N N   . ARG B 1 28 ? 16.184  14.242  -2.372  1.00 16.49 ? 28  ARG B N   1 
ATOM   988  C CA  . ARG B 1 28 ? 15.517  15.231  -3.215  1.00 16.79 ? 28  ARG B CA  1 
ATOM   989  C C   . ARG B 1 28 ? 14.176  14.579  -3.536  1.00 17.04 ? 28  ARG B C   1 
ATOM   990  O O   . ARG B 1 28 ? 14.118  13.488  -4.104  1.00 13.43 ? 28  ARG B O   1 
ATOM   991  C CB  . ARG B 1 28 ? 16.273  15.552  -4.513  1.00 15.32 ? 28  ARG B CB  1 
ATOM   992  C CG  . ARG B 1 28 ? 15.429  16.475  -5.451  1.00 18.70 ? 28  ARG B CG  1 
ATOM   993  C CD  . ARG B 1 28 ? 16.202  16.948  -6.687  1.00 21.18 ? 28  ARG B CD  1 
ATOM   994  N NE  . ARG B 1 28 ? 17.372  17.742  -6.301  1.00 26.08 ? 28  ARG B NE  1 
ATOM   995  C CZ  . ARG B 1 28 ? 17.319  19.017  -5.904  1.00 30.69 ? 28  ARG B CZ  1 
ATOM   996  N NH1 . ARG B 1 28 ? 16.147  19.659  -5.852  1.00 28.16 ? 28  ARG B NH1 1 
ATOM   997  N NH2 . ARG B 1 28 ? 18.432  19.640  -5.527  1.00 27.27 ? 28  ARG B NH2 1 
ATOM   998  N N   . VAL B 1 29 ? 13.095  15.240  -3.155  1.00 17.72 ? 29  VAL B N   1 
ATOM   999  C CA  . VAL B 1 29 ? 11.771  14.659  -3.352  1.00 19.79 ? 29  VAL B CA  1 
ATOM   1000 C C   . VAL B 1 29 ? 10.748  15.733  -3.759  1.00 18.34 ? 29  VAL B C   1 
ATOM   1001 O O   . VAL B 1 29 ? 10.864  16.887  -3.358  1.00 19.11 ? 29  VAL B O   1 
ATOM   1002 C CB  . VAL B 1 29 ? 11.355  13.968  -2.035  1.00 24.12 ? 29  VAL B CB  1 
ATOM   1003 C CG1 . VAL B 1 29 ? 11.187  15.024  -0.953  1.00 26.33 ? 29  VAL B CG1 1 
ATOM   1004 C CG2 . VAL B 1 29 ? 10.067  13.151  -2.204  1.00 27.09 ? 29  VAL B CG2 1 
ATOM   1005 N N   . VAL B 1 30 ? 9.785   15.351  -4.590  1.00 18.05 ? 30  VAL B N   1 
ATOM   1006 C CA  . VAL B 1 30 ? 8.723   16.229  -5.065  1.00 19.15 ? 30  VAL B CA  1 
ATOM   1007 C C   . VAL B 1 30 ? 7.383   15.547  -4.857  1.00 20.55 ? 30  VAL B C   1 
ATOM   1008 O O   . VAL B 1 30 ? 7.322   14.380  -4.470  1.00 18.17 ? 30  VAL B O   1 
ATOM   1009 C CB  . VAL B 1 30 ? 8.847   16.556  -6.585  1.00 22.03 ? 30  VAL B CB  1 
ATOM   1010 C CG1 . VAL B 1 30 ? 10.114  17.352  -6.835  1.00 23.07 ? 30  VAL B CG1 1 
ATOM   1011 C CG2 . VAL B 1 30 ? 8.870   15.263  -7.436  1.00 20.75 ? 30  VAL B CG2 1 
ATOM   1012 N N   . GLY B 1 31 ? 6.309   16.288  -5.119  1.00 21.19 ? 31  GLY B N   1 
ATOM   1013 C CA  . GLY B 1 31 ? 4.970   15.760  -4.961  1.00 21.40 ? 31  GLY B CA  1 
ATOM   1014 C C   . GLY B 1 31 ? 3.985   16.918  -4.874  1.00 22.48 ? 31  GLY B C   1 
ATOM   1015 O O   . GLY B 1 31 ? 4.389   18.057  -4.754  1.00 20.80 ? 31  GLY B O   1 
ATOM   1016 N N   . LYS B 1 32 ? 2.696   16.631  -4.950  1.00 24.19 ? 32  LYS B N   1 
ATOM   1017 C CA  . LYS B 1 32 ? 1.683   17.682  -4.881  1.00 24.49 ? 32  LYS B CA  1 
ATOM   1018 C C   . LYS B 1 32 ? 0.498   17.144  -4.076  1.00 23.59 ? 32  LYS B C   1 
ATOM   1019 O O   . LYS B 1 32 ? -0.086  16.127  -4.431  1.00 25.37 ? 32  LYS B O   1 
ATOM   1020 C CB  . LYS B 1 32 ? 1.313   18.099  -6.316  1.00 27.89 ? 32  LYS B CB  1 
ATOM   1021 C CG  . LYS B 1 32 ? -0.049  18.774  -6.532  1.00 39.70 ? 32  LYS B CG  1 
ATOM   1022 C CD  . LYS B 1 32 ? -0.494  19.699  -5.378  1.00 45.79 ? 32  LYS B CD  1 
ATOM   1023 C CE  . LYS B 1 32 ? -2.001  20.022  -5.479  1.00 46.35 ? 32  LYS B CE  1 
ATOM   1024 N NZ  . LYS B 1 32 ? -2.568  20.426  -4.152  1.00 47.88 ? 32  LYS B NZ  1 
ATOM   1025 N N   . PRO B 1 33 ? 0.191   17.762  -2.914  1.00 24.27 ? 33  PRO B N   1 
ATOM   1026 C CA  . PRO B 1 33 ? 0.843   18.919  -2.267  1.00 23.92 ? 33  PRO B CA  1 
ATOM   1027 C C   . PRO B 1 33 ? 2.293   18.575  -1.856  1.00 23.71 ? 33  PRO B C   1 
ATOM   1028 O O   . PRO B 1 33 ? 2.651   17.395  -1.797  1.00 19.57 ? 33  PRO B O   1 
ATOM   1029 C CB  . PRO B 1 33 ? -0.026  19.166  -1.022  1.00 26.09 ? 33  PRO B CB  1 
ATOM   1030 C CG  . PRO B 1 33 ? -1.304  18.359  -1.273  1.00 23.84 ? 33  PRO B CG  1 
ATOM   1031 C CD  . PRO B 1 33 ? -0.825  17.172  -2.030  1.00 21.70 ? 33  PRO B CD  1 
ATOM   1032 N N   . ASP B 1 34 ? 3.111   19.589  -1.565  1.00 19.75 ? 34  ASP B N   1 
ATOM   1033 C CA  . ASP B 1 34 ? 4.481   19.333  -1.125  1.00 23.99 ? 34  ASP B CA  1 
ATOM   1034 C C   . ASP B 1 34 ? 4.446   18.278  -0.021  1.00 22.29 ? 34  ASP B C   1 
ATOM   1035 O O   . ASP B 1 34 ? 3.706   18.400  0.946   1.00 22.93 ? 34  ASP B O   1 
ATOM   1036 C CB  . ASP B 1 34 ? 5.142   20.595  -0.576  1.00 22.93 ? 34  ASP B CB  1 
ATOM   1037 C CG  . ASP B 1 34 ? 5.378   21.626  -1.643  1.00 28.96 ? 34  ASP B CG  1 
ATOM   1038 O OD1 . ASP B 1 34 ? 5.503   21.249  -2.835  1.00 27.96 ? 34  ASP B OD1 1 
ATOM   1039 O OD2 . ASP B 1 34 ? 5.458   22.821  -1.286  1.00 29.81 ? 34  ASP B OD2 1 
ATOM   1040 N N   . PRO B 1 35 ? 5.254   17.225  -0.156  1.00 22.79 ? 35  PRO B N   1 
ATOM   1041 C CA  . PRO B 1 35 ? 5.242   16.181  0.873   1.00 20.84 ? 35  PRO B CA  1 
ATOM   1042 C C   . PRO B 1 35 ? 5.903   16.576  2.178   1.00 24.49 ? 35  PRO B C   1 
ATOM   1043 O O   . PRO B 1 35 ? 6.740   17.477  2.217   1.00 23.17 ? 35  PRO B O   1 
ATOM   1044 C CB  . PRO B 1 35 ? 5.986   15.036  0.205   1.00 20.70 ? 35  PRO B CB  1 
ATOM   1045 C CG  . PRO B 1 35 ? 7.021   15.781  -0.638  1.00 20.53 ? 35  PRO B CG  1 
ATOM   1046 C CD  . PRO B 1 35 ? 6.177   16.891  -1.255  1.00 19.29 ? 35  PRO B CD  1 
ATOM   1047 N N   . GLU B 1 36 ? 5.504   15.912  3.255   1.00 22.90 ? 36  GLU B N   1 
ATOM   1048 C CA  . GLU B 1 36 ? 6.145   16.140  4.540   1.00 25.48 ? 36  GLU B CA  1 
ATOM   1049 C C   . GLU B 1 36 ? 7.299   15.158  4.558   1.00 22.13 ? 36  GLU B C   1 
ATOM   1050 O O   . GLU B 1 36 ? 7.262   14.125  3.900   1.00 21.17 ? 36  GLU B O   1 
ATOM   1051 C CB  . GLU B 1 36 ? 5.238   15.801  5.705   1.00 27.37 ? 36  GLU B CB  1 
ATOM   1052 C CG  . GLU B 1 36 ? 4.110   16.765  5.974   1.00 39.38 ? 36  GLU B CG  1 
ATOM   1053 C CD  . GLU B 1 36 ? 3.448   16.437  7.303   1.00 48.13 ? 36  GLU B CD  1 
ATOM   1054 O OE1 . GLU B 1 36 ? 4.114   16.596  8.363   1.00 52.29 ? 36  GLU B OE1 1 
ATOM   1055 O OE2 . GLU B 1 36 ? 2.276   15.998  7.299   1.00 52.02 ? 36  GLU B OE2 1 
ATOM   1056 N N   . CYS B 1 37 ? 8.312   15.479  5.341   1.00 24.08 ? 37  CYS B N   1 
ATOM   1057 C CA  . CYS B 1 37 ? 9.491   14.645  5.465   1.00 23.71 ? 37  CYS B CA  1 
ATOM   1058 C C   . CYS B 1 37 ? 9.663   14.040  6.867   1.00 22.31 ? 37  CYS B C   1 
ATOM   1059 O O   . CYS B 1 37 ? 9.741   14.755  7.841   1.00 24.28 ? 37  CYS B O   1 
ATOM   1060 C CB  . CYS B 1 37 ? 10.699  15.496  5.109   1.00 24.68 ? 37  CYS B CB  1 
ATOM   1061 S SG  . CYS B 1 37 ? 12.300  14.681  5.260   1.00 29.61 ? 37  CYS B SG  1 
ATOM   1062 N N   . GLU B 1 38 ? 9.745   12.719  6.947   1.00 25.01 ? 38  GLU B N   1 
ATOM   1063 C CA  . GLU B 1 38 ? 9.910   12.013  8.209   1.00 25.98 ? 38  GLU B CA  1 
ATOM   1064 C C   . GLU B 1 38 ? 11.130  11.123  8.159   1.00 24.75 ? 38  GLU B C   1 
ATOM   1065 O O   . GLU B 1 38 ? 11.386  10.481  7.143   1.00 25.61 ? 38  GLU B O   1 
ATOM   1066 C CB  . GLU B 1 38 ? 8.703   11.129  8.464   1.00 24.82 ? 38  GLU B CB  1 
ATOM   1067 C CG  . GLU B 1 38 ? 7.545   11.826  9.059   1.00 27.70 ? 38  GLU B CG  1 
ATOM   1068 C CD  . GLU B 1 38 ? 6.360   10.900  9.193   1.00 31.58 ? 38  GLU B CD  1 
ATOM   1069 O OE1 . GLU B 1 38 ? 6.548   9.657   9.112   1.00 34.59 ? 38  GLU B OE1 1 
ATOM   1070 O OE2 . GLU B 1 38 ? 5.243   11.419  9.384   1.00 34.97 ? 38  GLU B OE2 1 
ATOM   1071 N N   . TRP B 1 39 ? 11.885  11.083  9.247   1.00 22.29 ? 39  TRP B N   1 
ATOM   1072 C CA  . TRP B 1 39 ? 13.052  10.218  9.301   1.00 20.41 ? 39  TRP B CA  1 
ATOM   1073 C C   . TRP B 1 39 ? 12.930  9.148   10.394  1.00 21.27 ? 39  TRP B C   1 
ATOM   1074 O O   . TRP B 1 39 ? 12.264  9.356   11.422  1.00 20.86 ? 39  TRP B O   1 
ATOM   1075 C CB  . TRP B 1 39 ? 14.332  11.032  9.496   1.00 16.55 ? 39  TRP B CB  1 
ATOM   1076 C CG  . TRP B 1 39 ? 14.615  11.946  8.342   1.00 17.06 ? 39  TRP B CG  1 
ATOM   1077 C CD1 . TRP B 1 39 ? 14.067  13.187  8.121   1.00 17.88 ? 39  TRP B CD1 1 
ATOM   1078 C CD2 . TRP B 1 39 ? 15.559  11.725  7.272   1.00 15.56 ? 39  TRP B CD2 1 
ATOM   1079 N NE1 . TRP B 1 39 ? 14.625  13.750  6.991   1.00 18.28 ? 39  TRP B NE1 1 
ATOM   1080 C CE2 . TRP B 1 39 ? 15.539  12.882  6.449   1.00 16.98 ? 39  TRP B CE2 1 
ATOM   1081 C CE3 . TRP B 1 39 ? 16.428  10.670  6.942   1.00 13.65 ? 39  TRP B CE3 1 
ATOM   1082 C CZ2 . TRP B 1 39 ? 16.354  13.017  5.307   1.00 16.98 ? 39  TRP B CZ2 1 
ATOM   1083 C CZ3 . TRP B 1 39 ? 17.243  10.799  5.808   1.00 16.15 ? 39  TRP B CZ3 1 
ATOM   1084 C CH2 . TRP B 1 39 ? 17.196  11.973  4.999   1.00 15.37 ? 39  TRP B CH2 1 
ATOM   1085 N N   . TYR B 1 40 ? 13.591  8.014   10.152  1.00 19.33 ? 40  TYR B N   1 
ATOM   1086 C CA  . TYR B 1 40 ? 13.572  6.883   11.051  1.00 20.51 ? 40  TYR B CA  1 
ATOM   1087 C C   . TYR B 1 40 ? 14.961  6.311   11.285  1.00 23.90 ? 40  TYR B C   1 
ATOM   1088 O O   . TYR B 1 40 ? 15.804  6.298   10.397  1.00 24.46 ? 40  TYR B O   1 
ATOM   1089 C CB  . TYR B 1 40 ? 12.661  5.783   10.494  1.00 20.08 ? 40  TYR B CB  1 
ATOM   1090 C CG  . TYR B 1 40 ? 11.229  6.220   10.292  1.00 27.06 ? 40  TYR B CG  1 
ATOM   1091 C CD1 . TYR B 1 40 ? 10.895  7.147   9.311   1.00 23.43 ? 40  TYR B CD1 1 
ATOM   1092 C CD2 . TYR B 1 40 ? 10.207  5.749   11.133  1.00 27.31 ? 40  TYR B CD2 1 
ATOM   1093 C CE1 . TYR B 1 40 ? 9.602   7.606   9.173   1.00 27.48 ? 40  TYR B CE1 1 
ATOM   1094 C CE2 . TYR B 1 40 ? 8.903   6.202   11.000  1.00 29.97 ? 40  TYR B CE2 1 
ATOM   1095 C CZ  . TYR B 1 40 ? 8.610   7.137   10.025  1.00 29.96 ? 40  TYR B CZ  1 
ATOM   1096 O OH  . TYR B 1 40 ? 7.335   7.653   9.938   1.00 31.11 ? 40  TYR B OH  1 
ATOM   1097 N N   . LYS B 1 41 ? 15.178  5.830   12.498  1.00 25.70 ? 41  LYS B N   1 
ATOM   1098 C CA  . LYS B 1 41 ? 16.438  5.220   12.908  1.00 33.17 ? 41  LYS B CA  1 
ATOM   1099 C C   . LYS B 1 41 ? 15.971  3.839   13.307  1.00 37.45 ? 41  LYS B C   1 
ATOM   1100 O O   . LYS B 1 41 ? 15.210  3.677   14.268  1.00 38.76 ? 41  LYS B O   1 
ATOM   1101 C CB  . LYS B 1 41 ? 17.010  5.925   14.131  1.00 34.99 ? 41  LYS B CB  1 
ATOM   1102 C CG  . LYS B 1 41 ? 18.514  5.747   14.378  1.00 40.84 ? 41  LYS B CG  1 
ATOM   1103 C CD  . LYS B 1 41 ? 19.259  7.065   14.027  1.00 41.10 ? 41  LYS B CD  1 
ATOM   1104 C CE  . LYS B 1 41 ? 20.605  7.254   14.786  1.00 44.52 ? 41  LYS B CE  1 
ATOM   1105 N NZ  . LYS B 1 41 ? 20.483  7.424   16.290  1.00 39.40 ? 41  LYS B NZ  1 
ATOM   1106 N N   . ASN B 1 42 ? 16.401  2.852   12.540  1.00 39.42 ? 42  ASN B N   1 
ATOM   1107 C CA  . ASN B 1 42 ? 16.024  1.476   12.768  1.00 40.74 ? 42  ASN B CA  1 
ATOM   1108 C C   . ASN B 1 42 ? 14.542  1.299   12.952  1.00 42.15 ? 42  ASN B C   1 
ATOM   1109 O O   . ASN B 1 42 ? 14.101  0.521   13.792  1.00 43.89 ? 42  ASN B O   1 
ATOM   1110 C CB  . ASN B 1 42 ? 16.768  0.914   13.963  1.00 43.39 ? 42  ASN B CB  1 
ATOM   1111 C CG  . ASN B 1 42 ? 18.184  0.555   13.624  1.00 43.06 ? 42  ASN B CG  1 
ATOM   1112 O OD1 . ASN B 1 42 ? 18.445  -0.132  12.623  1.00 37.95 ? 42  ASN B OD1 1 
ATOM   1113 N ND2 . ASN B 1 42 ? 19.119  1.023   14.445  1.00 43.44 ? 42  ASN B ND2 1 
ATOM   1114 N N   . GLY B 1 43 ? 13.774  2.021   12.145  1.00 41.23 ? 43  GLY B N   1 
ATOM   1115 C CA  . GLY B 1 43 ? 12.336  1.927   12.210  1.00 38.10 ? 43  GLY B CA  1 
ATOM   1116 C C   . GLY B 1 43 ? 11.671  2.839   13.216  1.00 35.95 ? 43  GLY B C   1 
ATOM   1117 O O   . GLY B 1 43 ? 10.453  2.919   13.225  1.00 37.34 ? 43  GLY B O   1 
ATOM   1118 N N   . VAL B 1 44 ? 12.437  3.531   14.054  1.00 33.77 ? 44  VAL B N   1 
ATOM   1119 C CA  . VAL B 1 44 ? 11.827  4.408   15.046  1.00 31.55 ? 44  VAL B CA  1 
ATOM   1120 C C   . VAL B 1 44 ? 11.860  5.847   14.561  1.00 29.85 ? 44  VAL B C   1 
ATOM   1121 O O   . VAL B 1 44 ? 12.925  6.385   14.261  1.00 27.23 ? 44  VAL B O   1 
ATOM   1122 C CB  . VAL B 1 44 ? 12.542  4.307   16.428  1.00 34.44 ? 44  VAL B CB  1 
ATOM   1123 C CG1 . VAL B 1 44 ? 11.785  5.117   17.485  1.00 30.63 ? 44  VAL B CG1 1 
ATOM   1124 C CG2 . VAL B 1 44 ? 12.635  2.864   16.853  1.00 32.67 ? 44  VAL B CG2 1 
ATOM   1125 N N   . LYS B 1 45 ? 10.685  6.465   14.490  1.00 25.99 ? 45  LYS B N   1 
ATOM   1126 C CA  . LYS B 1 45 ? 10.601  7.819   14.019  1.00 29.32 ? 45  LYS B CA  1 
ATOM   1127 C C   . LYS B 1 45 ? 11.478  8.728   14.849  1.00 30.97 ? 45  LYS B C   1 
ATOM   1128 O O   . LYS B 1 45 ? 11.470  8.686   16.077  1.00 30.74 ? 45  LYS B O   1 
ATOM   1129 C CB  . LYS B 1 45 ? 9.153   8.305   14.028  1.00 30.64 ? 45  LYS B CB  1 
ATOM   1130 C CG  . LYS B 1 45 ? 9.002   9.744   13.547  1.00 37.45 ? 45  LYS B CG  1 
ATOM   1131 C CD  . LYS B 1 45 ? 7.554   10.089  13.239  1.00 42.31 ? 45  LYS B CD  1 
ATOM   1132 C CE  . LYS B 1 45 ? 7.342   11.602  13.138  1.00 48.89 ? 45  LYS B CE  1 
ATOM   1133 N NZ  . LYS B 1 45 ? 8.160   12.263  12.076  1.00 53.64 ? 45  LYS B NZ  1 
ATOM   1134 N N   . ILE B 1 46 ? 12.250  9.544   14.152  1.00 31.52 ? 46  ILE B N   1 
ATOM   1135 C CA  . ILE B 1 46 ? 13.156  10.483  14.770  1.00 31.19 ? 46  ILE B CA  1 
ATOM   1136 C C   . ILE B 1 46 ? 12.429  11.769  15.170  1.00 31.40 ? 46  ILE B C   1 
ATOM   1137 O O   . ILE B 1 46 ? 11.586  12.252  14.439  1.00 33.49 ? 46  ILE B O   1 
ATOM   1138 C CB  . ILE B 1 46 ? 14.297  10.804  13.781  1.00 33.01 ? 46  ILE B CB  1 
ATOM   1139 C CG1 . ILE B 1 46 ? 15.165  9.551   13.601  1.00 32.00 ? 46  ILE B CG1 1 
ATOM   1140 C CG2 . ILE B 1 46 ? 15.064  12.047  14.234  1.00 32.84 ? 46  ILE B CG2 1 
ATOM   1141 C CD1 . ILE B 1 46 ? 16.290  9.662   12.556  1.00 29.73 ? 46  ILE B CD1 1 
ATOM   1142 N N   . GLU B 1 47 ? 12.749  12.300  16.344  1.00 30.80 ? 47  GLU B N   1 
ATOM   1143 C CA  . GLU B 1 47 ? 12.154  13.536  16.816  1.00 32.71 ? 47  GLU B CA  1 
ATOM   1144 C C   . GLU B 1 47 ? 13.290  14.519  16.913  1.00 28.79 ? 47  GLU B C   1 
ATOM   1145 O O   . GLU B 1 47 ? 14.408  14.123  17.195  1.00 27.94 ? 47  GLU B O   1 
ATOM   1146 C CB  . GLU B 1 47 ? 11.546  13.365  18.198  1.00 40.50 ? 47  GLU B CB  1 
ATOM   1147 C CG  . GLU B 1 47 ? 10.433  12.351  18.268  1.00 50.39 ? 47  GLU B CG  1 
ATOM   1148 C CD  . GLU B 1 47 ? 10.533  11.474  19.517  1.00 57.59 ? 47  GLU B CD  1 
ATOM   1149 O OE1 . GLU B 1 47 ? 9.654   10.596  19.689  1.00 61.57 ? 47  GLU B OE1 1 
ATOM   1150 O OE2 . GLU B 1 47 ? 11.492  11.650  20.322  1.00 60.36 ? 47  GLU B OE2 1 
ATOM   1151 N N   . ARG B 1 48 ? 13.007  15.796  16.668  1.00 28.20 ? 48  ARG B N   1 
ATOM   1152 C CA  . ARG B 1 48 ? 14.035  16.825  16.728  1.00 27.53 ? 48  ARG B CA  1 
ATOM   1153 C C   . ARG B 1 48 ? 14.475  17.097  18.170  1.00 29.75 ? 48  ARG B C   1 
ATOM   1154 O O   . ARG B 1 48 ? 13.667  17.051  19.103  1.00 29.64 ? 48  ARG B O   1 
ATOM   1155 C CB  . ARG B 1 48 ? 13.533  18.140  16.127  1.00 28.79 ? 48  ARG B CB  1 
ATOM   1156 C CG  . ARG B 1 48 ? 13.223  18.141  14.640  1.00 30.39 ? 48  ARG B CG  1 
ATOM   1157 C CD  . ARG B 1 48 ? 13.378  19.564  14.142  1.00 31.52 ? 48  ARG B CD  1 
ATOM   1158 N NE  . ARG B 1 48 ? 13.112  19.766  12.721  1.00 27.19 ? 48  ARG B NE  1 
ATOM   1159 C CZ  . ARG B 1 48 ? 11.900  19.821  12.180  1.00 26.76 ? 48  ARG B CZ  1 
ATOM   1160 N NH1 . ARG B 1 48 ? 11.746  20.020  10.875  1.00 24.44 ? 48  ARG B NH1 1 
ATOM   1161 N NH2 . ARG B 1 48 ? 10.841  19.683  12.939  1.00 29.19 ? 48  ARG B NH2 1 
ATOM   1162 N N   . SER B 1 49 ? 15.764  17.368  18.323  1.00 26.36 ? 49  SER B N   1 
ATOM   1163 C CA  . SER B 1 49 ? 16.381  17.691  19.595  1.00 29.37 ? 49  SER B CA  1 
ATOM   1164 C C   . SER B 1 49 ? 17.526  18.572  19.139  1.00 29.47 ? 49  SER B C   1 
ATOM   1165 O O   . SER B 1 49 ? 17.690  18.795  17.933  1.00 29.57 ? 49  SER B O   1 
ATOM   1166 C CB  . SER B 1 49 ? 16.926  16.434  20.281  1.00 27.60 ? 49  SER B CB  1 
ATOM   1167 O OG  . SER B 1 49 ? 17.942  15.847  19.488  1.00 33.43 ? 49  SER B OG  1 
ATOM   1168 N N   . ASP B 1 50 ? 18.330  19.067  20.068  1.00 32.28 ? 50  ASP B N   1 
ATOM   1169 C CA  . ASP B 1 50 ? 19.429  19.926  19.650  1.00 33.57 ? 50  ASP B CA  1 
ATOM   1170 C C   . ASP B 1 50 ? 20.460  19.140  18.888  1.00 30.09 ? 50  ASP B C   1 
ATOM   1171 O O   . ASP B 1 50 ? 21.178  19.693  18.060  1.00 32.92 ? 50  ASP B O   1 
ATOM   1172 C CB  . ASP B 1 50 ? 20.137  20.579  20.842  1.00 44.74 ? 50  ASP B CB  1 
ATOM   1173 C CG  . ASP B 1 50 ? 19.191  21.312  21.771  1.00 51.22 ? 50  ASP B CG  1 
ATOM   1174 O OD1 . ASP B 1 50 ? 18.163  21.853  21.282  1.00 52.92 ? 50  ASP B OD1 1 
ATOM   1175 O OD2 . ASP B 1 50 ? 19.501  21.348  22.995  1.00 55.25 ? 50  ASP B OD2 1 
ATOM   1176 N N   . ARG B 1 51 ? 20.537  17.847  19.159  1.00 27.10 ? 51  ARG B N   1 
ATOM   1177 C CA  . ARG B 1 51 ? 21.546  17.009  18.516  1.00 29.79 ? 51  ARG B CA  1 
ATOM   1178 C C   . ARG B 1 51 ? 21.147  16.440  17.154  1.00 28.21 ? 51  ARG B C   1 
ATOM   1179 O O   . ARG B 1 51 ? 21.975  16.334  16.230  1.00 27.19 ? 51  ARG B O   1 
ATOM   1180 C CB  . ARG B 1 51 ? 21.938  15.865  19.461  1.00 25.84 ? 51  ARG B CB  1 
ATOM   1181 C CG  . ARG B 1 51 ? 23.110  15.061  18.944  1.00 31.39 ? 51  ARG B CG  1 
ATOM   1182 C CD  . ARG B 1 51 ? 23.511  13.952  19.920  1.00 28.84 ? 51  ARG B CD  1 
ATOM   1183 N NE  . ARG B 1 51 ? 22.709  12.733  19.822  1.00 25.94 ? 51  ARG B NE  1 
ATOM   1184 C CZ  . ARG B 1 51 ? 23.048  11.672  19.086  1.00 26.09 ? 51  ARG B CZ  1 
ATOM   1185 N NH1 . ARG B 1 51 ? 24.169  11.682  18.355  1.00 23.78 ? 51  ARG B NH1 1 
ATOM   1186 N NH2 . ARG B 1 51 ? 22.308  10.573  19.141  1.00 23.06 ? 51  ARG B NH2 1 
ATOM   1187 N N   . ILE B 1 52 ? 19.875  16.075  17.040  1.00 27.84 ? 52  ILE B N   1 
ATOM   1188 C CA  . ILE B 1 52 ? 19.356  15.499  15.805  1.00 29.78 ? 52  ILE B CA  1 
ATOM   1189 C C   . ILE B 1 52 ? 18.180  16.294  15.285  1.00 26.86 ? 52  ILE B C   1 
ATOM   1190 O O   . ILE B 1 52 ? 17.227  16.561  16.014  1.00 28.60 ? 52  ILE B O   1 
ATOM   1191 C CB  . ILE B 1 52 ? 18.892  14.043  16.022  1.00 29.03 ? 52  ILE B CB  1 
ATOM   1192 C CG1 . ILE B 1 52 ? 20.030  13.229  16.633  1.00 30.35 ? 52  ILE B CG1 1 
ATOM   1193 C CG2 . ILE B 1 52 ? 18.451  13.421  14.669  1.00 29.42 ? 52  ILE B CG2 1 
ATOM   1194 C CD1 . ILE B 1 52 ? 19.612  11.852  17.150  1.00 29.66 ? 52  ILE B CD1 1 
ATOM   1195 N N   . TYR B 1 53 ? 18.236  16.668  14.014  1.00 26.57 ? 53  TYR B N   1 
ATOM   1196 C CA  . TYR B 1 53 ? 17.148  17.432  13.423  1.00 21.64 ? 53  TYR B CA  1 
ATOM   1197 C C   . TYR B 1 53 ? 17.185  17.312  11.901  1.00 20.06 ? 53  TYR B C   1 
ATOM   1198 O O   . TYR B 1 53 ? 18.205  16.916  11.337  1.00 15.44 ? 53  TYR B O   1 
ATOM   1199 C CB  . TYR B 1 53 ? 17.277  18.899  13.833  1.00 20.22 ? 53  TYR B CB  1 
ATOM   1200 C CG  . TYR B 1 53 ? 18.537  19.561  13.323  1.00 21.97 ? 53  TYR B CG  1 
ATOM   1201 C CD1 . TYR B 1 53 ? 18.613  20.057  12.020  1.00 20.86 ? 53  TYR B CD1 1 
ATOM   1202 C CD2 . TYR B 1 53 ? 19.691  19.609  14.114  1.00 21.49 ? 53  TYR B CD2 1 
ATOM   1203 C CE1 . TYR B 1 53 ? 19.809  20.577  11.508  1.00 21.38 ? 53  TYR B CE1 1 
ATOM   1204 C CE2 . TYR B 1 53 ? 20.890  20.123  13.618  1.00 19.26 ? 53  TYR B CE2 1 
ATOM   1205 C CZ  . TYR B 1 53 ? 20.948  20.599  12.315  1.00 25.29 ? 53  TYR B CZ  1 
ATOM   1206 O OH  . TYR B 1 53 ? 22.145  21.059  11.804  1.00 21.35 ? 53  TYR B OH  1 
ATOM   1207 N N   . TRP B 1 54 ? 16.071  17.624  11.242  1.00 16.65 ? 54  TRP B N   1 
ATOM   1208 C CA  . TRP B 1 54 ? 16.055  17.591  9.775   1.00 20.18 ? 54  TRP B CA  1 
ATOM   1209 C C   . TRP B 1 54 ? 15.447  18.915  9.312   1.00 19.87 ? 54  TRP B C   1 
ATOM   1210 O O   . TRP B 1 54 ? 14.727  19.587  10.056  1.00 18.47 ? 54  TRP B O   1 
ATOM   1211 C CB  . TRP B 1 54 ? 15.264  16.374  9.248   1.00 17.32 ? 54  TRP B CB  1 
ATOM   1212 C CG  . TRP B 1 54 ? 13.808  16.418  9.551   1.00 19.97 ? 54  TRP B CG  1 
ATOM   1213 C CD1 . TRP B 1 54 ? 12.829  16.947  8.763   1.00 18.75 ? 54  TRP B CD1 1 
ATOM   1214 C CD2 . TRP B 1 54 ? 13.165  15.997  10.768  1.00 19.86 ? 54  TRP B CD2 1 
ATOM   1215 N NE1 . TRP B 1 54 ? 11.615  16.891  9.418   1.00 20.42 ? 54  TRP B NE1 1 
ATOM   1216 C CE2 . TRP B 1 54 ? 11.790  16.316  10.648  1.00 23.74 ? 54  TRP B CE2 1 
ATOM   1217 C CE3 . TRP B 1 54 ? 13.617  15.390  11.948  1.00 26.19 ? 54  TRP B CE3 1 
ATOM   1218 C CZ2 . TRP B 1 54 ? 10.846  16.047  11.675  1.00 26.35 ? 54  TRP B CZ2 1 
ATOM   1219 C CZ3 . TRP B 1 54 ? 12.679  15.118  12.984  1.00 28.18 ? 54  TRP B CZ3 1 
ATOM   1220 C CH2 . TRP B 1 54 ? 11.308  15.452  12.830  1.00 26.84 ? 54  TRP B CH2 1 
ATOM   1221 N N   . TYR B 1 55 ? 15.757  19.323  8.101   1.00 19.15 ? 55  TYR B N   1 
ATOM   1222 C CA  . TYR B 1 55 ? 15.220  20.579  7.632   1.00 19.53 ? 55  TYR B CA  1 
ATOM   1223 C C   . TYR B 1 55 ? 15.271  20.649  6.124   1.00 18.50 ? 55  TYR B C   1 
ATOM   1224 O O   . TYR B 1 55 ? 15.731  19.715  5.477   1.00 17.41 ? 55  TYR B O   1 
ATOM   1225 C CB  . TYR B 1 55 ? 16.016  21.740  8.219   1.00 18.38 ? 55  TYR B CB  1 
ATOM   1226 C CG  . TYR B 1 55 ? 17.398  21.890  7.640   1.00 17.38 ? 55  TYR B CG  1 
ATOM   1227 C CD1 . TYR B 1 55 ? 17.730  23.010  6.878   1.00 13.26 ? 55  TYR B CD1 1 
ATOM   1228 C CD2 . TYR B 1 55 ? 18.388  20.937  7.901   1.00 20.93 ? 55  TYR B CD2 1 
ATOM   1229 C CE1 . TYR B 1 55 ? 18.982  23.188  6.403   1.00 17.52 ? 55  TYR B CE1 1 
ATOM   1230 C CE2 . TYR B 1 55 ? 19.676  21.105  7.422   1.00 19.73 ? 55  TYR B CE2 1 
ATOM   1231 C CZ  . TYR B 1 55 ? 19.965  22.230  6.682   1.00 19.92 ? 55  TYR B CZ  1 
ATOM   1232 O OH  . TYR B 1 55 ? 21.243  22.429  6.247   1.00 20.69 ? 55  TYR B OH  1 
ATOM   1233 N N   . TRP B 1 56 ? 14.821  21.778  5.575   1.00 19.44 ? 56  TRP B N   1 
ATOM   1234 C CA  . TRP B 1 56 ? 14.817  21.947  4.135   1.00 16.09 ? 56  TRP B CA  1 
ATOM   1235 C C   . TRP B 1 56 ? 15.837  22.947  3.651   1.00 18.90 ? 56  TRP B C   1 
ATOM   1236 O O   . TRP B 1 56 ? 15.557  24.149  3.576   1.00 21.12 ? 56  TRP B O   1 
ATOM   1237 C CB  . TRP B 1 56 ? 13.425  22.371  3.654   1.00 16.40 ? 56  TRP B CB  1 
ATOM   1238 C CG  . TRP B 1 56 ? 12.304  21.350  3.894   1.00 15.92 ? 56  TRP B CG  1 
ATOM   1239 C CD1 . TRP B 1 56 ? 11.502  21.263  4.985   1.00 15.21 ? 56  TRP B CD1 1 
ATOM   1240 C CD2 . TRP B 1 56 ? 11.884  20.298  3.001   1.00 16.59 ? 56  TRP B CD2 1 
ATOM   1241 N NE1 . TRP B 1 56 ? 10.606  20.226  4.843   1.00 20.47 ? 56  TRP B NE1 1 
ATOM   1242 C CE2 . TRP B 1 56 ? 10.818  19.617  3.633   1.00 18.67 ? 56  TRP B CE2 1 
ATOM   1243 C CE3 . TRP B 1 56 ? 12.312  19.863  1.732   1.00 14.10 ? 56  TRP B CE3 1 
ATOM   1244 C CZ2 . TRP B 1 56 ? 10.167  18.521  3.041   1.00 17.56 ? 56  TRP B CZ2 1 
ATOM   1245 C CZ3 . TRP B 1 56 ? 11.671  18.771  1.143   1.00 15.31 ? 56  TRP B CZ3 1 
ATOM   1246 C CH2 . TRP B 1 56 ? 10.609  18.112  1.799   1.00 15.86 ? 56  TRP B CH2 1 
ATOM   1247 N N   . PRO B 1 57 ? 17.049  22.480  3.321   1.00 19.40 ? 57  PRO B N   1 
ATOM   1248 C CA  . PRO B 1 57 ? 18.095  23.385  2.829   1.00 20.08 ? 57  PRO B CA  1 
ATOM   1249 C C   . PRO B 1 57 ? 17.781  24.025  1.468   1.00 23.21 ? 57  PRO B C   1 
ATOM   1250 O O   . PRO B 1 57 ? 18.243  25.135  1.192   1.00 22.46 ? 57  PRO B O   1 
ATOM   1251 C CB  . PRO B 1 57 ? 19.346  22.494  2.778   1.00 17.65 ? 57  PRO B CB  1 
ATOM   1252 C CG  . PRO B 1 57 ? 18.781  21.090  2.679   1.00 11.22 ? 57  PRO B CG  1 
ATOM   1253 C CD  . PRO B 1 57 ? 17.594  21.133  3.589   1.00 17.91 ? 57  PRO B CD  1 
ATOM   1254 N N   . GLU B 1 58 ? 17.053  23.286  0.624   1.00 27.25 ? 58  GLU B N   1 
ATOM   1255 C CA  . GLU B 1 58 ? 16.594  23.709  -0.719  1.00 31.27 ? 58  GLU B CA  1 
ATOM   1256 C C   . GLU B 1 58 ? 15.122  23.292  -0.701  1.00 32.72 ? 58  GLU B C   1 
ATOM   1257 O O   . GLU B 1 58 ? 14.775  22.430  0.107   1.00 32.30 ? 58  GLU B O   1 
ATOM   1258 C CB  . GLU B 1 58 ? 17.316  22.940  -1.818  1.00 32.77 ? 58  GLU B CB  1 
ATOM   1259 C CG  . GLU B 1 58 ? 18.818  22.987  -1.722  1.00 33.61 ? 58  GLU B CG  1 
ATOM   1260 C CD  . GLU B 1 58 ? 19.480  22.367  -2.935  1.00 37.93 ? 58  GLU B CD  1 
ATOM   1261 O OE1 . GLU B 1 58 ? 20.721  22.224  -2.949  1.00 42.92 ? 58  GLU B OE1 1 
ATOM   1262 O OE2 . GLU B 1 58 ? 18.758  22.023  -3.893  1.00 40.98 ? 58  GLU B OE2 1 
ATOM   1263 N N   . ASP B 1 59 ? 14.245  23.828  -1.563  1.00 34.43 ? 59  ASP B N   1 
ATOM   1264 C CA  . ASP B 1 59 ? 12.828  23.434  -1.417  1.00 33.07 ? 59  ASP B CA  1 
ATOM   1265 C C   . ASP B 1 59 ? 12.368  22.003  -1.667  1.00 33.49 ? 59  ASP B C   1 
ATOM   1266 O O   . ASP B 1 59 ? 11.277  21.602  -1.200  1.00 36.42 ? 59  ASP B O   1 
ATOM   1267 C CB  . ASP B 1 59 ? 11.903  24.391  -2.159  1.00 34.22 ? 59  ASP B CB  1 
ATOM   1268 C CG  . ASP B 1 59 ? 11.772  25.717  -1.430  1.00 36.89 ? 59  ASP B CG  1 
ATOM   1269 O OD1 . ASP B 1 59 ? 11.552  25.696  -0.173  1.00 33.60 ? 59  ASP B OD1 1 
ATOM   1270 O OD2 . ASP B 1 59 ? 11.907  26.753  -2.106  1.00 26.38 ? 59  ASP B OD2 1 
ATOM   1271 N N   . ASN B 1 60 ? 13.150  21.232  -2.402  1.00 21.69 ? 60  ASN B N   1 
ATOM   1272 C CA  . ASN B 1 60 ? 12.763  19.865  -2.607  1.00 21.86 ? 60  ASN B CA  1 
ATOM   1273 C C   . ASN B 1 60 ? 13.808  18.973  -2.004  1.00 17.46 ? 60  ASN B C   1 
ATOM   1274 O O   . ASN B 1 60 ? 13.881  17.801  -2.327  1.00 17.89 ? 60  ASN B O   1 
ATOM   1275 C CB  . ASN B 1 60 ? 12.565  19.551  -4.087  1.00 21.97 ? 60  ASN B CB  1 
ATOM   1276 C CG  . ASN B 1 60 ? 11.364  20.284  -4.680  1.00 30.87 ? 60  ASN B CG  1 
ATOM   1277 O OD1 . ASN B 1 60 ? 10.376  20.595  -3.982  1.00 28.98 ? 60  ASN B OD1 1 
ATOM   1278 N ND2 . ASN B 1 60 ? 11.433  20.546  -5.984  1.00 28.60 ? 60  ASN B ND2 1 
ATOM   1279 N N   . VAL B 1 61 ? 14.630  19.530  -1.124  1.00 15.39 ? 61  VAL B N   1 
ATOM   1280 C CA  . VAL B 1 61 ? 15.651  18.708  -0.482  1.00 16.41 ? 61  VAL B CA  1 
ATOM   1281 C C   . VAL B 1 61 ? 15.502  18.711  1.019   1.00 14.58 ? 61  VAL B C   1 
ATOM   1282 O O   . VAL B 1 61 ? 15.614  19.750  1.649   1.00 16.04 ? 61  VAL B O   1 
ATOM   1283 C CB  . VAL B 1 61 ? 17.078  19.170  -0.827  1.00 19.51 ? 61  VAL B CB  1 
ATOM   1284 C CG1 . VAL B 1 61 ? 18.090  18.329  -0.026  1.00 16.89 ? 61  VAL B CG1 1 
ATOM   1285 C CG2 . VAL B 1 61 ? 17.335  19.038  -2.331  1.00 15.11 ? 61  VAL B CG2 1 
ATOM   1286 N N   . CYS B 1 62 ? 15.242  17.537  1.580   1.00 15.22 ? 62  CYS B N   1 
ATOM   1287 C CA  . CYS B 1 62 ? 15.108  17.360  3.013   1.00 16.19 ? 62  CYS B CA  1 
ATOM   1288 C C   . CYS B 1 62 ? 16.399  16.706  3.513   1.00 15.49 ? 62  CYS B C   1 
ATOM   1289 O O   . CYS B 1 62 ? 16.821  15.670  3.016   1.00 14.01 ? 62  CYS B O   1 
ATOM   1290 C CB  . CYS B 1 62 ? 13.901  16.463  3.350   1.00 16.70 ? 62  CYS B CB  1 
ATOM   1291 S SG  . CYS B 1 62 ? 13.615  16.271  5.149   1.00 24.76 ? 62  CYS B SG  1 
ATOM   1292 N N   . GLU B 1 63 ? 17.014  17.319  4.511   1.00 16.77 ? 63  GLU B N   1 
ATOM   1293 C CA  . GLU B 1 63 ? 18.265  16.826  5.060   1.00 17.85 ? 63  GLU B CA  1 
ATOM   1294 C C   . GLU B 1 63 ? 18.170  16.489  6.558   1.00 21.85 ? 63  GLU B C   1 
ATOM   1295 O O   . GLU B 1 63 ? 17.615  17.263  7.357   1.00 20.35 ? 63  GLU B O   1 
ATOM   1296 C CB  . GLU B 1 63 ? 19.354  17.878  4.831   1.00 16.36 ? 63  GLU B CB  1 
ATOM   1297 C CG  . GLU B 1 63 ? 20.737  17.495  5.328   1.00 17.77 ? 63  GLU B CG  1 
ATOM   1298 C CD  . GLU B 1 63 ? 21.783  18.516  4.945   1.00 19.73 ? 63  GLU B CD  1 
ATOM   1299 O OE1 . GLU B 1 63 ? 21.636  19.149  3.867   1.00 16.63 ? 63  GLU B OE1 1 
ATOM   1300 O OE2 . GLU B 1 63 ? 22.769  18.673  5.720   1.00 23.00 ? 63  GLU B OE2 1 
ATOM   1301 N N   . LEU B 1 64 ? 18.681  15.305  6.917   1.00 17.93 ? 64  LEU B N   1 
ATOM   1302 C CA  . LEU B 1 64 ? 18.710  14.866  8.310   1.00 16.75 ? 64  LEU B CA  1 
ATOM   1303 C C   . LEU B 1 64 ? 20.144  15.092  8.748   1.00 15.73 ? 64  LEU B C   1 
ATOM   1304 O O   . LEU B 1 64 ? 21.073  14.824  7.989   1.00 21.33 ? 64  LEU B O   1 
ATOM   1305 C CB  . LEU B 1 64 ? 18.390  13.372  8.460   1.00 11.48 ? 64  LEU B CB  1 
ATOM   1306 C CG  . LEU B 1 64 ? 18.531  12.839  9.896   1.00 15.54 ? 64  LEU B CG  1 
ATOM   1307 C CD1 . LEU B 1 64 ? 17.490  13.505  10.800  1.00 16.05 ? 64  LEU B CD1 1 
ATOM   1308 C CD2 . LEU B 1 64 ? 18.340  11.318  9.918   1.00 19.01 ? 64  LEU B CD2 1 
ATOM   1309 N N   . VAL B 1 65 ? 20.317  15.611  9.954   1.00 19.02 ? 65  VAL B N   1 
ATOM   1310 C CA  . VAL B 1 65 ? 21.644  15.857  10.498  1.00 19.93 ? 65  VAL B CA  1 
ATOM   1311 C C   . VAL B 1 65 ? 21.689  15.198  11.873  1.00 21.73 ? 65  VAL B C   1 
ATOM   1312 O O   . VAL B 1 65 ? 20.820  15.429  12.717  1.00 20.73 ? 65  VAL B O   1 
ATOM   1313 C CB  . VAL B 1 65 ? 21.918  17.376  10.636  1.00 20.81 ? 65  VAL B CB  1 
ATOM   1314 C CG1 . VAL B 1 65 ? 23.297  17.601  11.186  1.00 19.31 ? 65  VAL B CG1 1 
ATOM   1315 C CG2 . VAL B 1 65 ? 21.804  18.057  9.275   1.00 16.75 ? 65  VAL B CG2 1 
ATOM   1316 N N   . ILE B 1 66 ? 22.677  14.338  12.082  1.00 23.60 ? 66  ILE B N   1 
ATOM   1317 C CA  . ILE B 1 66 ? 22.844  13.677  13.374  1.00 23.56 ? 66  ILE B CA  1 
ATOM   1318 C C   . ILE B 1 66 ? 24.209  14.156  13.854  1.00 23.08 ? 66  ILE B C   1 
ATOM   1319 O O   . ILE B 1 66 ? 25.239  13.764  13.299  1.00 21.57 ? 66  ILE B O   1 
ATOM   1320 C CB  . ILE B 1 66 ? 22.872  12.108  13.259  1.00 21.74 ? 66  ILE B CB  1 
ATOM   1321 C CG1 . ILE B 1 66 ? 21.549  11.591  12.679  1.00 21.22 ? 66  ILE B CG1 1 
ATOM   1322 C CG2 . ILE B 1 66 ? 23.060  11.479  14.648  1.00 21.85 ? 66  ILE B CG2 1 
ATOM   1323 C CD1 . ILE B 1 66 ? 21.536  10.082  12.385  1.00 21.07 ? 66  ILE B CD1 1 
ATOM   1324 N N   . ARG B 1 67 ? 24.228  15.002  14.878  1.00 24.03 ? 67  ARG B N   1 
ATOM   1325 C CA  . ARG B 1 67 ? 25.512  15.505  15.354  1.00 28.01 ? 67  ARG B CA  1 
ATOM   1326 C C   . ARG B 1 67 ? 26.234  14.635  16.394  1.00 24.11 ? 67  ARG B C   1 
ATOM   1327 O O   . ARG B 1 67 ? 25.599  13.840  17.094  1.00 24.71 ? 67  ARG B O   1 
ATOM   1328 C CB  . ARG B 1 67 ? 25.329  16.917  15.897  1.00 31.12 ? 67  ARG B CB  1 
ATOM   1329 C CG  . ARG B 1 67 ? 25.154  17.933  14.793  1.00 36.77 ? 67  ARG B CG  1 
ATOM   1330 C CD  . ARG B 1 67 ? 25.448  19.356  15.262  1.00 40.39 ? 67  ARG B CD  1 
ATOM   1331 N NE  . ARG B 1 67 ? 24.293  19.962  15.902  1.00 43.01 ? 67  ARG B NE  1 
ATOM   1332 C CZ  . ARG B 1 67 ? 23.999  21.259  15.821  1.00 46.65 ? 67  ARG B CZ  1 
ATOM   1333 N NH1 . ARG B 1 67 ? 24.785  22.078  15.127  1.00 43.19 ? 67  ARG B NH1 1 
ATOM   1334 N NH2 . ARG B 1 67 ? 22.900  21.732  16.411  1.00 44.05 ? 67  ARG B NH2 1 
ATOM   1335 N N   . ASP B 1 68 ? 27.562  14.797  16.461  1.00 26.08 ? 68  ASP B N   1 
ATOM   1336 C CA  . ASP B 1 68 ? 28.424  14.090  17.430  1.00 29.26 ? 68  ASP B CA  1 
ATOM   1337 C C   . ASP B 1 68 ? 27.998  12.640  17.595  1.00 26.44 ? 68  ASP B C   1 
ATOM   1338 O O   . ASP B 1 68 ? 27.590  12.231  18.671  1.00 22.29 ? 68  ASP B O   1 
ATOM   1339 C CB  . ASP B 1 68 ? 28.354  14.777  18.806  1.00 33.27 ? 68  ASP B CB  1 
ATOM   1340 C CG  . ASP B 1 68 ? 28.478  16.299  18.714  1.00 36.63 ? 68  ASP B CG  1 
ATOM   1341 O OD1 . ASP B 1 68 ? 29.392  16.790  18.006  1.00 40.57 ? 68  ASP B OD1 1 
ATOM   1342 O OD2 . ASP B 1 68 ? 27.669  17.012  19.349  1.00 39.87 ? 68  ASP B OD2 1 
ATOM   1343 N N   . VAL B 1 69 ? 28.092  11.879  16.508  1.00 27.38 ? 69  VAL B N   1 
ATOM   1344 C CA  . VAL B 1 69 ? 27.669  10.493  16.505  1.00 26.58 ? 69  VAL B CA  1 
ATOM   1345 C C   . VAL B 1 69 ? 28.472  9.619   17.453  1.00 29.08 ? 69  VAL B C   1 
ATOM   1346 O O   . VAL B 1 69 ? 29.668  9.848   17.690  1.00 23.12 ? 69  VAL B O   1 
ATOM   1347 C CB  . VAL B 1 69 ? 27.747  9.897   15.092  1.00 28.73 ? 69  VAL B CB  1 
ATOM   1348 C CG1 . VAL B 1 69 ? 26.792  10.641  14.148  1.00 20.56 ? 69  VAL B CG1 1 
ATOM   1349 C CG2 . VAL B 1 69 ? 29.188  9.976   14.586  1.00 28.03 ? 69  VAL B CG2 1 
ATOM   1350 N N   . THR B 1 70 ? 27.771  8.626   17.998  1.00 28.95 ? 70  THR B N   1 
ATOM   1351 C CA  . THR B 1 70 ? 28.335  7.641   18.925  1.00 31.83 ? 70  THR B CA  1 
ATOM   1352 C C   . THR B 1 70 ? 28.078  6.235   18.380  1.00 28.47 ? 70  THR B C   1 
ATOM   1353 O O   . THR B 1 70 ? 27.357  6.068   17.383  1.00 25.38 ? 70  THR B O   1 
ATOM   1354 C CB  . THR B 1 70 ? 27.692  7.760   20.345  1.00 32.25 ? 70  THR B CB  1 
ATOM   1355 O OG1 . THR B 1 70 ? 28.203  6.713   21.177  1.00 44.80 ? 70  THR B OG1 1 
ATOM   1356 C CG2 . THR B 1 70 ? 26.189  7.610   20.290  1.00 33.85 ? 70  THR B CG2 1 
ATOM   1357 N N   . GLY B 1 71 ? 28.652  5.233   19.038  1.00 23.80 ? 71  GLY B N   1 
ATOM   1358 C CA  . GLY B 1 71 ? 28.455  3.861   18.627  1.00 22.84 ? 71  GLY B CA  1 
ATOM   1359 C C   . GLY B 1 71 ? 26.982  3.521   18.628  1.00 21.86 ? 71  GLY B C   1 
ATOM   1360 O O   . GLY B 1 71 ? 26.539  2.637   17.901  1.00 21.85 ? 71  GLY B O   1 
ATOM   1361 N N   . GLU B 1 72 ? 26.220  4.242   19.440  1.00 19.44 ? 72  GLU B N   1 
ATOM   1362 C CA  . GLU B 1 72 ? 24.781  4.022   19.559  1.00 24.64 ? 72  GLU B CA  1 
ATOM   1363 C C   . GLU B 1 72 ? 23.978  4.555   18.375  1.00 23.87 ? 72  GLU B C   1 
ATOM   1364 O O   . GLU B 1 72 ? 22.758  4.341   18.292  1.00 23.82 ? 72  GLU B O   1 
ATOM   1365 C CB  . GLU B 1 72 ? 24.249  4.698   20.820  1.00 26.18 ? 72  GLU B CB  1 
ATOM   1366 C CG  . GLU B 1 72 ? 24.913  4.263   22.121  1.00 35.16 ? 72  GLU B CG  1 
ATOM   1367 C CD  . GLU B 1 72 ? 24.288  3.018   22.722  1.00 37.80 ? 72  GLU B CD  1 
ATOM   1368 O OE1 . GLU B 1 72 ? 23.339  2.475   22.115  1.00 40.48 ? 72  GLU B OE1 1 
ATOM   1369 O OE2 . GLU B 1 72 ? 24.752  2.580   23.810  1.00 41.14 ? 72  GLU B OE2 1 
ATOM   1370 N N   . ASP B 1 73 ? 24.645  5.251   17.468  1.00 19.14 ? 73  ASP B N   1 
ATOM   1371 C CA  . ASP B 1 73 ? 23.933  5.818   16.331  1.00 21.04 ? 73  ASP B CA  1 
ATOM   1372 C C   . ASP B 1 73 ? 23.975  4.926   15.097  1.00 20.84 ? 73  ASP B C   1 
ATOM   1373 O O   . ASP B 1 73 ? 23.144  5.087   14.205  1.00 18.36 ? 73  ASP B O   1 
ATOM   1374 C CB  . ASP B 1 73 ? 24.468  7.217   15.988  1.00 18.05 ? 73  ASP B CB  1 
ATOM   1375 C CG  . ASP B 1 73 ? 24.199  8.253   17.096  1.00 21.11 ? 73  ASP B CG  1 
ATOM   1376 O OD1 . ASP B 1 73 ? 23.052  8.344   17.595  1.00 21.38 ? 73  ASP B OD1 1 
ATOM   1377 O OD2 . ASP B 1 73 ? 25.142  8.988   17.461  1.00 21.09 ? 73  ASP B OD2 1 
ATOM   1378 N N   . SER B 1 74 ? 24.918  3.983   15.038  1.00 21.24 ? 74  SER B N   1 
ATOM   1379 C CA  . SER B 1 74 ? 24.963  3.099   13.876  1.00 23.94 ? 74  SER B CA  1 
ATOM   1380 C C   . SER B 1 74 ? 23.557  2.496   13.713  1.00 22.29 ? 74  SER B C   1 
ATOM   1381 O O   . SER B 1 74 ? 22.957  2.016   14.676  1.00 23.12 ? 74  SER B O   1 
ATOM   1382 C CB  . SER B 1 74 ? 26.020  2.019   14.060  1.00 22.89 ? 74  SER B CB  1 
ATOM   1383 O OG  . SER B 1 74 ? 27.310  2.604   14.046  1.00 21.45 ? 74  SER B OG  1 
ATOM   1384 N N   . ALA B 1 75 ? 23.023  2.551   12.498  1.00 19.62 ? 75  ALA B N   1 
ATOM   1385 C CA  . ALA B 1 75 ? 21.660  2.082   12.273  1.00 20.42 ? 75  ALA B CA  1 
ATOM   1386 C C   . ALA B 1 75 ? 21.220  2.201   10.838  1.00 23.26 ? 75  ALA B C   1 
ATOM   1387 O O   . ALA B 1 75 ? 21.935  2.709   9.959   1.00 19.63 ? 75  ALA B O   1 
ATOM   1388 C CB  . ALA B 1 75 ? 20.682  2.913   13.103  1.00 15.15 ? 75  ALA B CB  1 
ATOM   1389 N N   . SER B 1 76 ? 19.989  1.744   10.649  1.00 22.90 ? 76  SER B N   1 
ATOM   1390 C CA  . SER B 1 76 ? 19.333  1.860   9.381   1.00 28.22 ? 76  SER B CA  1 
ATOM   1391 C C   . SER B 1 76 ? 18.649  3.245   9.501   1.00 24.07 ? 76  SER B C   1 
ATOM   1392 O O   . SER B 1 76 ? 18.088  3.623   10.542  1.00 22.28 ? 76  SER B O   1 
ATOM   1393 C CB  . SER B 1 76 ? 18.298  0.743   9.185   1.00 32.31 ? 76  SER B CB  1 
ATOM   1394 O OG  . SER B 1 76 ? 17.224  0.890   10.111  1.00 44.28 ? 76  SER B OG  1 
ATOM   1395 N N   . ILE B 1 77 ? 18.783  4.012   8.441   1.00 19.35 ? 77  ILE B N   1 
ATOM   1396 C CA  . ILE B 1 77 ? 18.227  5.340   8.390   1.00 19.36 ? 77  ILE B CA  1 
ATOM   1397 C C   . ILE B 1 77 ? 17.246  5.323   7.228   1.00 20.42 ? 77  ILE B C   1 
ATOM   1398 O O   . ILE B 1 77 ? 17.572  4.874   6.112   1.00 18.20 ? 77  ILE B O   1 
ATOM   1399 C CB  . ILE B 1 77 ? 19.323  6.354   8.120   1.00 16.99 ? 77  ILE B CB  1 
ATOM   1400 C CG1 . ILE B 1 77 ? 20.327  6.335   9.286   1.00 14.08 ? 77  ILE B CG1 1 
ATOM   1401 C CG2 . ILE B 1 77 ? 18.700  7.737   7.857   1.00 15.64 ? 77  ILE B CG2 1 
ATOM   1402 C CD1 . ILE B 1 77 ? 19.733  6.703   10.666  1.00 16.04 ? 77  ILE B CD1 1 
ATOM   1403 N N   . MET B 1 78 ? 16.025  5.753   7.483   1.00 19.10 ? 78  MET B N   1 
ATOM   1404 C CA  . MET B 1 78 ? 15.097  5.770   6.397   1.00 20.02 ? 78  MET B CA  1 
ATOM   1405 C C   . MET B 1 78 ? 14.380  7.085   6.407   1.00 20.18 ? 78  MET B C   1 
ATOM   1406 O O   . MET B 1 78 ? 14.178  7.693   7.465   1.00 24.66 ? 78  MET B O   1 
ATOM   1407 C CB  . MET B 1 78 ? 14.097  4.639   6.531   1.00 24.95 ? 78  MET B CB  1 
ATOM   1408 C CG  . MET B 1 78 ? 13.072  4.646   5.434   1.00 29.82 ? 78  MET B CG  1 
ATOM   1409 S SD  . MET B 1 78 ? 11.765  3.494   5.784   1.00 38.20 ? 78  MET B SD  1 
ATOM   1410 C CE  . MET B 1 78 ? 10.410  4.702   6.143   1.00 36.91 ? 78  MET B CE  1 
ATOM   1411 N N   . VAL B 1 79 ? 14.012  7.538   5.227   1.00 19.34 ? 79  VAL B N   1 
ATOM   1412 C CA  . VAL B 1 79 ? 13.268  8.771   5.098   1.00 17.02 ? 79  VAL B CA  1 
ATOM   1413 C C   . VAL B 1 79 ? 11.977  8.418   4.369   1.00 18.20 ? 79  VAL B C   1 
ATOM   1414 O O   . VAL B 1 79 ? 11.983  7.663   3.405   1.00 19.13 ? 79  VAL B O   1 
ATOM   1415 C CB  . VAL B 1 79 ? 14.067  9.859   4.330   1.00 12.99 ? 79  VAL B CB  1 
ATOM   1416 C CG1 . VAL B 1 79 ? 14.450  9.385   2.932   1.00 10.08 ? 79  VAL B CG1 1 
ATOM   1417 C CG2 . VAL B 1 79 ? 13.258  11.143  4.261   1.00 13.73 ? 79  VAL B CG2 1 
ATOM   1418 N N   . LYS B 1 80 ? 10.868  8.921   4.887   1.00 19.53 ? 80  LYS B N   1 
ATOM   1419 C CA  . LYS B 1 80 ? 9.569   8.697   4.268   1.00 22.33 ? 80  LYS B CA  1 
ATOM   1420 C C   . LYS B 1 80 ? 9.047   10.064  3.828   1.00 20.42 ? 80  LYS B C   1 
ATOM   1421 O O   . LYS B 1 80 ? 9.074   11.000  4.623   1.00 23.73 ? 80  LYS B O   1 
ATOM   1422 C CB  . LYS B 1 80 ? 8.584   8.079   5.282   1.00 25.39 ? 80  LYS B CB  1 
ATOM   1423 C CG  . LYS B 1 80 ? 7.311   7.587   4.618   1.00 28.70 ? 80  LYS B CG  1 
ATOM   1424 C CD  . LYS B 1 80 ? 6.279   7.079   5.595   1.00 28.42 ? 80  LYS B CD  1 
ATOM   1425 C CE  . LYS B 1 80 ? 6.698   5.789   6.262   1.00 35.12 ? 80  LYS B CE  1 
ATOM   1426 N NZ  . LYS B 1 80 ? 5.603   5.292   7.177   1.00 38.33 ? 80  LYS B NZ  1 
ATOM   1427 N N   . ALA B 1 81 ? 8.629   10.196  2.565   1.00 20.34 ? 81  ALA B N   1 
ATOM   1428 C CA  . ALA B 1 81 ? 8.042   11.447  2.046   1.00 20.20 ? 81  ALA B CA  1 
ATOM   1429 C C   . ALA B 1 81 ? 6.535   11.161  1.931   1.00 19.76 ? 81  ALA B C   1 
ATOM   1430 O O   . ALA B 1 81 ? 6.120   10.189  1.290   1.00 19.16 ? 81  ALA B O   1 
ATOM   1431 C CB  . ALA B 1 81 ? 8.647   11.819  0.660   1.00 22.03 ? 81  ALA B CB  1 
ATOM   1432 N N   . ILE B 1 82 ? 5.731   12.015  2.563   1.00 22.82 ? 82  ILE B N   1 
ATOM   1433 C CA  . ILE B 1 82 ? 4.281   11.831  2.645   1.00 22.97 ? 82  ILE B CA  1 
ATOM   1434 C C   . ILE B 1 82 ? 3.409   13.012  2.333   1.00 20.66 ? 82  ILE B C   1 
ATOM   1435 O O   . ILE B 1 82 ? 3.691   14.125  2.752   1.00 21.45 ? 82  ILE B O   1 
ATOM   1436 C CB  . ILE B 1 82 ? 3.853   11.470  4.073   1.00 24.77 ? 82  ILE B CB  1 
ATOM   1437 C CG1 . ILE B 1 82 ? 4.720   10.357  4.616   1.00 30.77 ? 82  ILE B CG1 1 
ATOM   1438 C CG2 . ILE B 1 82 ? 2.373   11.040  4.088   1.00 28.52 ? 82  ILE B CG2 1 
ATOM   1439 C CD1 . ILE B 1 82 ? 5.094   10.545  6.101   1.00 34.31 ? 82  ILE B CD1 1 
ATOM   1440 N N   . ASN B 1 83 ? 2.341   12.757  1.596   1.00 21.97 ? 83  ASN B N   1 
ATOM   1441 C CA  . ASN B 1 83 ? 1.349   13.772  1.333   1.00 20.13 ? 83  ASN B CA  1 
ATOM   1442 C C   . ASN B 1 83 ? 0.037   12.992  1.194   1.00 25.08 ? 83  ASN B C   1 
ATOM   1443 O O   . ASN B 1 83 ? 0.030   11.756  1.289   1.00 24.93 ? 83  ASN B O   1 
ATOM   1444 C CB  . ASN B 1 83 ? 1.682   14.644  0.116   1.00 18.60 ? 83  ASN B CB  1 
ATOM   1445 C CG  . ASN B 1 83 ? 1.572   13.912  -1.203  1.00 22.01 ? 83  ASN B CG  1 
ATOM   1446 O OD1 . ASN B 1 83 ? 1.208   12.740  -1.265  1.00 21.72 ? 83  ASN B OD1 1 
ATOM   1447 N ND2 . ASN B 1 83 ? 1.897   14.616  -2.277  1.00 19.22 ? 83  ASN B ND2 1 
ATOM   1448 N N   . ILE B 1 84 ? -1.073  13.693  1.019   1.00 27.00 ? 84  ILE B N   1 
ATOM   1449 C CA  . ILE B 1 84 ? -2.361  13.028  0.933   1.00 28.57 ? 84  ILE B CA  1 
ATOM   1450 C C   . ILE B 1 84 ? -2.484  12.011  -0.208  1.00 28.07 ? 84  ILE B C   1 
ATOM   1451 O O   . ILE B 1 84 ? -3.247  11.050  -0.097  1.00 25.32 ? 84  ILE B O   1 
ATOM   1452 C CB  . ILE B 1 84 ? -3.488  14.070  0.830   1.00 30.19 ? 84  ILE B CB  1 
ATOM   1453 C CG1 . ILE B 1 84 ? -3.384  14.838  -0.482  1.00 31.87 ? 84  ILE B CG1 1 
ATOM   1454 C CG2 . ILE B 1 84 ? -3.364  15.045  1.986   1.00 38.74 ? 84  ILE B CG2 1 
ATOM   1455 C CD1 . ILE B 1 84 ? -4.313  16.039  -0.565  1.00 37.08 ? 84  ILE B CD1 1 
ATOM   1456 N N   . ALA B 1 85 ? -1.728  12.208  -1.288  1.00 28.14 ? 85  ALA B N   1 
ATOM   1457 C CA  . ALA B 1 85 ? -1.778  11.278  -2.428  1.00 26.58 ? 85  ALA B CA  1 
ATOM   1458 C C   . ALA B 1 85 ? -0.948  10.008  -2.189  1.00 28.17 ? 85  ALA B C   1 
ATOM   1459 O O   . ALA B 1 85 ? -0.969  9.080   -2.990  1.00 28.56 ? 85  ALA B O   1 
ATOM   1460 C CB  . ALA B 1 85 ? -1.305  11.984  -3.686  1.00 23.50 ? 85  ALA B CB  1 
ATOM   1461 N N   . GLY B 1 86 ? -0.193  9.957   -1.099  1.00 29.10 ? 86  GLY B N   1 
ATOM   1462 C CA  . GLY B 1 86 ? 0.589   8.749   -0.850  1.00 28.27 ? 86  GLY B CA  1 
ATOM   1463 C C   . GLY B 1 86 ? 1.951   8.960   -0.202  1.00 27.04 ? 86  GLY B C   1 
ATOM   1464 O O   . GLY B 1 86 ? 2.250   10.062  0.305   1.00 24.40 ? 86  GLY B O   1 
ATOM   1465 N N   . GLU B 1 87 ? 2.775   7.911   -0.221  1.00 22.71 ? 87  GLU B N   1 
ATOM   1466 C CA  . GLU B 1 87 ? 4.096   7.989   0.383   1.00 24.50 ? 87  GLU B CA  1 
ATOM   1467 C C   . GLU B 1 87 ? 5.127   7.153   -0.349  1.00 23.25 ? 87  GLU B C   1 
ATOM   1468 O O   . GLU B 1 87 ? 4.788   6.259   -1.122  1.00 23.88 ? 87  GLU B O   1 
ATOM   1469 C CB  . GLU B 1 87 ? 4.032   7.519   1.826   1.00 27.23 ? 87  GLU B CB  1 
ATOM   1470 C CG  . GLU B 1 87 ? 4.010   6.023   1.960   1.00 34.34 ? 87  GLU B CG  1 
ATOM   1471 C CD  . GLU B 1 87 ? 3.785   5.590   3.387   1.00 38.91 ? 87  GLU B CD  1 
ATOM   1472 O OE1 . GLU B 1 87 ? 4.453   4.629   3.827   1.00 38.45 ? 87  GLU B OE1 1 
ATOM   1473 O OE2 . GLU B 1 87 ? 2.930   6.213   4.072   1.00 41.40 ? 87  GLU B OE2 1 
ATOM   1474 N N   . THR B 1 88 ? 6.389   7.436   -0.069  1.00 18.12 ? 88  THR B N   1 
ATOM   1475 C CA  . THR B 1 88 ? 7.490   6.734   -0.685  1.00 17.15 ? 88  THR B CA  1 
ATOM   1476 C C   . THR B 1 88 ? 8.657   6.839   0.296   1.00 18.42 ? 88  THR B C   1 
ATOM   1477 O O   . THR B 1 88 ? 8.657   7.703   1.180   1.00 17.67 ? 88  THR B O   1 
ATOM   1478 C CB  . THR B 1 88 ? 7.833   7.367   -2.076  1.00 17.84 ? 88  THR B CB  1 
ATOM   1479 O OG1 . THR B 1 88 ? 8.791   6.558   -2.760  1.00 19.10 ? 88  THR B OG1 1 
ATOM   1480 C CG2 . THR B 1 88 ? 8.373   8.774   -1.929  1.00 16.52 ? 88  THR B CG2 1 
ATOM   1481 N N   . SER B 1 89 ? 9.647   5.965   0.152   1.00 19.10 ? 89  SER B N   1 
ATOM   1482 C CA  . SER B 1 89 ? 10.773  5.971   1.065   1.00 17.37 ? 89  SER B CA  1 
ATOM   1483 C C   . SER B 1 89 ? 12.109  5.578   0.456   1.00 15.14 ? 89  SER B C   1 
ATOM   1484 O O   . SER B 1 89 ? 12.186  4.947   -0.598  1.00 17.20 ? 89  SER B O   1 
ATOM   1485 C CB  . SER B 1 89 ? 10.455  5.058   2.250   1.00 19.38 ? 89  SER B CB  1 
ATOM   1486 O OG  . SER B 1 89 ? 10.399  3.733   1.783   1.00 22.33 ? 89  SER B OG  1 
ATOM   1487 N N   . SER B 1 90 ? 13.175  5.998   1.131   1.00 17.60 ? 90  SER B N   1 
ATOM   1488 C CA  . SER B 1 90 ? 14.531  5.716   0.717   1.00 15.99 ? 90  SER B CA  1 
ATOM   1489 C C   . SER B 1 90 ? 15.301  5.314   1.995   1.00 18.63 ? 90  SER B C   1 
ATOM   1490 O O   . SER B 1 90 ? 15.096  5.912   3.058   1.00 14.77 ? 90  SER B O   1 
ATOM   1491 C CB  . SER B 1 90 ? 15.103  6.962   0.064   1.00 15.93 ? 90  SER B CB  1 
ATOM   1492 O OG  . SER B 1 90 ? 16.413  6.752   -0.407  1.00 18.80 ? 90  SER B OG  1 
ATOM   1493 N N   . HIS B 1 91 ? 16.151  4.289   1.885   1.00 19.22 ? 91  HIS B N   1 
ATOM   1494 C CA  . HIS B 1 91 ? 16.911  3.759   3.020   1.00 21.30 ? 91  HIS B CA  1 
ATOM   1495 C C   . HIS B 1 91 ? 18.401  3.698   2.765   1.00 19.49 ? 91  HIS B C   1 
ATOM   1496 O O   . HIS B 1 91 ? 18.840  3.547   1.633   1.00 22.07 ? 91  HIS B O   1 
ATOM   1497 C CB  . HIS B 1 91 ? 16.486  2.327   3.367   1.00 25.40 ? 91  HIS B CB  1 
ATOM   1498 C CG  . HIS B 1 91 ? 15.018  2.082   3.269   1.00 32.49 ? 91  HIS B CG  1 
ATOM   1499 N ND1 . HIS B 1 91 ? 14.300  1.471   4.277   1.00 34.66 ? 91  HIS B ND1 1 
ATOM   1500 C CD2 . HIS B 1 91 ? 14.134  2.321   2.265   1.00 36.25 ? 91  HIS B CD2 1 
ATOM   1501 C CE1 . HIS B 1 91 ? 13.037  1.346   3.902   1.00 34.63 ? 91  HIS B CE1 1 
ATOM   1502 N NE2 . HIS B 1 91 ? 12.909  1.856   2.685   1.00 37.00 ? 91  HIS B NE2 1 
ATOM   1503 N N   . ALA B 1 92 ? 19.175  3.787   3.838   1.00 18.96 ? 92  ALA B N   1 
ATOM   1504 C CA  . ALA B 1 92 ? 20.640  3.704   3.777   1.00 20.68 ? 92  ALA B CA  1 
ATOM   1505 C C   . ALA B 1 92 ? 21.108  3.377   5.198   1.00 21.31 ? 92  ALA B C   1 
ATOM   1506 O O   . ALA B 1 92 ? 20.298  3.080   6.070   1.00 21.55 ? 92  ALA B O   1 
ATOM   1507 C CB  . ALA B 1 92 ? 21.245  5.033   3.298   1.00 18.64 ? 92  ALA B CB  1 
ATOM   1508 N N   . PHE B 1 93 ? 22.405  3.409   5.432   1.00 20.54 ? 93  PHE B N   1 
ATOM   1509 C CA  . PHE B 1 93 ? 22.897  3.100   6.760   1.00 22.37 ? 93  PHE B CA  1 
ATOM   1510 C C   . PHE B 1 93 ? 23.858  4.133   7.297   1.00 21.94 ? 93  PHE B C   1 
ATOM   1511 O O   . PHE B 1 93 ? 24.568  4.781   6.545   1.00 22.54 ? 93  PHE B O   1 
ATOM   1512 C CB  . PHE B 1 93 ? 23.633  1.752   6.775   1.00 21.74 ? 93  PHE B CB  1 
ATOM   1513 C CG  . PHE B 1 93 ? 22.785  0.590   6.360   1.00 22.57 ? 93  PHE B CG  1 
ATOM   1514 C CD1 . PHE B 1 93 ? 22.714  0.208   5.022   1.00 25.85 ? 93  PHE B CD1 1 
ATOM   1515 C CD2 . PHE B 1 93 ? 22.051  -0.117  7.305   1.00 22.00 ? 93  PHE B CD2 1 
ATOM   1516 C CE1 . PHE B 1 93 ? 21.919  -0.869  4.624   1.00 28.12 ? 93  PHE B CE1 1 
ATOM   1517 C CE2 . PHE B 1 93 ? 21.259  -1.187  6.937   1.00 23.08 ? 93  PHE B CE2 1 
ATOM   1518 C CZ  . PHE B 1 93 ? 21.188  -1.574  5.588   1.00 25.60 ? 93  PHE B CZ  1 
ATOM   1519 N N   . LEU B 1 94 ? 23.874  4.272   8.612   1.00 22.28 ? 94  LEU B N   1 
ATOM   1520 C CA  . LEU B 1 94 ? 24.817  5.161   9.260   1.00 19.11 ? 94  LEU B CA  1 
ATOM   1521 C C   . LEU B 1 94 ? 25.746  4.163   9.954   1.00 22.32 ? 94  LEU B C   1 
ATOM   1522 O O   . LEU B 1 94 ? 25.301  3.389   10.818  1.00 20.08 ? 94  LEU B O   1 
ATOM   1523 C CB  . LEU B 1 94 ? 24.148  6.049   10.310  1.00 18.48 ? 94  LEU B CB  1 
ATOM   1524 C CG  . LEU B 1 94 ? 25.158  6.798   11.203  1.00 19.70 ? 94  LEU B CG  1 
ATOM   1525 C CD1 . LEU B 1 94 ? 26.149  7.596   10.342  1.00 17.18 ? 94  LEU B CD1 1 
ATOM   1526 C CD2 . LEU B 1 94 ? 24.402  7.704   12.158  1.00 18.55 ? 94  LEU B CD2 1 
ATOM   1527 N N   . LEU B 1 95 ? 27.014  4.176   9.553   1.00 20.30 ? 95  LEU B N   1 
ATOM   1528 C CA  . LEU B 1 95 ? 28.042  3.286   10.089  1.00 24.22 ? 95  LEU B CA  1 
ATOM   1529 C C   . LEU B 1 95 ? 29.058  4.134   10.859  1.00 23.36 ? 95  LEU B C   1 
ATOM   1530 O O   . LEU B 1 95 ? 29.902  4.786   10.246  1.00 25.71 ? 95  LEU B O   1 
ATOM   1531 C CB  . LEU B 1 95 ? 28.750  2.572   8.932   1.00 23.08 ? 95  LEU B CB  1 
ATOM   1532 C CG  . LEU B 1 95 ? 27.821  1.901   7.900   1.00 29.35 ? 95  LEU B CG  1 
ATOM   1533 C CD1 . LEU B 1 95 ? 28.621  1.411   6.700   1.00 26.44 ? 95  LEU B CD1 1 
ATOM   1534 C CD2 . LEU B 1 95 ? 27.078  0.713   8.556   1.00 27.51 ? 95  LEU B CD2 1 
ATOM   1535 N N   . VAL B 1 96 ? 28.960  4.157   12.181  1.00 22.82 ? 96  VAL B N   1 
ATOM   1536 C CA  . VAL B 1 96 ? 29.893  4.948   12.989  1.00 26.31 ? 96  VAL B CA  1 
ATOM   1537 C C   . VAL B 1 96 ? 31.190  4.166   13.216  1.00 30.70 ? 96  VAL B C   1 
ATOM   1538 O O   . VAL B 1 96 ? 31.171  3.022   13.690  1.00 28.58 ? 96  VAL B O   1 
ATOM   1539 C CB  . VAL B 1 96 ? 29.272  5.306   14.373  1.00 24.08 ? 96  VAL B CB  1 
ATOM   1540 C CG1 . VAL B 1 96 ? 30.193  6.244   15.145  1.00 24.79 ? 96  VAL B CG1 1 
ATOM   1541 C CG2 . VAL B 1 96 ? 27.909  5.948   14.181  1.00 23.04 ? 96  VAL B CG2 1 
ATOM   1542 N N   . GLN B 1 97 ? 32.317  4.767   12.857  1.00 29.58 ? 97  GLN B N   1 
ATOM   1543 C CA  . GLN B 1 97 ? 33.596  4.100   13.046  1.00 33.01 ? 97  GLN B CA  1 
ATOM   1544 C C   . GLN B 1 97 ? 34.228  4.614   14.326  1.00 37.17 ? 97  GLN B C   1 
ATOM   1545 O O   . GLN B 1 97 ? 34.092  5.795   14.656  1.00 35.76 ? 97  GLN B O   1 
ATOM   1546 C CB  . GLN B 1 97 ? 34.546  4.412   11.909  1.00 34.02 ? 97  GLN B CB  1 
ATOM   1547 C CG  . GLN B 1 97 ? 34.063  4.094   10.528  1.00 39.79 ? 97  GLN B CG  1 
ATOM   1548 C CD  . GLN B 1 97 ? 35.138  4.428   9.496   1.00 49.03 ? 97  GLN B CD  1 
ATOM   1549 O OE1 . GLN B 1 97 ? 35.866  5.440   9.635   1.00 52.28 ? 97  GLN B OE1 1 
ATOM   1550 N NE2 . GLN B 1 97 ? 35.244  3.598   8.453   1.00 47.07 ? 97  GLN B NE2 1 
ATOM   1551 N N   . ALA B 1 98 ? 34.935  3.746   15.041  1.00 37.04 ? 98  ALA B N   1 
ATOM   1552 C CA  . ALA B 1 98 ? 35.562  4.169   16.285  1.00 42.37 ? 98  ALA B CA  1 
ATOM   1553 C C   . ALA B 1 98 ? 36.664  5.188   16.013  1.00 46.93 ? 98  ALA B C   1 
ATOM   1554 O O   . ALA B 1 98 ? 37.486  5.009   15.114  1.00 48.17 ? 98  ALA B O   1 
ATOM   1555 C CB  . ALA B 1 98 ? 36.124  2.972   17.030  1.00 38.05 ? 98  ALA B CB  1 
ATOM   1556 N N   . LYS B 1 99 ? 36.649  6.267   16.792  1.00 52.77 ? 99  LYS B N   1 
ATOM   1557 C CA  . LYS B 1 99 ? 37.627  7.344   16.682  1.00 57.90 ? 99  LYS B CA  1 
ATOM   1558 C C   . LYS B 1 99 ? 39.020  6.738   16.867  1.00 61.05 ? 99  LYS B C   1 
ATOM   1559 O O   . LYS B 1 99 ? 39.993  7.198   16.266  1.00 61.50 ? 99  LYS B O   1 
ATOM   1560 C CB  . LYS B 1 99 ? 37.345  8.386   17.765  1.00 59.47 ? 99  LYS B CB  1 
ATOM   1561 C CG  . LYS B 1 99 ? 38.124  9.683   17.632  1.00 65.26 ? 99  LYS B CG  1 
ATOM   1562 C CD  . LYS B 1 99 ? 37.749  10.441  16.360  1.00 67.54 ? 99  LYS B CD  1 
ATOM   1563 C CE  . LYS B 1 99 ? 38.507  11.761  16.285  1.00 66.75 ? 99  LYS B CE  1 
ATOM   1564 N NZ  . LYS B 1 99 ? 38.183  12.513  15.041  1.00 70.38 ? 99  LYS B NZ  1 
HETATM 1565 O O   . HOH C 2 .  ? -25.113 -5.782  -4.825  1.00 13.80 ? 100 HOH A O   1 
HETATM 1566 O O   . HOH C 2 .  ? -11.578 -11.201 -11.930 1.00 10.62 ? 101 HOH A O   1 
HETATM 1567 O O   . HOH C 2 .  ? -34.772 -8.405  -8.554  1.00 15.03 ? 102 HOH A O   1 
HETATM 1568 O O   . HOH C 2 .  ? -28.133 -4.974  -15.582 1.00 20.53 ? 103 HOH A O   1 
HETATM 1569 O O   . HOH C 2 .  ? -24.430 -16.237 -16.746 1.00 18.29 ? 104 HOH A O   1 
HETATM 1570 O O   . HOH C 2 .  ? -14.792 -14.191 -19.000 1.00 17.78 ? 105 HOH A O   1 
HETATM 1571 O O   . HOH C 2 .  ? -22.271 -4.527  -20.256 1.00 16.19 ? 106 HOH A O   1 
HETATM 1572 O O   . HOH C 2 .  ? -16.714 -19.675 -2.196  1.00 18.50 ? 107 HOH A O   1 
HETATM 1573 O O   . HOH C 2 .  ? -14.522 -18.009 -13.768 1.00 20.79 ? 108 HOH A O   1 
HETATM 1574 O O   . HOH C 2 .  ? -26.030 -5.221  -13.917 1.00 26.65 ? 109 HOH A O   1 
HETATM 1575 O O   . HOH C 2 .  ? -15.439 3.530   -10.366 1.00 26.09 ? 110 HOH A O   1 
HETATM 1576 O O   . HOH C 2 .  ? -33.339 -2.271  -12.029 1.00 21.87 ? 111 HOH A O   1 
HETATM 1577 O O   . HOH C 2 .  ? -21.396 -10.468 -0.514  1.00 19.34 ? 112 HOH A O   1 
HETATM 1578 O O   . HOH C 2 .  ? -23.895 -20.323 -12.821 1.00 25.11 ? 113 HOH A O   1 
HETATM 1579 O O   . HOH C 2 .  ? -21.172 2.270   -11.105 1.00 19.37 ? 114 HOH A O   1 
HETATM 1580 O O   . HOH C 2 .  ? -32.471 -7.341  -8.272  1.00 29.47 ? 115 HOH A O   1 
HETATM 1581 O O   . HOH C 2 .  ? -31.790 -19.214 -11.718 1.00 29.38 ? 116 HOH A O   1 
HETATM 1582 O O   . HOH C 2 .  ? -14.644 -5.309  -17.562 1.00 42.92 ? 117 HOH A O   1 
HETATM 1583 O O   . HOH C 2 .  ? -28.909 -17.112 -16.230 1.00 27.27 ? 118 HOH A O   1 
HETATM 1584 O O   . HOH C 2 .  ? -13.646 -10.468 -14.904 1.00 24.43 ? 119 HOH A O   1 
HETATM 1585 O O   . HOH C 2 .  ? -14.457 -18.183 4.382   1.00 33.69 ? 120 HOH A O   1 
HETATM 1586 O O   . HOH C 2 .  ? -29.525 -0.450  -10.713 1.00 25.23 ? 121 HOH A O   1 
HETATM 1587 O O   . HOH C 2 .  ? -12.659 -13.962 -17.816 1.00 29.20 ? 122 HOH A O   1 
HETATM 1588 O O   . HOH C 2 .  ? -25.971 -19.866 -9.524  1.00 30.90 ? 123 HOH A O   1 
HETATM 1589 O O   . HOH C 2 .  ? -14.496 -8.276  -16.052 1.00 35.26 ? 124 HOH A O   1 
HETATM 1590 O O   . HOH C 2 .  ? -32.630 0.062   -13.544 1.00 28.35 ? 125 HOH A O   1 
HETATM 1591 O O   . HOH C 2 .  ? -13.919 -21.398 -6.878  1.00 31.69 ? 126 HOH A O   1 
HETATM 1592 O O   . HOH C 2 .  ? -18.020 -11.916 5.610   1.00 45.43 ? 127 HOH A O   1 
HETATM 1593 O O   . HOH C 2 .  ? -21.360 3.223   -14.606 1.00 33.91 ? 128 HOH A O   1 
HETATM 1594 O O   . HOH C 2 .  ? -29.576 -8.474  -22.398 1.00 53.40 ? 129 HOH A O   1 
HETATM 1595 O O   . HOH C 2 .  ? -22.533 -6.362  4.121   1.00 33.53 ? 130 HOH A O   1 
HETATM 1596 O O   . HOH C 2 .  ? -22.689 -17.899 4.142   1.00 27.71 ? 131 HOH A O   1 
HETATM 1597 O O   . HOH C 2 .  ? -11.069 -0.567  -4.447  1.00 38.48 ? 132 HOH A O   1 
HETATM 1598 O O   . HOH C 2 .  ? -12.026 -20.971 -12.318 1.00 36.92 ? 133 HOH A O   1 
HETATM 1599 O O   . HOH C 2 .  ? -13.548 -19.841 -15.348 1.00 33.62 ? 134 HOH A O   1 
HETATM 1600 O O   . HOH C 2 .  ? -25.734 -8.350  -2.166  1.00 26.01 ? 135 HOH A O   1 
HETATM 1601 O O   . HOH C 2 .  ? -34.533 -14.841 -18.563 1.00 34.32 ? 136 HOH A O   1 
HETATM 1602 O O   . HOH C 2 .  ? -24.746 -4.430  -21.997 1.00 36.97 ? 137 HOH A O   1 
HETATM 1603 O O   . HOH C 2 .  ? -28.470 -4.026  -18.229 1.00 26.59 ? 138 HOH A O   1 
HETATM 1604 O O   . HOH C 2 .  ? -11.398 -10.317 -14.311 1.00 25.22 ? 139 HOH A O   1 
HETATM 1605 O O   . HOH C 2 .  ? -3.266  -16.819 -11.110 1.00 43.37 ? 140 HOH A O   1 
HETATM 1606 O O   . HOH C 2 .  ? -23.901 -12.897 5.907   1.00 35.06 ? 141 HOH A O   1 
HETATM 1607 O O   . HOH C 2 .  ? -17.666 -7.839  -22.189 1.00 32.34 ? 142 HOH A O   1 
HETATM 1608 O O   . HOH C 2 .  ? -19.258 -7.531  8.784   1.00 48.13 ? 143 HOH A O   1 
HETATM 1609 O O   . HOH C 2 .  ? -27.829 -9.884  -2.410  1.00 45.69 ? 144 HOH A O   1 
HETATM 1610 O O   . HOH C 2 .  ? -11.127 -1.248  -7.336  1.00 32.97 ? 145 HOH A O   1 
HETATM 1611 O O   . HOH C 2 .  ? -21.282 -5.547  7.061   1.00 40.37 ? 146 HOH A O   1 
HETATM 1612 O O   . HOH C 2 .  ? -30.905 -7.863  -18.945 1.00 28.64 ? 147 HOH A O   1 
HETATM 1613 O O   . HOH C 2 .  ? -21.184 -0.827  -16.650 1.00 38.24 ? 148 HOH A O   1 
HETATM 1614 O O   . HOH C 2 .  ? -28.151 -4.082  -2.930  1.00 44.39 ? 149 HOH A O   1 
HETATM 1615 O O   . HOH C 2 .  ? -14.299 0.021   -13.781 1.00 37.21 ? 150 HOH A O   1 
HETATM 1616 O O   . HOH C 2 .  ? -29.813 -1.335  -16.546 1.00 40.68 ? 151 HOH A O   1 
HETATM 1617 O O   . HOH C 2 .  ? -17.111 -1.316  7.247   1.00 48.17 ? 152 HOH A O   1 
HETATM 1618 O O   . HOH C 2 .  ? -9.492  -18.317 7.015   1.00 42.22 ? 153 HOH A O   1 
HETATM 1619 O O   . HOH C 2 .  ? -12.078 -7.111  -15.756 1.00 39.43 ? 154 HOH A O   1 
HETATM 1620 O O   . HOH C 2 .  ? -11.578 -4.492  8.831   1.00 44.63 ? 155 HOH A O   1 
HETATM 1621 O O   . HOH C 2 .  ? -14.620 -2.898  9.328   1.00 47.59 ? 156 HOH A O   1 
HETATM 1622 O O   . HOH C 2 .  ? -1.723  -19.459 2.150   1.00 37.23 ? 157 HOH A O   1 
HETATM 1623 O O   . HOH C 2 .  ? -33.196 -0.590  -16.367 1.00 41.26 ? 158 HOH A O   1 
HETATM 1624 O O   . HOH C 2 .  ? -6.024  -9.132  -7.510  1.00 36.46 ? 159 HOH A O   1 
HETATM 1625 O O   . HOH C 2 .  ? -11.120 -18.965 -13.083 1.00 45.65 ? 160 HOH A O   1 
HETATM 1626 O O   . HOH C 2 .  ? -33.650 -15.976 -8.038  1.00 39.40 ? 161 HOH A O   1 
HETATM 1627 O O   . HOH C 2 .  ? -38.557 -7.287  -15.852 1.00 41.45 ? 162 HOH A O   1 
HETATM 1628 O O   . HOH C 2 .  ? -9.733  -20.835 -11.476 1.00 33.10 ? 163 HOH A O   1 
HETATM 1629 O O   . HOH C 2 .  ? -22.285 -2.163  3.513   1.00 42.58 ? 164 HOH A O   1 
HETATM 1630 O O   . HOH C 2 .  ? -11.988 -19.346 4.496   1.00 34.15 ? 165 HOH A O   1 
HETATM 1631 O O   . HOH C 2 .  ? -15.870 -11.658 5.732   1.00 41.31 ? 166 HOH A O   1 
HETATM 1632 O O   . HOH C 2 .  ? -17.299 -13.865 6.519   1.00 39.18 ? 167 HOH A O   1 
HETATM 1633 O O   . HOH C 2 .  ? -22.037 -22.533 -12.341 1.00 47.15 ? 168 HOH A O   1 
HETATM 1634 O O   . HOH C 2 .  ? 4.407   -3.866  -2.743  1.00 46.68 ? 169 HOH A O   1 
HETATM 1635 O O   . HOH C 2 .  ? -37.700 -15.356 -16.156 1.00 66.42 ? 170 HOH A O   1 
HETATM 1636 O O   . HOH C 2 .  ? -28.438 -5.674  -21.047 1.00 46.46 ? 171 HOH A O   1 
HETATM 1637 O O   . HOH C 2 .  ? -9.468  -3.401  -10.179 1.00 38.04 ? 172 HOH A O   1 
HETATM 1638 O O   . HOH C 2 .  ? -41.053 -11.957 -18.554 1.00 41.97 ? 173 HOH A O   1 
HETATM 1639 O O   . HOH C 2 .  ? -19.697 4.021   -11.316 1.00 37.88 ? 174 HOH A O   1 
HETATM 1640 O O   . HOH C 2 .  ? -37.997 -12.091 -20.991 1.00 67.33 ? 175 HOH A O   1 
HETATM 1641 O O   . HOH C 2 .  ? 0.124   -15.064 6.131   1.00 44.31 ? 176 HOH A O   1 
HETATM 1642 O O   . HOH C 2 .  ? -9.132  1.410   5.610   1.00 48.88 ? 177 HOH A O   1 
HETATM 1643 O O   . HOH C 2 .  ? -2.505  -14.199 -10.780 1.00 45.90 ? 178 HOH A O   1 
HETATM 1644 O O   . HOH C 2 .  ? -25.491 -17.527 7.847   1.00 44.76 ? 179 HOH A O   1 
HETATM 1645 O O   . HOH C 2 .  ? -16.915 -1.224  3.160   1.00 35.49 ? 180 HOH A O   1 
HETATM 1646 O O   . HOH C 2 .  ? -11.719 -1.111  -10.948 1.00 45.91 ? 181 HOH A O   1 
HETATM 1647 O O   . HOH C 2 .  ? -18.420 -24.563 -10.083 1.00 52.60 ? 182 HOH A O   1 
HETATM 1648 O O   . HOH C 2 .  ? 0.197   -19.615 -8.801  1.00 50.73 ? 183 HOH A O   1 
HETATM 1649 O O   . HOH C 2 .  ? -12.649 -11.474 -17.014 1.00 39.97 ? 184 HOH A O   1 
HETATM 1650 O O   . HOH C 2 .  ? -16.804 -1.435  -22.017 1.00 45.93 ? 185 HOH A O   1 
HETATM 1651 O O   . HOH C 2 .  ? -36.923 -6.701  -7.663  1.00 41.81 ? 186 HOH A O   1 
HETATM 1652 O O   . HOH C 2 .  ? -10.723 -14.260 -19.168 1.00 51.13 ? 187 HOH A O   1 
HETATM 1653 O O   . HOH C 2 .  ? -11.491 -9.715  -18.928 1.00 50.46 ? 188 HOH A O   1 
HETATM 1654 O O   . HOH C 2 .  ? -30.734 -3.801  -21.826 1.00 58.31 ? 189 HOH A O   1 
HETATM 1655 O O   . HOH C 2 .  ? -25.343 -18.455 10.585  1.00 54.64 ? 190 HOH A O   1 
HETATM 1656 O O   . HOH C 2 .  ? -35.578 -1.720  -19.365 1.00 45.72 ? 191 HOH A O   1 
HETATM 1657 O O   . HOH C 2 .  ? -9.977  -18.165 3.124   1.00 37.74 ? 192 HOH A O   1 
HETATM 1658 O O   . HOH C 2 .  ? 5.655   -18.264 6.522   1.00 65.27 ? 193 HOH A O   1 
HETATM 1659 O O   . HOH C 2 .  ? -25.630 -12.134 8.997   1.00 52.41 ? 194 HOH A O   1 
HETATM 1660 O O   . HOH C 2 .  ? -6.554  -2.331  -9.435  1.00 50.50 ? 195 HOH A O   1 
HETATM 1661 O O   . HOH C 2 .  ? 5.387   -16.966 10.565  1.00 48.68 ? 196 HOH A O   1 
HETATM 1662 O O   . HOH C 2 .  ? -30.600 -17.750 -14.225 1.00 50.69 ? 197 HOH A O   1 
HETATM 1663 O O   . HOH C 2 .  ? -27.176 -1.519  -16.220 1.00 37.04 ? 198 HOH A O   1 
HETATM 1664 O O   . HOH C 2 .  ? -25.614 -16.837 2.572   1.00 52.73 ? 199 HOH A O   1 
HETATM 1665 O O   . HOH C 2 .  ? -34.063 -12.332 -20.543 1.00 55.14 ? 200 HOH A O   1 
HETATM 1666 O O   . HOH D 2 .  ? 22.453  11.075  1.564   1.00 6.65  ? 100 HOH B O   1 
HETATM 1667 O O   . HOH D 2 .  ? 13.416  19.224  -7.749  1.00 16.74 ? 101 HOH B O   1 
HETATM 1668 O O   . HOH D 2 .  ? -0.741  16.592  1.799   1.00 17.87 ? 102 HOH B O   1 
HETATM 1669 O O   . HOH D 2 .  ? 8.600   18.055  6.819   1.00 16.03 ? 103 HOH B O   1 
HETATM 1670 O O   . HOH D 2 .  ? 11.138  12.344  11.787  1.00 18.37 ? 104 HOH B O   1 
HETATM 1671 O O   . HOH D 2 .  ? 17.004  25.746  5.217   1.00 15.01 ? 105 HOH B O   1 
HETATM 1672 O O   . HOH D 2 .  ? 7.551   21.653  5.274   1.00 23.26 ? 106 HOH B O   1 
HETATM 1673 O O   . HOH D 2 .  ? 7.482   4.583   -3.955  1.00 29.02 ? 107 HOH B O   1 
HETATM 1674 O O   . HOH D 2 .  ? 15.150  3.056   9.741   1.00 21.52 ? 108 HOH B O   1 
HETATM 1675 O O   . HOH D 2 .  ? 9.028   18.693  -2.298  1.00 24.00 ? 109 HOH B O   1 
HETATM 1676 O O   . HOH D 2 .  ? 24.055  1.249   17.277  1.00 23.32 ? 110 HOH B O   1 
HETATM 1677 O O   . HOH D 2 .  ? 8.655   25.787  -1.009  1.00 21.98 ? 111 HOH B O   1 
HETATM 1678 O O   . HOH D 2 .  ? 1.655   22.256  -1.409  1.00 27.68 ? 112 HOH B O   1 
HETATM 1679 O O   . HOH D 2 .  ? 14.363  25.632  1.591   1.00 15.57 ? 113 HOH B O   1 
HETATM 1680 O O   . HOH D 2 .  ? 18.615  23.256  15.356  1.00 42.94 ? 114 HOH B O   1 
HETATM 1681 O O   . HOH D 2 .  ? 14.952  21.663  -3.950  1.00 26.68 ? 115 HOH B O   1 
HETATM 1682 O O   . HOH D 2 .  ? 23.321  20.919  6.696   1.00 29.69 ? 116 HOH B O   1 
HETATM 1683 O O   . HOH D 2 .  ? 4.320   24.807  -3.094  1.00 32.27 ? 117 HOH B O   1 
HETATM 1684 O O   . HOH D 2 .  ? 28.511  1.556   16.263  1.00 22.87 ? 118 HOH B O   1 
HETATM 1685 O O   . HOH D 2 .  ? 9.964   16.298  16.259  1.00 36.85 ? 119 HOH B O   1 
HETATM 1686 O O   . HOH D 2 .  ? 20.734  12.294  -1.882  1.00 28.81 ? 120 HOH B O   1 
HETATM 1687 O O   . HOH D 2 .  ? 9.714   3.784   -1.723  1.00 29.38 ? 121 HOH B O   1 
HETATM 1688 O O   . HOH D 2 .  ? 30.916  5.899   20.973  1.00 25.11 ? 122 HOH B O   1 
HETATM 1689 O O   . HOH D 2 .  ? 17.940  0.874   5.864   1.00 24.62 ? 123 HOH B O   1 
HETATM 1690 O O   . HOH D 2 .  ? 17.658  15.482  -9.452  1.00 38.86 ? 124 HOH B O   1 
HETATM 1691 O O   . HOH D 2 .  ? 7.174   19.443  -4.031  1.00 39.65 ? 125 HOH B O   1 
HETATM 1692 O O   . HOH D 2 .  ? 3.177   6.699   -3.605  1.00 46.23 ? 126 HOH B O   1 
HETATM 1693 O O   . HOH D 2 .  ? 22.006  -0.288  22.189  1.00 35.32 ? 127 HOH B O   1 
HETATM 1694 O O   . HOH D 2 .  ? 20.036  4.724   16.883  1.00 34.92 ? 128 HOH B O   1 
HETATM 1695 O O   . HOH D 2 .  ? 20.135  13.015  21.057  1.00 41.86 ? 129 HOH B O   1 
HETATM 1696 O O   . HOH D 2 .  ? 31.566  16.630  11.610  1.00 34.78 ? 130 HOH B O   1 
HETATM 1697 O O   . HOH D 2 .  ? 26.727  12.898  21.322  1.00 35.51 ? 131 HOH B O   1 
HETATM 1698 O O   . HOH D 2 .  ? 1.994   17.188  2.642   1.00 30.87 ? 132 HOH B O   1 
HETATM 1699 O O   . HOH D 2 .  ? 8.233   5.289   15.699  1.00 36.32 ? 133 HOH B O   1 
HETATM 1700 O O   . HOH D 2 .  ? 7.877   3.233   8.803   1.00 47.45 ? 134 HOH B O   1 
HETATM 1701 O O   . HOH D 2 .  ? 7.569   24.367  -2.812  1.00 37.69 ? 135 HOH B O   1 
HETATM 1702 O O   . HOH D 2 .  ? 4.977   17.017  -7.779  1.00 39.60 ? 136 HOH B O   1 
HETATM 1703 O O   . HOH D 2 .  ? 22.198  0.940   18.714  1.00 36.65 ? 137 HOH B O   1 
HETATM 1704 O O   . HOH D 2 .  ? 16.293  20.984  16.371  1.00 37.20 ? 138 HOH B O   1 
HETATM 1705 O O   . HOH D 2 .  ? 6.435   3.344   0.084   1.00 31.43 ? 139 HOH B O   1 
HETATM 1706 O O   . HOH D 2 .  ? 21.105  22.151  -0.233  1.00 29.17 ? 140 HOH B O   1 
HETATM 1707 O O   . HOH D 2 .  ? 24.642  11.239  22.134  1.00 30.66 ? 141 HOH B O   1 
HETATM 1708 O O   . HOH D 2 .  ? 14.257  10.614  18.379  1.00 38.25 ? 142 HOH B O   1 
HETATM 1709 O O   . HOH D 2 .  ? 34.168  11.078  9.628   1.00 29.85 ? 143 HOH B O   1 
HETATM 1710 O O   . HOH D 2 .  ? 30.205  8.553   4.157   1.00 38.59 ? 144 HOH B O   1 
HETATM 1711 O O   . HOH D 2 .  ? 5.792   23.665  0.948   1.00 25.00 ? 145 HOH B O   1 
HETATM 1712 O O   . HOH D 2 .  ? 23.129  21.373  3.098   1.00 45.59 ? 146 HOH B O   1 
HETATM 1713 O O   . HOH D 2 .  ? 16.762  21.842  24.552  1.00 39.59 ? 147 HOH B O   1 
HETATM 1714 O O   . HOH D 2 .  ? 13.528  4.495   21.011  1.00 51.76 ? 148 HOH B O   1 
HETATM 1715 O O   . HOH D 2 .  ? -3.029  18.378  2.156   1.00 44.34 ? 149 HOH B O   1 
HETATM 1716 O O   . HOH D 2 .  ? 25.106  9.805   3.022   1.00 31.60 ? 150 HOH B O   1 
HETATM 1717 O O   . HOH D 2 .  ? 27.661  13.036  6.610   1.00 43.68 ? 151 HOH B O   1 
HETATM 1718 O O   . HOH D 2 .  ? 20.530  14.605  -2.744  1.00 51.19 ? 152 HOH B O   1 
HETATM 1719 O O   . HOH D 2 .  ? 27.081  10.895  0.480   1.00 45.79 ? 153 HOH B O   1 
HETATM 1720 O O   . HOH D 2 .  ? 9.857   1.254   0.211   1.00 54.73 ? 154 HOH B O   1 
HETATM 1721 O O   . HOH D 2 .  ? -8.044  21.209  -12.071 1.00 40.23 ? 155 HOH B O   1 
HETATM 1722 O O   . HOH D 2 .  ? 4.503   7.375   8.471   1.00 46.29 ? 156 HOH B O   1 
HETATM 1723 O O   . HOH D 2 .  ? 28.320  18.889  9.882   1.00 30.01 ? 157 HOH B O   1 
HETATM 1724 O O   . HOH D 2 .  ? 9.536   25.468  -4.388  1.00 34.35 ? 158 HOH B O   1 
HETATM 1725 O O   . HOH D 2 .  ? 20.164  -4.473  3.382   1.00 34.38 ? 159 HOH B O   1 
HETATM 1726 O O   . HOH D 2 .  ? 12.288  24.310  -4.817  1.00 44.24 ? 160 HOH B O   1 
HETATM 1727 O O   . HOH D 2 .  ? 22.987  8.156   20.820  1.00 51.24 ? 161 HOH B O   1 
HETATM 1728 O O   . HOH D 2 .  ? 15.585  23.634  22.428  1.00 62.51 ? 162 HOH B O   1 
HETATM 1729 O O   . HOH D 2 .  ? 28.665  17.584  23.199  1.00 49.81 ? 163 HOH B O   1 
HETATM 1730 O O   . HOH D 2 .  ? 27.182  19.952  5.222   1.00 56.46 ? 164 HOH B O   1 
HETATM 1731 O O   . HOH D 2 .  ? 19.450  10.246  20.286  1.00 44.59 ? 165 HOH B O   1 
HETATM 1732 O O   . HOH D 2 .  ? 16.887  22.642  -4.923  1.00 37.45 ? 166 HOH B O   1 
HETATM 1733 O O   . HOH D 2 .  ? 1.231   5.474   -0.834  1.00 44.17 ? 167 HOH B O   1 
HETATM 1734 O O   . HOH D 2 .  ? -0.752  8.751   2.303   1.00 48.73 ? 168 HOH B O   1 
HETATM 1735 O O   . HOH D 2 .  ? 6.840   4.463   2.203   1.00 31.81 ? 169 HOH B O   1 
HETATM 1736 O O   . HOH D 2 .  ? 9.239   8.019   18.039  1.00 43.23 ? 170 HOH B O   1 
HETATM 1737 O O   . HOH D 2 .  ? 29.133  4.106   3.722   1.00 37.33 ? 171 HOH B O   1 
HETATM 1738 O O   . HOH D 2 .  ? 8.531   22.849  -4.183  1.00 36.31 ? 172 HOH B O   1 
HETATM 1739 O O   . HOH D 2 .  ? 25.883  16.212  21.208  1.00 48.59 ? 173 HOH B O   1 
HETATM 1740 O O   . HOH D 2 .  ? 23.027  21.691  9.220   1.00 31.36 ? 174 HOH B O   1 
HETATM 1741 O O   . HOH D 2 .  ? 15.095  -1.530  9.657   1.00 41.05 ? 175 HOH B O   1 
HETATM 1742 O O   . HOH D 2 .  ? 17.897  19.210  22.693  1.00 39.72 ? 176 HOH B O   1 
HETATM 1743 O O   . HOH D 2 .  ? 7.849   26.165  -5.955  1.00 58.51 ? 177 HOH B O   1 
HETATM 1744 O O   . HOH D 2 .  ? 24.968  18.380  4.286   1.00 34.11 ? 178 HOH B O   1 
HETATM 1745 O O   . HOH D 2 .  ? 21.550  11.447  -4.023  1.00 43.43 ? 179 HOH B O   1 
HETATM 1746 O O   . HOH D 2 .  ? 14.543  1.130   7.644   1.00 37.14 ? 180 HOH B O   1 
HETATM 1747 O O   . HOH D 2 .  ? 7.326   19.591  -7.100  1.00 36.69 ? 181 HOH B O   1 
HETATM 1748 O O   . HOH D 2 .  ? 13.811  23.152  21.020  1.00 50.78 ? 182 HOH B O   1 
HETATM 1749 O O   . HOH D 2 .  ? 0.155   10.136  -8.073  1.00 38.10 ? 183 HOH B O   1 
HETATM 1750 O O   . HOH D 2 .  ? 31.422  17.929  16.890  1.00 55.57 ? 184 HOH B O   1 
HETATM 1751 O O   . HOH D 2 .  ? 25.505  19.574  1.901   1.00 44.51 ? 185 HOH B O   1 
HETATM 1752 O O   . HOH D 2 .  ? 15.592  17.489  -9.969  1.00 48.02 ? 186 HOH B O   1 
HETATM 1753 O O   . HOH D 2 .  ? 35.600  13.686  15.237  1.00 45.19 ? 187 HOH B O   1 
HETATM 1754 O O   . HOH D 2 .  ? 5.412   0.419   1.465   1.00 52.72 ? 188 HOH B O   1 
HETATM 1755 O O   . HOH D 2 .  ? 5.377   14.085  -9.557  1.00 38.61 ? 189 HOH B O   1 
HETATM 1756 O O   . HOH D 2 .  ? 7.170   18.015  -9.526  1.00 44.31 ? 190 HOH B O   1 
HETATM 1757 O O   . HOH D 2 .  ? 4.978   22.647  3.162   1.00 42.77 ? 191 HOH B O   1 
HETATM 1758 O O   . HOH D 2 .  ? 19.439  22.405  -7.031  1.00 55.11 ? 192 HOH B O   1 
HETATM 1759 O O   . HOH D 2 .  ? 7.791   14.648  11.979  1.00 54.77 ? 193 HOH B O   1 
HETATM 1760 O O   . HOH D 2 .  ? -9.673  18.658  -15.004 1.00 57.01 ? 194 HOH B O   1 
HETATM 1761 O O   . HOH D 2 .  ? 20.499  23.555  16.449  1.00 49.79 ? 195 HOH B O   1 
HETATM 1762 O O   . HOH D 2 .  ? 35.722  2.059   4.626   1.00 52.71 ? 196 HOH B O   1 
# 
